data_6HO5
# 
_entry.id   6HO5 
# 
_audit_conform.dict_name       mmcif_pdbx.dic 
_audit_conform.dict_version    5.392 
_audit_conform.dict_location   http://mmcif.pdb.org/dictionaries/ascii/mmcif_pdbx.dic 
# 
loop_
_database_2.database_id 
_database_2.database_code 
_database_2.pdbx_database_accession 
_database_2.pdbx_DOI 
PDB   6HO5         pdb_00006ho5 10.2210/pdb6ho5/pdb 
WWPDB D_1200011927 ?            ?                   
# 
loop_
_pdbx_audit_revision_history.ordinal 
_pdbx_audit_revision_history.data_content_type 
_pdbx_audit_revision_history.major_revision 
_pdbx_audit_revision_history.minor_revision 
_pdbx_audit_revision_history.revision_date 
1 'Structure model' 1 0 2018-12-26 
2 'Structure model' 1 1 2019-01-23 
3 'Structure model' 1 2 2024-05-15 
# 
_pdbx_audit_revision_details.ordinal             1 
_pdbx_audit_revision_details.revision_ordinal    1 
_pdbx_audit_revision_details.data_content_type   'Structure model' 
_pdbx_audit_revision_details.provider            repository 
_pdbx_audit_revision_details.type                'Initial release' 
_pdbx_audit_revision_details.description         ? 
_pdbx_audit_revision_details.details             ? 
# 
loop_
_pdbx_audit_revision_group.ordinal 
_pdbx_audit_revision_group.revision_ordinal 
_pdbx_audit_revision_group.data_content_type 
_pdbx_audit_revision_group.group 
1 2 'Structure model' 'Data collection'     
2 2 'Structure model' 'Database references' 
3 3 'Structure model' 'Data collection'     
4 3 'Structure model' 'Database references' 
# 
loop_
_pdbx_audit_revision_category.ordinal 
_pdbx_audit_revision_category.revision_ordinal 
_pdbx_audit_revision_category.data_content_type 
_pdbx_audit_revision_category.category 
1 2 'Structure model' citation       
2 3 'Structure model' chem_comp_atom 
3 3 'Structure model' chem_comp_bond 
4 3 'Structure model' database_2     
# 
loop_
_pdbx_audit_revision_item.ordinal 
_pdbx_audit_revision_item.revision_ordinal 
_pdbx_audit_revision_item.data_content_type 
_pdbx_audit_revision_item.item 
1 2 'Structure model' '_citation.journal_volume'            
2 2 'Structure model' '_citation.page_first'                
3 2 'Structure model' '_citation.page_last'                 
4 3 'Structure model' '_database_2.pdbx_DOI'                
5 3 'Structure model' '_database_2.pdbx_database_accession' 
# 
_pdbx_database_status.status_code                     REL 
_pdbx_database_status.status_code_sf                  REL 
_pdbx_database_status.status_code_mr                  ? 
_pdbx_database_status.entry_id                        6HO5 
_pdbx_database_status.recvd_initial_deposition_date   2018-09-17 
_pdbx_database_status.SG_entry                        N 
_pdbx_database_status.deposit_site                    PDBE 
_pdbx_database_status.process_site                    PDBE 
_pdbx_database_status.status_code_cs                  ? 
_pdbx_database_status.methods_development_category    ? 
_pdbx_database_status.pdb_format_compatible           Y 
_pdbx_database_status.status_code_nmr_data            ? 
# 
loop_
_audit_author.name 
_audit_author.pdbx_ordinal 
_audit_author.identifier_ORCID 
'Wintjens, R.'  1 0000-0002-0234-7847 
'Wohlkonig, A.' 2 0000-0003-3103-5022 
# 
_citation.abstract                  ? 
_citation.abstract_id_CAS           ? 
_citation.book_id_ISBN              ? 
_citation.book_publisher            ? 
_citation.book_publisher_city       ? 
_citation.book_title                ? 
_citation.coordinate_linkage        ? 
_citation.country                   ? 
_citation.database_id_Medline       ? 
_citation.details                   ? 
_citation.id                        primary 
_citation.journal_abbrev            'Biochim Biophys Acta Proteins Proteom' 
_citation.journal_id_ASTM           ? 
_citation.journal_id_CSD            ? 
_citation.journal_id_ISSN           1878-1454 
_citation.journal_full              ? 
_citation.journal_issue             ? 
_citation.journal_volume            1867 
_citation.language                  ? 
_citation.page_first                248 
_citation.page_last                 258 
_citation.title                     
'A comprehensive analysis of the protein-ligand interactions in crystal structures of Mycobacterium tuberculosis EthR.' 
_citation.year                      2018 
_citation.database_id_CSD           ? 
_citation.pdbx_database_id_DOI      10.1016/j.bbapap.2018.12.003 
_citation.pdbx_database_id_PubMed   30553830 
_citation.unpublished_flag          ? 
# 
loop_
_citation_author.citation_id 
_citation_author.name 
_citation_author.ordinal 
_citation_author.identifier_ORCID 
primary 'Tanina, A.'     1  ? 
primary 'Wohlkonig, A.'  2  ? 
primary 'Soror, S.H.'    3  ? 
primary 'Flipo, M.'      4  ? 
primary 'Villemagne, B.' 5  ? 
primary 'Prevet, H.'     6  ? 
primary 'Deprez, B.'     7  ? 
primary 'Moune, M.'      8  ? 
primary 'Peree, H.'      9  ? 
primary 'Meyer, F.'      10 ? 
primary 'Baulard, A.R.'  11 ? 
primary 'Willand, N.'    12 ? 
primary 'Wintjens, R.'   13 ? 
# 
loop_
_entity.id 
_entity.type 
_entity.src_method 
_entity.pdbx_description 
_entity.formula_weight 
_entity.pdbx_number_of_molecules 
_entity.pdbx_ec 
_entity.pdbx_mutation 
_entity.pdbx_fragment 
_entity.details 
1 polymer     man 'HTH-type transcriptional regulator EthR'                                                                    
24927.980 1 ? ? ? ? 
2 non-polymer syn "4-(4-oxidanylidene-1'-propan-2-yl-spiro[3~{H}-chromene-2,4'-piperidine]-6-yl)-~{N}-(phenylmethyl)benzamide" 
468.587   1 ? ? ? ? 
3 water       nat water                                                                                                        
18.015    7 ? ? ? ? 
# 
_entity_poly.entity_id                      1 
_entity_poly.type                           'polypeptide(L)' 
_entity_poly.nstd_linkage                   no 
_entity_poly.nstd_monomer                   no 
_entity_poly.pdbx_seq_one_letter_code       
;MTTSAASQASLPMTTSAASQASLPRGRRTARPSGDDRELAILATAENLLEDRPLADISVDDLAKGAGISRPTFYFYFPSK
EAVLLTLLDRVVNQADMALQTLAENPADTDRENMWRTGINVFFETFGSHKAVTRAGQAARATSVEVAELWSTFMQKWIAY
TAAVIDAERDRGAAPRTLPAHELATALNLMNERTLFASFAGEQPSVPEARVLDTLVHIWVTSIYGENR
;
_entity_poly.pdbx_seq_one_letter_code_can   
;MTTSAASQASLPMTTSAASQASLPRGRRTARPSGDDRELAILATAENLLEDRPLADISVDDLAKGAGISRPTFYFYFPSK
EAVLLTLLDRVVNQADMALQTLAENPADTDRENMWRTGINVFFETFGSHKAVTRAGQAARATSVEVAELWSTFMQKWIAY
TAAVIDAERDRGAAPRTLPAHELATALNLMNERTLFASFAGEQPSVPEARVLDTLVHIWVTSIYGENR
;
_entity_poly.pdbx_strand_id                 A 
_entity_poly.pdbx_target_identifier         ? 
# 
loop_
_pdbx_entity_nonpoly.entity_id 
_pdbx_entity_nonpoly.name 
_pdbx_entity_nonpoly.comp_id 
2 "4-(4-oxidanylidene-1'-propan-2-yl-spiro[3~{H}-chromene-2,4'-piperidine]-6-yl)-~{N}-(phenylmethyl)benzamide" GH8 
3 water                                                                                                        HOH 
# 
loop_
_entity_poly_seq.entity_id 
_entity_poly_seq.num 
_entity_poly_seq.mon_id 
_entity_poly_seq.hetero 
1 1   MET n 
1 2   THR n 
1 3   THR n 
1 4   SER n 
1 5   ALA n 
1 6   ALA n 
1 7   SER n 
1 8   GLN n 
1 9   ALA n 
1 10  SER n 
1 11  LEU n 
1 12  PRO n 
1 13  MET n 
1 14  THR n 
1 15  THR n 
1 16  SER n 
1 17  ALA n 
1 18  ALA n 
1 19  SER n 
1 20  GLN n 
1 21  ALA n 
1 22  SER n 
1 23  LEU n 
1 24  PRO n 
1 25  ARG n 
1 26  GLY n 
1 27  ARG n 
1 28  ARG n 
1 29  THR n 
1 30  ALA n 
1 31  ARG n 
1 32  PRO n 
1 33  SER n 
1 34  GLY n 
1 35  ASP n 
1 36  ASP n 
1 37  ARG n 
1 38  GLU n 
1 39  LEU n 
1 40  ALA n 
1 41  ILE n 
1 42  LEU n 
1 43  ALA n 
1 44  THR n 
1 45  ALA n 
1 46  GLU n 
1 47  ASN n 
1 48  LEU n 
1 49  LEU n 
1 50  GLU n 
1 51  ASP n 
1 52  ARG n 
1 53  PRO n 
1 54  LEU n 
1 55  ALA n 
1 56  ASP n 
1 57  ILE n 
1 58  SER n 
1 59  VAL n 
1 60  ASP n 
1 61  ASP n 
1 62  LEU n 
1 63  ALA n 
1 64  LYS n 
1 65  GLY n 
1 66  ALA n 
1 67  GLY n 
1 68  ILE n 
1 69  SER n 
1 70  ARG n 
1 71  PRO n 
1 72  THR n 
1 73  PHE n 
1 74  TYR n 
1 75  PHE n 
1 76  TYR n 
1 77  PHE n 
1 78  PRO n 
1 79  SER n 
1 80  LYS n 
1 81  GLU n 
1 82  ALA n 
1 83  VAL n 
1 84  LEU n 
1 85  LEU n 
1 86  THR n 
1 87  LEU n 
1 88  LEU n 
1 89  ASP n 
1 90  ARG n 
1 91  VAL n 
1 92  VAL n 
1 93  ASN n 
1 94  GLN n 
1 95  ALA n 
1 96  ASP n 
1 97  MET n 
1 98  ALA n 
1 99  LEU n 
1 100 GLN n 
1 101 THR n 
1 102 LEU n 
1 103 ALA n 
1 104 GLU n 
1 105 ASN n 
1 106 PRO n 
1 107 ALA n 
1 108 ASP n 
1 109 THR n 
1 110 ASP n 
1 111 ARG n 
1 112 GLU n 
1 113 ASN n 
1 114 MET n 
1 115 TRP n 
1 116 ARG n 
1 117 THR n 
1 118 GLY n 
1 119 ILE n 
1 120 ASN n 
1 121 VAL n 
1 122 PHE n 
1 123 PHE n 
1 124 GLU n 
1 125 THR n 
1 126 PHE n 
1 127 GLY n 
1 128 SER n 
1 129 HIS n 
1 130 LYS n 
1 131 ALA n 
1 132 VAL n 
1 133 THR n 
1 134 ARG n 
1 135 ALA n 
1 136 GLY n 
1 137 GLN n 
1 138 ALA n 
1 139 ALA n 
1 140 ARG n 
1 141 ALA n 
1 142 THR n 
1 143 SER n 
1 144 VAL n 
1 145 GLU n 
1 146 VAL n 
1 147 ALA n 
1 148 GLU n 
1 149 LEU n 
1 150 TRP n 
1 151 SER n 
1 152 THR n 
1 153 PHE n 
1 154 MET n 
1 155 GLN n 
1 156 LYS n 
1 157 TRP n 
1 158 ILE n 
1 159 ALA n 
1 160 TYR n 
1 161 THR n 
1 162 ALA n 
1 163 ALA n 
1 164 VAL n 
1 165 ILE n 
1 166 ASP n 
1 167 ALA n 
1 168 GLU n 
1 169 ARG n 
1 170 ASP n 
1 171 ARG n 
1 172 GLY n 
1 173 ALA n 
1 174 ALA n 
1 175 PRO n 
1 176 ARG n 
1 177 THR n 
1 178 LEU n 
1 179 PRO n 
1 180 ALA n 
1 181 HIS n 
1 182 GLU n 
1 183 LEU n 
1 184 ALA n 
1 185 THR n 
1 186 ALA n 
1 187 LEU n 
1 188 ASN n 
1 189 LEU n 
1 190 MET n 
1 191 ASN n 
1 192 GLU n 
1 193 ARG n 
1 194 THR n 
1 195 LEU n 
1 196 PHE n 
1 197 ALA n 
1 198 SER n 
1 199 PHE n 
1 200 ALA n 
1 201 GLY n 
1 202 GLU n 
1 203 GLN n 
1 204 PRO n 
1 205 SER n 
1 206 VAL n 
1 207 PRO n 
1 208 GLU n 
1 209 ALA n 
1 210 ARG n 
1 211 VAL n 
1 212 LEU n 
1 213 ASP n 
1 214 THR n 
1 215 LEU n 
1 216 VAL n 
1 217 HIS n 
1 218 ILE n 
1 219 TRP n 
1 220 VAL n 
1 221 THR n 
1 222 SER n 
1 223 ILE n 
1 224 TYR n 
1 225 GLY n 
1 226 GLU n 
1 227 ASN n 
1 228 ARG n 
# 
_entity_src_gen.entity_id                          1 
_entity_src_gen.pdbx_src_id                        1 
_entity_src_gen.pdbx_alt_source_flag               sample 
_entity_src_gen.pdbx_seq_type                      'Biological sequence' 
_entity_src_gen.pdbx_beg_seq_num                   1 
_entity_src_gen.pdbx_end_seq_num                   228 
_entity_src_gen.gene_src_common_name               ? 
_entity_src_gen.gene_src_genus                     ? 
_entity_src_gen.pdbx_gene_src_gene                 'ethR, etaR, MT3970' 
_entity_src_gen.gene_src_species                   ? 
_entity_src_gen.gene_src_strain                    ? 
_entity_src_gen.gene_src_tissue                    ? 
_entity_src_gen.gene_src_tissue_fraction           ? 
_entity_src_gen.gene_src_details                   ? 
_entity_src_gen.pdbx_gene_src_fragment             ? 
_entity_src_gen.pdbx_gene_src_scientific_name      'Mycobacterium tuberculosis CDC1551' 
_entity_src_gen.pdbx_gene_src_ncbi_taxonomy_id     83331 
_entity_src_gen.pdbx_gene_src_variant              'CDC51 / Oshkosh' 
_entity_src_gen.pdbx_gene_src_cell_line            ? 
_entity_src_gen.pdbx_gene_src_atcc                 ? 
_entity_src_gen.pdbx_gene_src_organ                ? 
_entity_src_gen.pdbx_gene_src_organelle            ? 
_entity_src_gen.pdbx_gene_src_cell                 ? 
_entity_src_gen.pdbx_gene_src_cellular_location    ? 
_entity_src_gen.host_org_common_name               ? 
_entity_src_gen.pdbx_host_org_scientific_name      'Escherichia coli BL21' 
_entity_src_gen.pdbx_host_org_ncbi_taxonomy_id     511693 
_entity_src_gen.host_org_genus                     ? 
_entity_src_gen.pdbx_host_org_gene                 ? 
_entity_src_gen.pdbx_host_org_organ                ? 
_entity_src_gen.host_org_species                   ? 
_entity_src_gen.pdbx_host_org_tissue               ? 
_entity_src_gen.pdbx_host_org_tissue_fraction      ? 
_entity_src_gen.pdbx_host_org_strain               ? 
_entity_src_gen.pdbx_host_org_variant              ? 
_entity_src_gen.pdbx_host_org_cell_line            ? 
_entity_src_gen.pdbx_host_org_atcc                 ? 
_entity_src_gen.pdbx_host_org_culture_collection   ? 
_entity_src_gen.pdbx_host_org_cell                 ? 
_entity_src_gen.pdbx_host_org_organelle            ? 
_entity_src_gen.pdbx_host_org_cellular_location    ? 
_entity_src_gen.pdbx_host_org_vector_type          ? 
_entity_src_gen.pdbx_host_org_vector               ? 
_entity_src_gen.host_org_details                   ? 
_entity_src_gen.expression_system_id               ? 
_entity_src_gen.plasmid_name                       ? 
_entity_src_gen.plasmid_details                    ? 
_entity_src_gen.pdbx_description                   ? 
# 
loop_
_chem_comp.id 
_chem_comp.type 
_chem_comp.mon_nstd_flag 
_chem_comp.name 
_chem_comp.pdbx_synonyms 
_chem_comp.formula 
_chem_comp.formula_weight 
ALA 'L-peptide linking' y ALANINE ? 'C3 H7 N O2'     89.093  
ARG 'L-peptide linking' y ARGININE ? 'C6 H15 N4 O2 1' 175.209 
ASN 'L-peptide linking' y ASPARAGINE ? 'C4 H8 N2 O3'    132.118 
ASP 'L-peptide linking' y 'ASPARTIC ACID' ? 'C4 H7 N O4'     133.103 
GH8 non-polymer         . 
"4-(4-oxidanylidene-1'-propan-2-yl-spiro[3~{H}-chromene-2,4'-piperidine]-6-yl)-~{N}-(phenylmethyl)benzamide" ? 'C30 H32 N2 O3'  
468.587 
GLN 'L-peptide linking' y GLUTAMINE ? 'C5 H10 N2 O3'   146.144 
GLU 'L-peptide linking' y 'GLUTAMIC ACID' ? 'C5 H9 N O4'     147.129 
GLY 'peptide linking'   y GLYCINE ? 'C2 H5 N O2'     75.067  
HIS 'L-peptide linking' y HISTIDINE ? 'C6 H10 N3 O2 1' 156.162 
HOH non-polymer         . WATER ? 'H2 O'           18.015  
ILE 'L-peptide linking' y ISOLEUCINE ? 'C6 H13 N O2'    131.173 
LEU 'L-peptide linking' y LEUCINE ? 'C6 H13 N O2'    131.173 
LYS 'L-peptide linking' y LYSINE ? 'C6 H15 N2 O2 1' 147.195 
MET 'L-peptide linking' y METHIONINE ? 'C5 H11 N O2 S'  149.211 
PHE 'L-peptide linking' y PHENYLALANINE ? 'C9 H11 N O2'    165.189 
PRO 'L-peptide linking' y PROLINE ? 'C5 H9 N O2'     115.130 
SER 'L-peptide linking' y SERINE ? 'C3 H7 N O3'     105.093 
THR 'L-peptide linking' y THREONINE ? 'C4 H9 N O3'     119.119 
TRP 'L-peptide linking' y TRYPTOPHAN ? 'C11 H12 N2 O2'  204.225 
TYR 'L-peptide linking' y TYROSINE ? 'C9 H11 N O3'    181.189 
VAL 'L-peptide linking' y VALINE ? 'C5 H11 N O2'    117.146 
# 
loop_
_pdbx_poly_seq_scheme.asym_id 
_pdbx_poly_seq_scheme.entity_id 
_pdbx_poly_seq_scheme.seq_id 
_pdbx_poly_seq_scheme.mon_id 
_pdbx_poly_seq_scheme.ndb_seq_num 
_pdbx_poly_seq_scheme.pdb_seq_num 
_pdbx_poly_seq_scheme.auth_seq_num 
_pdbx_poly_seq_scheme.pdb_mon_id 
_pdbx_poly_seq_scheme.auth_mon_id 
_pdbx_poly_seq_scheme.pdb_strand_id 
_pdbx_poly_seq_scheme.pdb_ins_code 
_pdbx_poly_seq_scheme.hetero 
A 1 1   MET 1   -11 ?   ?   ?   A . n 
A 1 2   THR 2   -10 ?   ?   ?   A . n 
A 1 3   THR 3   -9  ?   ?   ?   A . n 
A 1 4   SER 4   -8  ?   ?   ?   A . n 
A 1 5   ALA 5   -7  ?   ?   ?   A . n 
A 1 6   ALA 6   -6  ?   ?   ?   A . n 
A 1 7   SER 7   -5  ?   ?   ?   A . n 
A 1 8   GLN 8   -4  ?   ?   ?   A . n 
A 1 9   ALA 9   -3  ?   ?   ?   A . n 
A 1 10  SER 10  -2  ?   ?   ?   A . n 
A 1 11  LEU 11  -1  ?   ?   ?   A . n 
A 1 12  PRO 12  0   ?   ?   ?   A . n 
A 1 13  MET 13  1   ?   ?   ?   A . n 
A 1 14  THR 14  2   ?   ?   ?   A . n 
A 1 15  THR 15  3   ?   ?   ?   A . n 
A 1 16  SER 16  4   ?   ?   ?   A . n 
A 1 17  ALA 17  5   ?   ?   ?   A . n 
A 1 18  ALA 18  6   ?   ?   ?   A . n 
A 1 19  SER 19  7   ?   ?   ?   A . n 
A 1 20  GLN 20  8   ?   ?   ?   A . n 
A 1 21  ALA 21  9   ?   ?   ?   A . n 
A 1 22  SER 22  10  ?   ?   ?   A . n 
A 1 23  LEU 23  11  ?   ?   ?   A . n 
A 1 24  PRO 24  12  ?   ?   ?   A . n 
A 1 25  ARG 25  13  ?   ?   ?   A . n 
A 1 26  GLY 26  14  ?   ?   ?   A . n 
A 1 27  ARG 27  15  ?   ?   ?   A . n 
A 1 28  ARG 28  16  ?   ?   ?   A . n 
A 1 29  THR 29  17  ?   ?   ?   A . n 
A 1 30  ALA 30  18  ?   ?   ?   A . n 
A 1 31  ARG 31  19  ?   ?   ?   A . n 
A 1 32  PRO 32  20  ?   ?   ?   A . n 
A 1 33  SER 33  21  ?   ?   ?   A . n 
A 1 34  GLY 34  22  ?   ?   ?   A . n 
A 1 35  ASP 35  23  ?   ?   ?   A . n 
A 1 36  ASP 36  24  ?   ?   ?   A . n 
A 1 37  ARG 37  25  25  ARG ARG A . n 
A 1 38  GLU 38  26  26  GLU GLU A . n 
A 1 39  LEU 39  27  27  LEU LEU A . n 
A 1 40  ALA 40  28  28  ALA ALA A . n 
A 1 41  ILE 41  29  29  ILE ILE A . n 
A 1 42  LEU 42  30  30  LEU LEU A . n 
A 1 43  ALA 43  31  31  ALA ALA A . n 
A 1 44  THR 44  32  32  THR THR A . n 
A 1 45  ALA 45  33  33  ALA ALA A . n 
A 1 46  GLU 46  34  34  GLU GLU A . n 
A 1 47  ASN 47  35  35  ASN ASN A . n 
A 1 48  LEU 48  36  36  LEU LEU A . n 
A 1 49  LEU 49  37  37  LEU LEU A . n 
A 1 50  GLU 50  38  38  GLU GLU A . n 
A 1 51  ASP 51  39  39  ASP ASP A . n 
A 1 52  ARG 52  40  40  ARG ARG A . n 
A 1 53  PRO 53  41  41  PRO PRO A . n 
A 1 54  LEU 54  42  42  LEU LEU A . n 
A 1 55  ALA 55  43  43  ALA ALA A . n 
A 1 56  ASP 56  44  44  ASP ASP A . n 
A 1 57  ILE 57  45  45  ILE ILE A . n 
A 1 58  SER 58  46  46  SER SER A . n 
A 1 59  VAL 59  47  47  VAL VAL A . n 
A 1 60  ASP 60  48  48  ASP ASP A . n 
A 1 61  ASP 61  49  49  ASP ASP A . n 
A 1 62  LEU 62  50  50  LEU LEU A . n 
A 1 63  ALA 63  51  51  ALA ALA A . n 
A 1 64  LYS 64  52  52  LYS LYS A . n 
A 1 65  GLY 65  53  53  GLY GLY A . n 
A 1 66  ALA 66  54  54  ALA ALA A . n 
A 1 67  GLY 67  55  55  GLY GLY A . n 
A 1 68  ILE 68  56  56  ILE ILE A . n 
A 1 69  SER 69  57  57  SER SER A . n 
A 1 70  ARG 70  58  58  ARG ARG A . n 
A 1 71  PRO 71  59  59  PRO PRO A . n 
A 1 72  THR 72  60  60  THR THR A . n 
A 1 73  PHE 73  61  61  PHE PHE A . n 
A 1 74  TYR 74  62  62  TYR TYR A . n 
A 1 75  PHE 75  63  63  PHE PHE A . n 
A 1 76  TYR 76  64  64  TYR TYR A . n 
A 1 77  PHE 77  65  65  PHE PHE A . n 
A 1 78  PRO 78  66  66  PRO PRO A . n 
A 1 79  SER 79  67  67  SER SER A . n 
A 1 80  LYS 80  68  68  LYS LYS A . n 
A 1 81  GLU 81  69  69  GLU GLU A . n 
A 1 82  ALA 82  70  70  ALA ALA A . n 
A 1 83  VAL 83  71  71  VAL VAL A . n 
A 1 84  LEU 84  72  72  LEU LEU A . n 
A 1 85  LEU 85  73  73  LEU LEU A . n 
A 1 86  THR 86  74  74  THR THR A . n 
A 1 87  LEU 87  75  75  LEU LEU A . n 
A 1 88  LEU 88  76  76  LEU LEU A . n 
A 1 89  ASP 89  77  77  ASP ASP A . n 
A 1 90  ARG 90  78  78  ARG ARG A . n 
A 1 91  VAL 91  79  79  VAL VAL A . n 
A 1 92  VAL 92  80  80  VAL VAL A . n 
A 1 93  ASN 93  81  81  ASN ASN A . n 
A 1 94  GLN 94  82  82  GLN GLN A . n 
A 1 95  ALA 95  83  83  ALA ALA A . n 
A 1 96  ASP 96  84  84  ASP ASP A . n 
A 1 97  MET 97  85  85  MET MET A . n 
A 1 98  ALA 98  86  86  ALA ALA A . n 
A 1 99  LEU 99  87  87  LEU LEU A . n 
A 1 100 GLN 100 88  88  GLN GLN A . n 
A 1 101 THR 101 89  89  THR THR A . n 
A 1 102 LEU 102 90  90  LEU LEU A . n 
A 1 103 ALA 103 91  91  ALA ALA A . n 
A 1 104 GLU 104 92  92  GLU GLU A . n 
A 1 105 ASN 105 93  93  ASN ASN A . n 
A 1 106 PRO 106 94  94  PRO PRO A . n 
A 1 107 ALA 107 95  95  ALA ALA A . n 
A 1 108 ASP 108 96  96  ASP ASP A . n 
A 1 109 THR 109 97  97  THR THR A . n 
A 1 110 ASP 110 98  98  ASP ASP A . n 
A 1 111 ARG 111 99  99  ARG ARG A . n 
A 1 112 GLU 112 100 100 GLU GLU A . n 
A 1 113 ASN 113 101 101 ASN ASN A . n 
A 1 114 MET 114 102 102 MET MET A . n 
A 1 115 TRP 115 103 103 TRP TRP A . n 
A 1 116 ARG 116 104 104 ARG ARG A . n 
A 1 117 THR 117 105 105 THR THR A . n 
A 1 118 GLY 118 106 106 GLY GLY A . n 
A 1 119 ILE 119 107 107 ILE ILE A . n 
A 1 120 ASN 120 108 108 ASN ASN A . n 
A 1 121 VAL 121 109 109 VAL VAL A . n 
A 1 122 PHE 122 110 110 PHE PHE A . n 
A 1 123 PHE 123 111 111 PHE PHE A . n 
A 1 124 GLU 124 112 112 GLU GLU A . n 
A 1 125 THR 125 113 113 THR THR A . n 
A 1 126 PHE 126 114 114 PHE PHE A . n 
A 1 127 GLY 127 115 115 GLY GLY A . n 
A 1 128 SER 128 116 116 SER SER A . n 
A 1 129 HIS 129 117 117 HIS HIS A . n 
A 1 130 LYS 130 118 118 LYS LYS A . n 
A 1 131 ALA 131 119 119 ALA ALA A . n 
A 1 132 VAL 132 120 120 VAL VAL A . n 
A 1 133 THR 133 121 121 THR THR A . n 
A 1 134 ARG 134 122 122 ARG ARG A . n 
A 1 135 ALA 135 123 123 ALA ALA A . n 
A 1 136 GLY 136 124 124 GLY GLY A . n 
A 1 137 GLN 137 125 125 GLN GLN A . n 
A 1 138 ALA 138 126 126 ALA ALA A . n 
A 1 139 ALA 139 127 127 ALA ALA A . n 
A 1 140 ARG 140 128 128 ARG ARG A . n 
A 1 141 ALA 141 129 129 ALA ALA A . n 
A 1 142 THR 142 130 130 THR THR A . n 
A 1 143 SER 143 131 131 SER SER A . n 
A 1 144 VAL 144 132 132 VAL VAL A . n 
A 1 145 GLU 145 133 133 GLU GLU A . n 
A 1 146 VAL 146 134 134 VAL VAL A . n 
A 1 147 ALA 147 135 135 ALA ALA A . n 
A 1 148 GLU 148 136 136 GLU GLU A . n 
A 1 149 LEU 149 137 137 LEU LEU A . n 
A 1 150 TRP 150 138 138 TRP TRP A . n 
A 1 151 SER 151 139 139 SER SER A . n 
A 1 152 THR 152 140 140 THR THR A . n 
A 1 153 PHE 153 141 141 PHE PHE A . n 
A 1 154 MET 154 142 142 MET MET A . n 
A 1 155 GLN 155 143 143 GLN GLN A . n 
A 1 156 LYS 156 144 144 LYS LYS A . n 
A 1 157 TRP 157 145 145 TRP TRP A . n 
A 1 158 ILE 158 146 146 ILE ILE A . n 
A 1 159 ALA 159 147 147 ALA ALA A . n 
A 1 160 TYR 160 148 148 TYR TYR A . n 
A 1 161 THR 161 149 149 THR THR A . n 
A 1 162 ALA 162 150 150 ALA ALA A . n 
A 1 163 ALA 163 151 151 ALA ALA A . n 
A 1 164 VAL 164 152 152 VAL VAL A . n 
A 1 165 ILE 165 153 153 ILE ILE A . n 
A 1 166 ASP 166 154 154 ASP ASP A . n 
A 1 167 ALA 167 155 155 ALA ALA A . n 
A 1 168 GLU 168 156 156 GLU GLU A . n 
A 1 169 ARG 169 157 157 ARG ARG A . n 
A 1 170 ASP 170 158 158 ASP ASP A . n 
A 1 171 ARG 171 159 159 ARG ARG A . n 
A 1 172 GLY 172 160 160 GLY GLY A . n 
A 1 173 ALA 173 161 161 ALA ALA A . n 
A 1 174 ALA 174 162 162 ALA ALA A . n 
A 1 175 PRO 175 163 163 PRO PRO A . n 
A 1 176 ARG 176 164 164 ARG ARG A . n 
A 1 177 THR 177 165 165 THR THR A . n 
A 1 178 LEU 178 166 166 LEU LEU A . n 
A 1 179 PRO 179 167 167 PRO PRO A . n 
A 1 180 ALA 180 168 168 ALA ALA A . n 
A 1 181 HIS 181 169 169 HIS HIS A . n 
A 1 182 GLU 182 170 170 GLU GLU A . n 
A 1 183 LEU 183 171 171 LEU LEU A . n 
A 1 184 ALA 184 172 172 ALA ALA A . n 
A 1 185 THR 185 173 173 THR THR A . n 
A 1 186 ALA 186 174 174 ALA ALA A . n 
A 1 187 LEU 187 175 175 LEU LEU A . n 
A 1 188 ASN 188 176 176 ASN ASN A . n 
A 1 189 LEU 189 177 177 LEU LEU A . n 
A 1 190 MET 190 178 178 MET MET A . n 
A 1 191 ASN 191 179 179 ASN ASN A . n 
A 1 192 GLU 192 180 180 GLU GLU A . n 
A 1 193 ARG 193 181 181 ARG ARG A . n 
A 1 194 THR 194 182 182 THR THR A . n 
A 1 195 LEU 195 183 183 LEU LEU A . n 
A 1 196 PHE 196 184 184 PHE PHE A . n 
A 1 197 ALA 197 185 185 ALA ALA A . n 
A 1 198 SER 198 186 186 SER SER A . n 
A 1 199 PHE 199 187 187 PHE PHE A . n 
A 1 200 ALA 200 188 188 ALA ALA A . n 
A 1 201 GLY 201 189 189 GLY GLY A . n 
A 1 202 GLU 202 190 190 GLU GLU A . n 
A 1 203 GLN 203 191 191 GLN GLN A . n 
A 1 204 PRO 204 192 192 PRO PRO A . n 
A 1 205 SER 205 193 193 SER SER A . n 
A 1 206 VAL 206 194 194 VAL VAL A . n 
A 1 207 PRO 207 195 195 PRO PRO A . n 
A 1 208 GLU 208 196 196 GLU GLU A . n 
A 1 209 ALA 209 197 197 ALA ALA A . n 
A 1 210 ARG 210 198 198 ARG ARG A . n 
A 1 211 VAL 211 199 199 VAL VAL A . n 
A 1 212 LEU 212 200 200 LEU LEU A . n 
A 1 213 ASP 213 201 201 ASP ASP A . n 
A 1 214 THR 214 202 202 THR THR A . n 
A 1 215 LEU 215 203 203 LEU LEU A . n 
A 1 216 VAL 216 204 204 VAL VAL A . n 
A 1 217 HIS 217 205 205 HIS HIS A . n 
A 1 218 ILE 218 206 206 ILE ILE A . n 
A 1 219 TRP 219 207 207 TRP TRP A . n 
A 1 220 VAL 220 208 208 VAL VAL A . n 
A 1 221 THR 221 209 209 THR THR A . n 
A 1 222 SER 222 210 210 SER SER A . n 
A 1 223 ILE 223 211 211 ILE ILE A . n 
A 1 224 TYR 224 212 212 TYR TYR A . n 
A 1 225 GLY 225 213 213 GLY GLY A . n 
A 1 226 GLU 226 214 214 GLU GLU A . n 
A 1 227 ASN 227 215 ?   ?   ?   A . n 
A 1 228 ARG 228 216 ?   ?   ?   A . n 
# 
loop_
_pdbx_nonpoly_scheme.asym_id 
_pdbx_nonpoly_scheme.entity_id 
_pdbx_nonpoly_scheme.mon_id 
_pdbx_nonpoly_scheme.ndb_seq_num 
_pdbx_nonpoly_scheme.pdb_seq_num 
_pdbx_nonpoly_scheme.auth_seq_num 
_pdbx_nonpoly_scheme.pdb_mon_id 
_pdbx_nonpoly_scheme.auth_mon_id 
_pdbx_nonpoly_scheme.pdb_strand_id 
_pdbx_nonpoly_scheme.pdb_ins_code 
B 2 GH8 1 301 1 GH8 LIG A . 
C 3 HOH 1 401 2 HOH HOH A . 
C 3 HOH 2 402 5 HOH HOH A . 
C 3 HOH 3 403 7 HOH HOH A . 
C 3 HOH 4 404 4 HOH HOH A . 
C 3 HOH 5 405 3 HOH HOH A . 
C 3 HOH 6 406 1 HOH HOH A . 
C 3 HOH 7 407 6 HOH HOH A . 
# 
loop_
_software.citation_id 
_software.classification 
_software.compiler_name 
_software.compiler_version 
_software.contact_author 
_software.contact_author_email 
_software.date 
_software.description 
_software.dependencies 
_software.hardware 
_software.language 
_software.location 
_software.mods 
_software.name 
_software.os 
_software.os_version 
_software.type 
_software.version 
_software.pdbx_ordinal 
? refinement       ? ? ? ? ? ? ? ? ? ? ? REFMAC  ? ? ? 5.8.0232 1 
? 'data reduction' ? ? ? ? ? ? ? ? ? ? ? iMOSFLM ? ? ? .        2 
? phasing          ? ? ? ? ? ? ? ? ? ? ? MOLREP  ? ? ? .        3 
# 
_cell.angle_alpha                  90.00 
_cell.angle_alpha_esd              ? 
_cell.angle_beta                   90.00 
_cell.angle_beta_esd               ? 
_cell.angle_gamma                  90.00 
_cell.angle_gamma_esd              ? 
_cell.entry_id                     6HO5 
_cell.details                      ? 
_cell.formula_units_Z              ? 
_cell.length_a                     120.890 
_cell.length_a_esd                 ? 
_cell.length_b                     120.890 
_cell.length_b_esd                 ? 
_cell.length_c                     33.760 
_cell.length_c_esd                 ? 
_cell.volume                       ? 
_cell.volume_esd                   ? 
_cell.Z_PDB                        8 
_cell.reciprocal_angle_alpha       ? 
_cell.reciprocal_angle_beta        ? 
_cell.reciprocal_angle_gamma       ? 
_cell.reciprocal_angle_alpha_esd   ? 
_cell.reciprocal_angle_beta_esd    ? 
_cell.reciprocal_angle_gamma_esd   ? 
_cell.reciprocal_length_a          ? 
_cell.reciprocal_length_b          ? 
_cell.reciprocal_length_c          ? 
_cell.reciprocal_length_a_esd      ? 
_cell.reciprocal_length_b_esd      ? 
_cell.reciprocal_length_c_esd      ? 
_cell.pdbx_unique_axis             ? 
# 
_symmetry.entry_id                         6HO5 
_symmetry.cell_setting                     ? 
_symmetry.Int_Tables_number                92 
_symmetry.space_group_name_Hall            ? 
_symmetry.space_group_name_H-M             'P 41 21 2' 
_symmetry.pdbx_full_space_group_name_H-M   ? 
# 
_exptl.absorpt_coefficient_mu     ? 
_exptl.absorpt_correction_T_max   ? 
_exptl.absorpt_correction_T_min   ? 
_exptl.absorpt_correction_type    ? 
_exptl.absorpt_process_details    ? 
_exptl.entry_id                   6HO5 
_exptl.crystals_number            1 
_exptl.details                    ? 
_exptl.method                     'X-RAY DIFFRACTION' 
_exptl.method_details             ? 
# 
_exptl_crystal.colour                      ? 
_exptl_crystal.density_diffrn              ? 
_exptl_crystal.density_Matthews            2.39 
_exptl_crystal.density_method              ? 
_exptl_crystal.density_percent_sol         48.49 
_exptl_crystal.description                 ? 
_exptl_crystal.F_000                       ? 
_exptl_crystal.id                          1 
_exptl_crystal.preparation                 ? 
_exptl_crystal.size_max                    ? 
_exptl_crystal.size_mid                    ? 
_exptl_crystal.size_min                    ? 
_exptl_crystal.size_rad                    ? 
_exptl_crystal.colour_lustre               ? 
_exptl_crystal.colour_modifier             ? 
_exptl_crystal.colour_primary              ? 
_exptl_crystal.density_meas                ? 
_exptl_crystal.density_meas_esd            ? 
_exptl_crystal.density_meas_gt             ? 
_exptl_crystal.density_meas_lt             ? 
_exptl_crystal.density_meas_temp           ? 
_exptl_crystal.density_meas_temp_esd       ? 
_exptl_crystal.density_meas_temp_gt        ? 
_exptl_crystal.density_meas_temp_lt        ? 
_exptl_crystal.pdbx_crystal_image_url      ? 
_exptl_crystal.pdbx_crystal_image_format   ? 
_exptl_crystal.pdbx_mosaicity              ? 
_exptl_crystal.pdbx_mosaicity_esd          ? 
# 
_exptl_crystal_grow.apparatus       ? 
_exptl_crystal_grow.atmosphere      ? 
_exptl_crystal_grow.crystal_id      1 
_exptl_crystal_grow.details         ? 
_exptl_crystal_grow.method          'VAPOR DIFFUSION' 
_exptl_crystal_grow.method_ref      ? 
_exptl_crystal_grow.pH              6.7 
_exptl_crystal_grow.pressure        ? 
_exptl_crystal_grow.pressure_esd    ? 
_exptl_crystal_grow.seeding         ? 
_exptl_crystal_grow.seeding_ref     ? 
_exptl_crystal_grow.temp            293 
_exptl_crystal_grow.temp_details    ? 
_exptl_crystal_grow.temp_esd        ? 
_exptl_crystal_grow.time            ? 
_exptl_crystal_grow.pdbx_details    '1.4-1.6 ammonium sulfate, 15% glycerol, 100 mM MES' 
_exptl_crystal_grow.pdbx_pH_range   ? 
# 
_diffrn.ambient_environment              ? 
_diffrn.ambient_temp                     100 
_diffrn.ambient_temp_details             ? 
_diffrn.ambient_temp_esd                 ? 
_diffrn.crystal_id                       1 
_diffrn.crystal_support                  ? 
_diffrn.crystal_treatment                ? 
_diffrn.details                          ? 
_diffrn.id                               1 
_diffrn.ambient_pressure                 ? 
_diffrn.ambient_pressure_esd             ? 
_diffrn.ambient_pressure_gt              ? 
_diffrn.ambient_pressure_lt              ? 
_diffrn.ambient_temp_gt                  ? 
_diffrn.ambient_temp_lt                  ? 
_diffrn.pdbx_serial_crystal_experiment   ? 
# 
_diffrn_detector.details                      ? 
_diffrn_detector.detector                     PIXEL 
_diffrn_detector.diffrn_id                    1 
_diffrn_detector.type                         'DECTRIS PILATUS 6M' 
_diffrn_detector.area_resol_mean              ? 
_diffrn_detector.dtime                        ? 
_diffrn_detector.pdbx_frames_total            ? 
_diffrn_detector.pdbx_collection_time_total   ? 
_diffrn_detector.pdbx_collection_date         2010-12-06 
_diffrn_detector.pdbx_frequency               ? 
# 
_diffrn_radiation.collimation                      ? 
_diffrn_radiation.diffrn_id                        1 
_diffrn_radiation.filter_edge                      ? 
_diffrn_radiation.inhomogeneity                    ? 
_diffrn_radiation.monochromator                    ? 
_diffrn_radiation.polarisn_norm                    ? 
_diffrn_radiation.polarisn_ratio                   ? 
_diffrn_radiation.probe                            ? 
_diffrn_radiation.type                             ? 
_diffrn_radiation.xray_symbol                      ? 
_diffrn_radiation.wavelength_id                    1 
_diffrn_radiation.pdbx_monochromatic_or_laue_m_l   M 
_diffrn_radiation.pdbx_wavelength_list             ? 
_diffrn_radiation.pdbx_wavelength                  ? 
_diffrn_radiation.pdbx_diffrn_protocol             'SINGLE WAVELENGTH' 
_diffrn_radiation.pdbx_analyzer                    ? 
_diffrn_radiation.pdbx_scattering_type             x-ray 
# 
_diffrn_radiation_wavelength.id           1 
_diffrn_radiation_wavelength.wavelength   1.00 
_diffrn_radiation_wavelength.wt           1.0 
# 
_diffrn_source.current                     ? 
_diffrn_source.details                     ? 
_diffrn_source.diffrn_id                   1 
_diffrn_source.power                       ? 
_diffrn_source.size                        ? 
_diffrn_source.source                      SYNCHROTRON 
_diffrn_source.target                      ? 
_diffrn_source.type                        'SLS BEAMLINE X06SA' 
_diffrn_source.voltage                     ? 
_diffrn_source.take-off_angle              ? 
_diffrn_source.pdbx_wavelength_list        1.00 
_diffrn_source.pdbx_wavelength             ? 
_diffrn_source.pdbx_synchrotron_beamline   X06SA 
_diffrn_source.pdbx_synchrotron_site       SLS 
# 
_reflns.B_iso_Wilson_estimate            ? 
_reflns.entry_id                         6HO5 
_reflns.data_reduction_details           ? 
_reflns.data_reduction_method            ? 
_reflns.d_resolution_high                2.30 
_reflns.d_resolution_low                 42.74 
_reflns.details                          ? 
_reflns.limit_h_max                      ? 
_reflns.limit_h_min                      ? 
_reflns.limit_k_max                      ? 
_reflns.limit_k_min                      ? 
_reflns.limit_l_max                      ? 
_reflns.limit_l_min                      ? 
_reflns.number_all                       ? 
_reflns.number_obs                       11677 
_reflns.observed_criterion               ? 
_reflns.observed_criterion_F_max         ? 
_reflns.observed_criterion_F_min         ? 
_reflns.observed_criterion_I_max         ? 
_reflns.observed_criterion_I_min         ? 
_reflns.observed_criterion_sigma_F       ? 
_reflns.observed_criterion_sigma_I       ? 
_reflns.percent_possible_obs             99.9 
_reflns.R_free_details                   ? 
_reflns.Rmerge_F_all                     ? 
_reflns.Rmerge_F_obs                     ? 
_reflns.Friedel_coverage                 ? 
_reflns.number_gt                        ? 
_reflns.threshold_expression             ? 
_reflns.pdbx_redundancy                  12.4 
_reflns.pdbx_Rmerge_I_obs                0.266 
_reflns.pdbx_Rmerge_I_all                ? 
_reflns.pdbx_Rsym_value                  ? 
_reflns.pdbx_netI_over_av_sigmaI         ? 
_reflns.pdbx_netI_over_sigmaI            14.7 
_reflns.pdbx_res_netI_over_av_sigmaI_2   ? 
_reflns.pdbx_res_netI_over_sigmaI_2      ? 
_reflns.pdbx_chi_squared                 ? 
_reflns.pdbx_scaling_rejects             ? 
_reflns.pdbx_d_res_high_opt              ? 
_reflns.pdbx_d_res_low_opt               ? 
_reflns.pdbx_d_res_opt_method            ? 
_reflns.phase_calculation_details        ? 
_reflns.pdbx_Rrim_I_all                  ? 
_reflns.pdbx_Rpim_I_all                  ? 
_reflns.pdbx_d_opt                       ? 
_reflns.pdbx_number_measured_all         ? 
_reflns.pdbx_diffrn_id                   1 
_reflns.pdbx_ordinal                     1 
_reflns.pdbx_CC_half                     ? 
_reflns.pdbx_R_split                     ? 
# 
_reflns_shell.d_res_high                  2.30 
_reflns_shell.d_res_low                   2.44 
_reflns_shell.meanI_over_sigI_all         ? 
_reflns_shell.meanI_over_sigI_obs         2.8 
_reflns_shell.number_measured_all         ? 
_reflns_shell.number_measured_obs         ? 
_reflns_shell.number_possible             ? 
_reflns_shell.number_unique_all           ? 
_reflns_shell.number_unique_obs           1827 
_reflns_shell.percent_possible_all        99.7 
_reflns_shell.percent_possible_obs        ? 
_reflns_shell.Rmerge_F_all                ? 
_reflns_shell.Rmerge_F_obs                ? 
_reflns_shell.Rmerge_I_all                ? 
_reflns_shell.Rmerge_I_obs                1.166 
_reflns_shell.meanI_over_sigI_gt          ? 
_reflns_shell.meanI_over_uI_all           ? 
_reflns_shell.meanI_over_uI_gt            ? 
_reflns_shell.number_measured_gt          ? 
_reflns_shell.number_unique_gt            ? 
_reflns_shell.percent_possible_gt         ? 
_reflns_shell.Rmerge_F_gt                 ? 
_reflns_shell.Rmerge_I_gt                 ? 
_reflns_shell.pdbx_redundancy             13.1 
_reflns_shell.pdbx_Rsym_value             ? 
_reflns_shell.pdbx_chi_squared            ? 
_reflns_shell.pdbx_netI_over_sigmaI_all   ? 
_reflns_shell.pdbx_netI_over_sigmaI_obs   ? 
_reflns_shell.pdbx_Rrim_I_all             ? 
_reflns_shell.pdbx_Rpim_I_all             ? 
_reflns_shell.pdbx_rejects                ? 
_reflns_shell.pdbx_ordinal                1 
_reflns_shell.pdbx_diffrn_id              1 
_reflns_shell.pdbx_CC_half                ? 
_reflns_shell.pdbx_R_split                ? 
# 
_refine.aniso_B[1][1]                            -0.03 
_refine.aniso_B[1][2]                            0.00 
_refine.aniso_B[1][3]                            0.00 
_refine.aniso_B[2][2]                            -0.03 
_refine.aniso_B[2][3]                            0.00 
_refine.aniso_B[3][3]                            0.06 
_refine.B_iso_max                                ? 
_refine.B_iso_mean                               37.190 
_refine.B_iso_min                                ? 
_refine.correlation_coeff_Fo_to_Fc               0.944 
_refine.correlation_coeff_Fo_to_Fc_free          0.920 
_refine.details                                  'HYDROGENS HAVE BEEN ADDED IN THE RIDING POSITIONS' 
_refine.diff_density_max                         ? 
_refine.diff_density_max_esd                     ? 
_refine.diff_density_min                         ? 
_refine.diff_density_min_esd                     ? 
_refine.diff_density_rms                         ? 
_refine.diff_density_rms_esd                     ? 
_refine.entry_id                                 6HO5 
_refine.pdbx_refine_id                           'X-RAY DIFFRACTION' 
_refine.ls_abs_structure_details                 ? 
_refine.ls_abs_structure_Flack                   ? 
_refine.ls_abs_structure_Flack_esd               ? 
_refine.ls_abs_structure_Rogers                  ? 
_refine.ls_abs_structure_Rogers_esd              ? 
_refine.ls_d_res_high                            2.30 
_refine.ls_d_res_low                             42.74 
_refine.ls_extinction_coef                       ? 
_refine.ls_extinction_coef_esd                   ? 
_refine.ls_extinction_expression                 ? 
_refine.ls_extinction_method                     ? 
_refine.ls_goodness_of_fit_all                   ? 
_refine.ls_goodness_of_fit_all_esd               ? 
_refine.ls_goodness_of_fit_obs                   ? 
_refine.ls_goodness_of_fit_obs_esd               ? 
_refine.ls_hydrogen_treatment                    ? 
_refine.ls_matrix_type                           ? 
_refine.ls_number_constraints                    ? 
_refine.ls_number_parameters                     ? 
_refine.ls_number_reflns_all                     ? 
_refine.ls_number_reflns_obs                     11093 
_refine.ls_number_reflns_R_free                  584 
_refine.ls_number_reflns_R_work                  ? 
_refine.ls_number_restraints                     ? 
_refine.ls_percent_reflns_obs                    99.87 
_refine.ls_percent_reflns_R_free                 5.0 
_refine.ls_R_factor_all                          ? 
_refine.ls_R_factor_obs                          0.20956 
_refine.ls_R_factor_R_free                       0.25126 
_refine.ls_R_factor_R_free_error                 ? 
_refine.ls_R_factor_R_free_error_details         ? 
_refine.ls_R_factor_R_work                       0.20733 
_refine.ls_R_Fsqd_factor_obs                     ? 
_refine.ls_R_I_factor_obs                        ? 
_refine.ls_redundancy_reflns_all                 ? 
_refine.ls_redundancy_reflns_obs                 ? 
_refine.ls_restrained_S_all                      ? 
_refine.ls_restrained_S_obs                      ? 
_refine.ls_shift_over_esd_max                    ? 
_refine.ls_shift_over_esd_mean                   ? 
_refine.ls_structure_factor_coef                 ? 
_refine.ls_weighting_details                     ? 
_refine.ls_weighting_scheme                      ? 
_refine.ls_wR_factor_all                         ? 
_refine.ls_wR_factor_obs                         ? 
_refine.ls_wR_factor_R_free                      ? 
_refine.ls_wR_factor_R_work                      ? 
_refine.occupancy_max                            ? 
_refine.occupancy_min                            ? 
_refine.solvent_model_details                    ? 
_refine.solvent_model_param_bsol                 ? 
_refine.solvent_model_param_ksol                 ? 
_refine.ls_R_factor_gt                           ? 
_refine.ls_goodness_of_fit_gt                    ? 
_refine.ls_goodness_of_fit_ref                   ? 
_refine.ls_shift_over_su_max                     ? 
_refine.ls_shift_over_su_max_lt                  ? 
_refine.ls_shift_over_su_mean                    ? 
_refine.ls_shift_over_su_mean_lt                 ? 
_refine.pdbx_ls_sigma_I                          ? 
_refine.pdbx_ls_sigma_F                          ? 
_refine.pdbx_ls_sigma_Fsqd                       ? 
_refine.pdbx_data_cutoff_high_absF               ? 
_refine.pdbx_data_cutoff_high_rms_absF           ? 
_refine.pdbx_data_cutoff_low_absF                ? 
_refine.pdbx_isotropic_thermal_model             ? 
_refine.pdbx_ls_cross_valid_method               THROUGHOUT 
_refine.pdbx_method_to_determine_struct          ? 
_refine.pdbx_starting_model                      ? 
_refine.pdbx_stereochemistry_target_values       ? 
_refine.pdbx_R_Free_selection_details            RANDOM 
_refine.pdbx_stereochem_target_val_spec_case     ? 
_refine.pdbx_overall_ESU_R                       0.268 
_refine.pdbx_overall_ESU_R_Free                  0.218 
_refine.pdbx_solvent_vdw_probe_radii             1.20 
_refine.pdbx_solvent_ion_probe_radii             0.80 
_refine.pdbx_solvent_shrinkage_radii             0.80 
_refine.pdbx_real_space_R                        ? 
_refine.pdbx_density_correlation                 ? 
_refine.pdbx_pd_number_of_powder_patterns        ? 
_refine.pdbx_pd_number_of_points                 ? 
_refine.pdbx_pd_meas_number_of_points            ? 
_refine.pdbx_pd_proc_ls_prof_R_factor            ? 
_refine.pdbx_pd_proc_ls_prof_wR_factor           ? 
_refine.pdbx_pd_Marquardt_correlation_coeff      ? 
_refine.pdbx_pd_Fsqrd_R_factor                   ? 
_refine.pdbx_pd_ls_matrix_band_width             ? 
_refine.pdbx_overall_phase_error                 ? 
_refine.pdbx_overall_SU_R_free_Cruickshank_DPI   ? 
_refine.pdbx_overall_SU_R_free_Blow_DPI          ? 
_refine.pdbx_overall_SU_R_Blow_DPI               ? 
_refine.pdbx_TLS_residual_ADP_flag               ? 
_refine.pdbx_diffrn_id                           1 
_refine.overall_SU_B                             7.688 
_refine.overall_SU_ML                            0.179 
_refine.overall_SU_R_Cruickshank_DPI             ? 
_refine.overall_SU_R_free                        ? 
_refine.overall_FOM_free_R_set                   ? 
_refine.overall_FOM_work_R_set                   ? 
_refine.pdbx_average_fsc_overall                 ? 
_refine.pdbx_average_fsc_work                    ? 
_refine.pdbx_average_fsc_free                    ? 
# 
_refine_hist.pdbx_refine_id                   'X-RAY DIFFRACTION' 
_refine_hist.cycle_id                         1 
_refine_hist.pdbx_number_atoms_protein        1482 
_refine_hist.pdbx_number_atoms_nucleic_acid   0 
_refine_hist.pdbx_number_atoms_ligand         35 
_refine_hist.number_atoms_solvent             7 
_refine_hist.number_atoms_total               1524 
_refine_hist.d_res_high                       2.30 
_refine_hist.d_res_low                        42.74 
# 
loop_
_refine_ls_restr.pdbx_refine_id 
_refine_ls_restr.criterion 
_refine_ls_restr.dev_ideal 
_refine_ls_restr.dev_ideal_target 
_refine_ls_restr.number 
_refine_ls_restr.rejects 
_refine_ls_restr.type 
_refine_ls_restr.weight 
_refine_ls_restr.pdbx_restraint_function 
'X-RAY DIFFRACTION' ? 0.008  0.013  1552 ? r_bond_refined_d             ? ? 
'X-RAY DIFFRACTION' ? 0.001  0.017  1436 ? r_bond_other_d               ? ? 
'X-RAY DIFFRACTION' ? 1.453  1.678  2119 ? r_angle_refined_deg          ? ? 
'X-RAY DIFFRACTION' ? 1.349  1.598  3302 ? r_angle_other_deg            ? ? 
'X-RAY DIFFRACTION' ? 5.389  5.000  189  ? r_dihedral_angle_1_deg       ? ? 
'X-RAY DIFFRACTION' ? 34.804 21.294 85   ? r_dihedral_angle_2_deg       ? ? 
'X-RAY DIFFRACTION' ? 15.343 15.000 239  ? r_dihedral_angle_3_deg       ? ? 
'X-RAY DIFFRACTION' ? 15.140 15.000 13   ? r_dihedral_angle_4_deg       ? ? 
'X-RAY DIFFRACTION' ? 0.067  0.200  209  ? r_chiral_restr               ? ? 
'X-RAY DIFFRACTION' ? 0.007  0.020  1749 ? r_gen_planes_refined         ? ? 
'X-RAY DIFFRACTION' ? 0.001  0.020  350  ? r_gen_planes_other           ? ? 
'X-RAY DIFFRACTION' ? ?      ?      ?    ? r_nbd_refined                ? ? 
'X-RAY DIFFRACTION' ? ?      ?      ?    ? r_nbd_other                  ? ? 
'X-RAY DIFFRACTION' ? ?      ?      ?    ? r_nbtor_refined              ? ? 
'X-RAY DIFFRACTION' ? ?      ?      ?    ? r_nbtor_other                ? ? 
'X-RAY DIFFRACTION' ? ?      ?      ?    ? r_xyhbond_nbd_refined        ? ? 
'X-RAY DIFFRACTION' ? ?      ?      ?    ? r_xyhbond_nbd_other          ? ? 
'X-RAY DIFFRACTION' ? ?      ?      ?    ? r_metal_ion_refined          ? ? 
'X-RAY DIFFRACTION' ? ?      ?      ?    ? r_metal_ion_other            ? ? 
'X-RAY DIFFRACTION' ? ?      ?      ?    ? r_symmetry_vdw_refined       ? ? 
'X-RAY DIFFRACTION' ? ?      ?      ?    ? r_symmetry_vdw_other         ? ? 
'X-RAY DIFFRACTION' ? ?      ?      ?    ? r_symmetry_hbond_refined     ? ? 
'X-RAY DIFFRACTION' ? ?      ?      ?    ? r_symmetry_hbond_other       ? ? 
'X-RAY DIFFRACTION' ? ?      ?      ?    ? r_symmetry_metal_ion_refined ? ? 
'X-RAY DIFFRACTION' ? ?      ?      ?    ? r_symmetry_metal_ion_other   ? ? 
'X-RAY DIFFRACTION' ? 2.591  3.772  759  ? r_mcbond_it                  ? ? 
'X-RAY DIFFRACTION' ? 2.590  3.770  758  ? r_mcbond_other               ? ? 
'X-RAY DIFFRACTION' ? 3.829  5.649  947  ? r_mcangle_it                 ? ? 
'X-RAY DIFFRACTION' ? 3.827  5.652  948  ? r_mcangle_other              ? ? 
'X-RAY DIFFRACTION' ? 3.361  4.165  793  ? r_scbond_it                  ? ? 
'X-RAY DIFFRACTION' ? 3.359  4.164  794  ? r_scbond_other               ? ? 
'X-RAY DIFFRACTION' ? ?      ?      ?    ? r_scangle_it                 ? ? 
'X-RAY DIFFRACTION' ? 5.203  6.073  1173 ? r_scangle_other              ? ? 
'X-RAY DIFFRACTION' ? 6.539  44.105 1748 ? r_long_range_B_refined       ? ? 
'X-RAY DIFFRACTION' ? 6.538  44.096 1748 ? r_long_range_B_other         ? ? 
'X-RAY DIFFRACTION' ? ?      ?      ?    ? r_rigid_bond_restr           ? ? 
'X-RAY DIFFRACTION' ? ?      ?      ?    ? r_sphericity_free            ? ? 
'X-RAY DIFFRACTION' ? ?      ?      ?    ? r_sphericity_bonded          ? ? 
# 
_refine_ls_shell.pdbx_refine_id                   'X-RAY DIFFRACTION' 
_refine_ls_shell.d_res_high                       2.299 
_refine_ls_shell.d_res_low                        2.358 
_refine_ls_shell.number_reflns_all                ? 
_refine_ls_shell.number_reflns_obs                ? 
_refine_ls_shell.number_reflns_R_free             41 
_refine_ls_shell.number_reflns_R_work             791 
_refine_ls_shell.percent_reflns_obs               99.05 
_refine_ls_shell.percent_reflns_R_free            ? 
_refine_ls_shell.R_factor_all                     ? 
_refine_ls_shell.R_factor_obs                     ? 
_refine_ls_shell.R_factor_R_free                  0.297 
_refine_ls_shell.R_factor_R_free_error            ? 
_refine_ls_shell.R_factor_R_work                  0.284 
_refine_ls_shell.redundancy_reflns_all            ? 
_refine_ls_shell.redundancy_reflns_obs            ? 
_refine_ls_shell.wR_factor_all                    ? 
_refine_ls_shell.wR_factor_obs                    ? 
_refine_ls_shell.wR_factor_R_free                 ? 
_refine_ls_shell.wR_factor_R_work                 ? 
_refine_ls_shell.pdbx_total_number_of_bins_used   20 
_refine_ls_shell.pdbx_phase_error                 ? 
_refine_ls_shell.pdbx_fsc_work                    ? 
_refine_ls_shell.pdbx_fsc_free                    ? 
# 
_struct.entry_id                     6HO5 
_struct.title                        'TRANSCRIPTIONAL REPRESSOR ETHR FROM MYCOBACTERIUM TUBERCULOSIS IN COMPLEX WITH BDM44719' 
_struct.pdbx_model_details           ? 
_struct.pdbx_formula_weight          ? 
_struct.pdbx_formula_weight_method   ? 
_struct.pdbx_model_type_details      ? 
_struct.pdbx_CASP_flag               N 
# 
_struct_keywords.entry_id        6HO5 
_struct_keywords.text            
'HELIX-TURN-HELIX, DNA BINDING PROTEIN, TETR-FAMILY, COMPLEX, INHIBITOR, DRUG DESIGN, TUBERCULOSIS, ETHIONAMIDE' 
_struct_keywords.pdbx_keywords   'DNA BINDING PROTEIN' 
# 
loop_
_struct_asym.id 
_struct_asym.pdbx_blank_PDB_chainid_flag 
_struct_asym.pdbx_modified 
_struct_asym.entity_id 
_struct_asym.details 
A N N 1 ? 
B N N 2 ? 
C N N 3 ? 
# 
_struct_ref.id                         1 
_struct_ref.db_name                    UNP 
_struct_ref.db_code                    ETHR_MYCTO 
_struct_ref.pdbx_db_accession          P9WMC0 
_struct_ref.pdbx_db_isoform            ? 
_struct_ref.entity_id                  1 
_struct_ref.pdbx_seq_one_letter_code   
;MTTSAASQASLPRGRRTARPSGDDRELAILATAENLLEDRPLADISVDDLAKGAGISRPTFYFYFPSKEAVLLTLLDRVV
NQADMALQTLAENPADTDRENMWRTGINVFFETFGSHKAVTRAGQAARATSVEVAELWSTFMQKWIAYTAAVIDAERDRG
AAPRTLPAHELATALNLMNERTLFASFAGEQPSVPEARVLDTLVHIWVTSIYGENR
;
_struct_ref.pdbx_align_begin           1 
# 
_struct_ref_seq.align_id                      1 
_struct_ref_seq.ref_id                        1 
_struct_ref_seq.pdbx_PDB_id_code              6HO5 
_struct_ref_seq.pdbx_strand_id                A 
_struct_ref_seq.seq_align_beg                 13 
_struct_ref_seq.pdbx_seq_align_beg_ins_code   ? 
_struct_ref_seq.seq_align_end                 228 
_struct_ref_seq.pdbx_seq_align_end_ins_code   ? 
_struct_ref_seq.pdbx_db_accession             P9WMC0 
_struct_ref_seq.db_align_beg                  1 
_struct_ref_seq.pdbx_db_align_beg_ins_code    ? 
_struct_ref_seq.db_align_end                  216 
_struct_ref_seq.pdbx_db_align_end_ins_code    ? 
_struct_ref_seq.pdbx_auth_seq_align_beg       1 
_struct_ref_seq.pdbx_auth_seq_align_end       216 
# 
loop_
_struct_ref_seq_dif.align_id 
_struct_ref_seq_dif.pdbx_pdb_id_code 
_struct_ref_seq_dif.mon_id 
_struct_ref_seq_dif.pdbx_pdb_strand_id 
_struct_ref_seq_dif.seq_num 
_struct_ref_seq_dif.pdbx_pdb_ins_code 
_struct_ref_seq_dif.pdbx_seq_db_name 
_struct_ref_seq_dif.pdbx_seq_db_accession_code 
_struct_ref_seq_dif.db_mon_id 
_struct_ref_seq_dif.pdbx_seq_db_seq_num 
_struct_ref_seq_dif.details 
_struct_ref_seq_dif.pdbx_auth_seq_num 
_struct_ref_seq_dif.pdbx_ordinal 
1 6HO5 MET A 1  ? UNP P9WMC0 ? ? 'initiating methionine' -11 1  
1 6HO5 THR A 2  ? UNP P9WMC0 ? ? 'expression tag'        -10 2  
1 6HO5 THR A 3  ? UNP P9WMC0 ? ? 'expression tag'        -9  3  
1 6HO5 SER A 4  ? UNP P9WMC0 ? ? 'expression tag'        -8  4  
1 6HO5 ALA A 5  ? UNP P9WMC0 ? ? 'expression tag'        -7  5  
1 6HO5 ALA A 6  ? UNP P9WMC0 ? ? 'expression tag'        -6  6  
1 6HO5 SER A 7  ? UNP P9WMC0 ? ? 'expression tag'        -5  7  
1 6HO5 GLN A 8  ? UNP P9WMC0 ? ? 'expression tag'        -4  8  
1 6HO5 ALA A 9  ? UNP P9WMC0 ? ? 'expression tag'        -3  9  
1 6HO5 SER A 10 ? UNP P9WMC0 ? ? 'expression tag'        -2  10 
1 6HO5 LEU A 11 ? UNP P9WMC0 ? ? 'expression tag'        -1  11 
1 6HO5 PRO A 12 ? UNP P9WMC0 ? ? 'expression tag'        0   12 
# 
_pdbx_struct_assembly.id                   1 
_pdbx_struct_assembly.details              author_and_software_defined_assembly 
_pdbx_struct_assembly.method_details       PISA 
_pdbx_struct_assembly.oligomeric_details   dimeric 
_pdbx_struct_assembly.oligomeric_count     2 
# 
loop_
_pdbx_struct_assembly_prop.biol_id 
_pdbx_struct_assembly_prop.type 
_pdbx_struct_assembly_prop.value 
_pdbx_struct_assembly_prop.details 
1 'ABSA (A^2)' 2770  ? 
1 MORE         -21   ? 
1 'SSA (A^2)'  17190 ? 
# 
_pdbx_struct_assembly_gen.assembly_id       1 
_pdbx_struct_assembly_gen.oper_expression   1,2 
_pdbx_struct_assembly_gen.asym_id_list      A,B,C 
# 
_pdbx_struct_assembly_auth_evidence.id                     1 
_pdbx_struct_assembly_auth_evidence.assembly_id            1 
_pdbx_struct_assembly_auth_evidence.experimental_support   none 
_pdbx_struct_assembly_auth_evidence.details                ? 
# 
loop_
_pdbx_struct_oper_list.id 
_pdbx_struct_oper_list.type 
_pdbx_struct_oper_list.name 
_pdbx_struct_oper_list.symmetry_operation 
_pdbx_struct_oper_list.matrix[1][1] 
_pdbx_struct_oper_list.matrix[1][2] 
_pdbx_struct_oper_list.matrix[1][3] 
_pdbx_struct_oper_list.vector[1] 
_pdbx_struct_oper_list.matrix[2][1] 
_pdbx_struct_oper_list.matrix[2][2] 
_pdbx_struct_oper_list.matrix[2][3] 
_pdbx_struct_oper_list.vector[2] 
_pdbx_struct_oper_list.matrix[3][1] 
_pdbx_struct_oper_list.matrix[3][2] 
_pdbx_struct_oper_list.matrix[3][3] 
_pdbx_struct_oper_list.vector[3] 
1 'identity operation'         1_555 x,y,z  1.0000000000  0.0000000000  0.0000000000 0.0000000000 0.0000000000  1.0000000000 0.0000000000  0.0000000000 0.0000000000 0.0000000000  1.0000000000  0.0000000000  
2 'crystal symmetry operation' 7_555 y,x,-z -0.7074735164 -0.6830146994 0.1815823337 4.8212199580 -0.6830146994 0.5947584436 -0.4239732470 8.0934542900 0.1815823337 -0.4239732470 -0.8872849272 22.6762903917 
# 
loop_
_struct_conf.conf_type_id 
_struct_conf.id 
_struct_conf.pdbx_PDB_helix_id 
_struct_conf.beg_label_comp_id 
_struct_conf.beg_label_asym_id 
_struct_conf.beg_label_seq_id 
_struct_conf.pdbx_beg_PDB_ins_code 
_struct_conf.end_label_comp_id 
_struct_conf.end_label_asym_id 
_struct_conf.end_label_seq_id 
_struct_conf.pdbx_end_PDB_ins_code 
_struct_conf.beg_auth_comp_id 
_struct_conf.beg_auth_asym_id 
_struct_conf.beg_auth_seq_id 
_struct_conf.end_auth_comp_id 
_struct_conf.end_auth_asym_id 
_struct_conf.end_auth_seq_id 
_struct_conf.pdbx_PDB_helix_class 
_struct_conf.details 
_struct_conf.pdbx_PDB_helix_length 
HELX_P HELX_P1  AA1 ARG A 37  ? ARG A 52  ? ARG A 25  ARG A 40  1 ? 16 
HELX_P HELX_P2  AA2 PRO A 53  ? ILE A 57  ? PRO A 41  ILE A 45  5 ? 5  
HELX_P HELX_P3  AA3 SER A 58  ? GLY A 67  ? SER A 46  GLY A 55  1 ? 10 
HELX_P HELX_P4  AA4 SER A 69  ? PHE A 77  ? SER A 57  PHE A 65  1 ? 9  
HELX_P HELX_P5  AA5 SER A 79  ? ASN A 105 ? SER A 67  ASN A 93  1 ? 27 
HELX_P HELX_P6  AA6 ASP A 110 ? SER A 128 ? ASP A 98  SER A 116 1 ? 19 
HELX_P HELX_P7  AA7 HIS A 129 ? ALA A 139 ? HIS A 117 ALA A 127 1 ? 11 
HELX_P HELX_P8  AA8 SER A 143 ? ARG A 171 ? SER A 131 ARG A 159 1 ? 29 
HELX_P HELX_P9  AA9 PRO A 179 ? ALA A 200 ? PRO A 167 ALA A 188 1 ? 22 
HELX_P HELX_P10 AB1 PRO A 207 ? GLY A 225 ? PRO A 195 GLY A 213 1 ? 19 
# 
_struct_conf_type.id          HELX_P 
_struct_conf_type.criteria    ? 
_struct_conf_type.reference   ? 
# 
_struct_mon_prot_cis.pdbx_id                1 
_struct_mon_prot_cis.label_comp_id          GLN 
_struct_mon_prot_cis.label_seq_id           203 
_struct_mon_prot_cis.label_asym_id          A 
_struct_mon_prot_cis.label_alt_id           . 
_struct_mon_prot_cis.pdbx_PDB_ins_code      ? 
_struct_mon_prot_cis.auth_comp_id           GLN 
_struct_mon_prot_cis.auth_seq_id            191 
_struct_mon_prot_cis.auth_asym_id           A 
_struct_mon_prot_cis.pdbx_label_comp_id_2   PRO 
_struct_mon_prot_cis.pdbx_label_seq_id_2    204 
_struct_mon_prot_cis.pdbx_label_asym_id_2   A 
_struct_mon_prot_cis.pdbx_PDB_ins_code_2    ? 
_struct_mon_prot_cis.pdbx_auth_comp_id_2    PRO 
_struct_mon_prot_cis.pdbx_auth_seq_id_2     192 
_struct_mon_prot_cis.pdbx_auth_asym_id_2    A 
_struct_mon_prot_cis.pdbx_PDB_model_num     1 
_struct_mon_prot_cis.pdbx_omega_angle       2.33 
# 
_struct_site.id                   AC1 
_struct_site.pdbx_evidence_code   Software 
_struct_site.pdbx_auth_asym_id    A 
_struct_site.pdbx_auth_comp_id    GH8 
_struct_site.pdbx_auth_seq_id     301 
_struct_site.pdbx_auth_ins_code   ? 
_struct_site.pdbx_num_residues    18 
_struct_site.details              'binding site for residue GH8 A 301' 
# 
loop_
_struct_site_gen.id 
_struct_site_gen.site_id 
_struct_site_gen.pdbx_num_res 
_struct_site_gen.label_comp_id 
_struct_site_gen.label_asym_id 
_struct_site_gen.label_seq_id 
_struct_site_gen.pdbx_auth_ins_code 
_struct_site_gen.auth_comp_id 
_struct_site_gen.auth_asym_id 
_struct_site_gen.auth_seq_id 
_struct_site_gen.label_atom_id 
_struct_site_gen.label_alt_id 
_struct_site_gen.symmetry 
_struct_site_gen.details 
1  AC1 18 LEU A 99  ? LEU A 87  . ? 1_555 ? 
2  AC1 18 LEU A 102 ? LEU A 90  . ? 1_555 ? 
3  AC1 18 MET A 114 ? MET A 102 . ? 1_555 ? 
4  AC1 18 TRP A 115 ? TRP A 103 . ? 1_555 ? 
5  AC1 18 GLY A 118 ? GLY A 106 . ? 1_555 ? 
6  AC1 18 PHE A 122 ? PHE A 110 . ? 1_555 ? 
7  AC1 18 PHE A 126 ? PHE A 114 . ? 1_555 ? 
8  AC1 18 TRP A 150 ? TRP A 138 . ? 1_555 ? 
9  AC1 18 TRP A 157 ? TRP A 145 . ? 1_555 ? 
10 AC1 18 TYR A 160 ? TYR A 148 . ? 1_555 ? 
11 AC1 18 THR A 161 ? THR A 149 . ? 1_555 ? 
12 AC1 18 VAL A 164 ? VAL A 152 . ? 1_555 ? 
13 AC1 18 GLU A 168 ? GLU A 156 . ? 1_555 ? 
14 AC1 18 ASN A 188 ? ASN A 176 . ? 1_555 ? 
15 AC1 18 ASN A 191 ? ASN A 179 . ? 1_555 ? 
16 AC1 18 GLU A 192 ? GLU A 180 . ? 1_555 ? 
17 AC1 18 PHE A 196 ? PHE A 184 . ? 1_555 ? 
18 AC1 18 TRP A 219 ? TRP A 207 . ? 1_555 ? 
# 
loop_
_pdbx_validate_torsion.id 
_pdbx_validate_torsion.PDB_model_num 
_pdbx_validate_torsion.auth_comp_id 
_pdbx_validate_torsion.auth_asym_id 
_pdbx_validate_torsion.auth_seq_id 
_pdbx_validate_torsion.PDB_ins_code 
_pdbx_validate_torsion.label_alt_id 
_pdbx_validate_torsion.phi 
_pdbx_validate_torsion.psi 
1 1 ASN A 93  ? ? -118.54 71.70   
2 1 HIS A 117 ? ? -141.13 51.98   
3 1 THR A 165 ? ? -107.29 -106.92 
# 
loop_
_pdbx_unobs_or_zero_occ_residues.id 
_pdbx_unobs_or_zero_occ_residues.PDB_model_num 
_pdbx_unobs_or_zero_occ_residues.polymer_flag 
_pdbx_unobs_or_zero_occ_residues.occupancy_flag 
_pdbx_unobs_or_zero_occ_residues.auth_asym_id 
_pdbx_unobs_or_zero_occ_residues.auth_comp_id 
_pdbx_unobs_or_zero_occ_residues.auth_seq_id 
_pdbx_unobs_or_zero_occ_residues.PDB_ins_code 
_pdbx_unobs_or_zero_occ_residues.label_asym_id 
_pdbx_unobs_or_zero_occ_residues.label_comp_id 
_pdbx_unobs_or_zero_occ_residues.label_seq_id 
1  1 Y 1 A MET -11 ? A MET 1   
2  1 Y 1 A THR -10 ? A THR 2   
3  1 Y 1 A THR -9  ? A THR 3   
4  1 Y 1 A SER -8  ? A SER 4   
5  1 Y 1 A ALA -7  ? A ALA 5   
6  1 Y 1 A ALA -6  ? A ALA 6   
7  1 Y 1 A SER -5  ? A SER 7   
8  1 Y 1 A GLN -4  ? A GLN 8   
9  1 Y 1 A ALA -3  ? A ALA 9   
10 1 Y 1 A SER -2  ? A SER 10  
11 1 Y 1 A LEU -1  ? A LEU 11  
12 1 Y 1 A PRO 0   ? A PRO 12  
13 1 Y 1 A MET 1   ? A MET 13  
14 1 Y 1 A THR 2   ? A THR 14  
15 1 Y 1 A THR 3   ? A THR 15  
16 1 Y 1 A SER 4   ? A SER 16  
17 1 Y 1 A ALA 5   ? A ALA 17  
18 1 Y 1 A ALA 6   ? A ALA 18  
19 1 Y 1 A SER 7   ? A SER 19  
20 1 Y 1 A GLN 8   ? A GLN 20  
21 1 Y 1 A ALA 9   ? A ALA 21  
22 1 Y 1 A SER 10  ? A SER 22  
23 1 Y 1 A LEU 11  ? A LEU 23  
24 1 Y 1 A PRO 12  ? A PRO 24  
25 1 Y 1 A ARG 13  ? A ARG 25  
26 1 Y 1 A GLY 14  ? A GLY 26  
27 1 Y 1 A ARG 15  ? A ARG 27  
28 1 Y 1 A ARG 16  ? A ARG 28  
29 1 Y 1 A THR 17  ? A THR 29  
30 1 Y 1 A ALA 18  ? A ALA 30  
31 1 Y 1 A ARG 19  ? A ARG 31  
32 1 Y 1 A PRO 20  ? A PRO 32  
33 1 Y 1 A SER 21  ? A SER 33  
34 1 Y 1 A GLY 22  ? A GLY 34  
35 1 Y 1 A ASP 23  ? A ASP 35  
36 1 Y 1 A ASP 24  ? A ASP 36  
37 1 Y 1 A ASN 215 ? A ASN 227 
38 1 Y 1 A ARG 216 ? A ARG 228 
# 
loop_
_chem_comp_atom.comp_id 
_chem_comp_atom.atom_id 
_chem_comp_atom.type_symbol 
_chem_comp_atom.pdbx_aromatic_flag 
_chem_comp_atom.pdbx_stereo_config 
_chem_comp_atom.pdbx_ordinal 
ALA N    N N N 1   
ALA CA   C N S 2   
ALA C    C N N 3   
ALA O    O N N 4   
ALA CB   C N N 5   
ALA OXT  O N N 6   
ALA H    H N N 7   
ALA H2   H N N 8   
ALA HA   H N N 9   
ALA HB1  H N N 10  
ALA HB2  H N N 11  
ALA HB3  H N N 12  
ALA HXT  H N N 13  
ARG N    N N N 14  
ARG CA   C N S 15  
ARG C    C N N 16  
ARG O    O N N 17  
ARG CB   C N N 18  
ARG CG   C N N 19  
ARG CD   C N N 20  
ARG NE   N N N 21  
ARG CZ   C N N 22  
ARG NH1  N N N 23  
ARG NH2  N N N 24  
ARG OXT  O N N 25  
ARG H    H N N 26  
ARG H2   H N N 27  
ARG HA   H N N 28  
ARG HB2  H N N 29  
ARG HB3  H N N 30  
ARG HG2  H N N 31  
ARG HG3  H N N 32  
ARG HD2  H N N 33  
ARG HD3  H N N 34  
ARG HE   H N N 35  
ARG HH11 H N N 36  
ARG HH12 H N N 37  
ARG HH21 H N N 38  
ARG HH22 H N N 39  
ARG HXT  H N N 40  
ASN N    N N N 41  
ASN CA   C N S 42  
ASN C    C N N 43  
ASN O    O N N 44  
ASN CB   C N N 45  
ASN CG   C N N 46  
ASN OD1  O N N 47  
ASN ND2  N N N 48  
ASN OXT  O N N 49  
ASN H    H N N 50  
ASN H2   H N N 51  
ASN HA   H N N 52  
ASN HB2  H N N 53  
ASN HB3  H N N 54  
ASN HD21 H N N 55  
ASN HD22 H N N 56  
ASN HXT  H N N 57  
ASP N    N N N 58  
ASP CA   C N S 59  
ASP C    C N N 60  
ASP O    O N N 61  
ASP CB   C N N 62  
ASP CG   C N N 63  
ASP OD1  O N N 64  
ASP OD2  O N N 65  
ASP OXT  O N N 66  
ASP H    H N N 67  
ASP H2   H N N 68  
ASP HA   H N N 69  
ASP HB2  H N N 70  
ASP HB3  H N N 71  
ASP HD2  H N N 72  
ASP HXT  H N N 73  
GH8 N1   N N N 74  
GH8 C4   C N N 75  
GH8 C5   C N N 76  
GH8 C6   C N N 77  
GH8 C7   C N N 78  
GH8 C8   C N N 79  
GH8 C10  C N N 80  
GH8 C13  C Y N 81  
GH8 C15  C Y N 82  
GH8 C17  C Y N 83  
GH8 C20  C Y N 84  
GH8 C21  C Y N 85  
GH8 C22  C Y N 86  
GH8 C24  C N N 87  
GH8 C26  C Y N 88  
GH8 C28  C Y N 89  
GH8 C1   C N N 90  
GH8 C2   C N N 91  
GH8 C3   C N N 92  
GH8 C9   C N N 93  
GH8 O1   O N N 94  
GH8 C11  C Y N 95  
GH8 C12  C Y N 96  
GH8 C14  C Y N 97  
GH8 C16  C Y N 98  
GH8 O2   O N N 99  
GH8 C18  C Y N 100 
GH8 C19  C Y N 101 
GH8 C23  C N N 102 
GH8 O3   O N N 103 
GH8 N2   N N N 104 
GH8 C25  C Y N 105 
GH8 C27  C Y N 106 
GH8 C29  C Y N 107 
GH8 C30  C Y N 108 
GH8 H2   H N N 109 
GH8 H3   H N N 110 
GH8 H4   H N N 111 
GH8 H5   H N N 112 
GH8 H6   H N N 113 
GH8 H7   H N N 114 
GH8 H8   H N N 115 
GH8 H9   H N N 116 
GH8 H10  H N N 117 
GH8 H11  H N N 118 
GH8 H12  H N N 119 
GH8 H13  H N N 120 
GH8 H14  H N N 121 
GH8 H15  H N N 122 
GH8 H16  H N N 123 
GH8 H17  H N N 124 
GH8 H18  H N N 125 
GH8 H19  H N N 126 
GH8 H20  H N N 127 
GH8 H21  H N N 128 
GH8 H22  H N N 129 
GH8 H23  H N N 130 
GH8 H24  H N N 131 
GH8 H25  H N N 132 
GH8 H26  H N N 133 
GH8 H27  H N N 134 
GH8 H28  H N N 135 
GH8 H29  H N N 136 
GH8 H30  H N N 137 
GH8 H31  H N N 138 
GH8 H32  H N N 139 
GH8 H33  H N N 140 
GLN N    N N N 141 
GLN CA   C N S 142 
GLN C    C N N 143 
GLN O    O N N 144 
GLN CB   C N N 145 
GLN CG   C N N 146 
GLN CD   C N N 147 
GLN OE1  O N N 148 
GLN NE2  N N N 149 
GLN OXT  O N N 150 
GLN H    H N N 151 
GLN H2   H N N 152 
GLN HA   H N N 153 
GLN HB2  H N N 154 
GLN HB3  H N N 155 
GLN HG2  H N N 156 
GLN HG3  H N N 157 
GLN HE21 H N N 158 
GLN HE22 H N N 159 
GLN HXT  H N N 160 
GLU N    N N N 161 
GLU CA   C N S 162 
GLU C    C N N 163 
GLU O    O N N 164 
GLU CB   C N N 165 
GLU CG   C N N 166 
GLU CD   C N N 167 
GLU OE1  O N N 168 
GLU OE2  O N N 169 
GLU OXT  O N N 170 
GLU H    H N N 171 
GLU H2   H N N 172 
GLU HA   H N N 173 
GLU HB2  H N N 174 
GLU HB3  H N N 175 
GLU HG2  H N N 176 
GLU HG3  H N N 177 
GLU HE2  H N N 178 
GLU HXT  H N N 179 
GLY N    N N N 180 
GLY CA   C N N 181 
GLY C    C N N 182 
GLY O    O N N 183 
GLY OXT  O N N 184 
GLY H    H N N 185 
GLY H2   H N N 186 
GLY HA2  H N N 187 
GLY HA3  H N N 188 
GLY HXT  H N N 189 
HIS N    N N N 190 
HIS CA   C N S 191 
HIS C    C N N 192 
HIS O    O N N 193 
HIS CB   C N N 194 
HIS CG   C Y N 195 
HIS ND1  N Y N 196 
HIS CD2  C Y N 197 
HIS CE1  C Y N 198 
HIS NE2  N Y N 199 
HIS OXT  O N N 200 
HIS H    H N N 201 
HIS H2   H N N 202 
HIS HA   H N N 203 
HIS HB2  H N N 204 
HIS HB3  H N N 205 
HIS HD1  H N N 206 
HIS HD2  H N N 207 
HIS HE1  H N N 208 
HIS HE2  H N N 209 
HIS HXT  H N N 210 
HOH O    O N N 211 
HOH H1   H N N 212 
HOH H2   H N N 213 
ILE N    N N N 214 
ILE CA   C N S 215 
ILE C    C N N 216 
ILE O    O N N 217 
ILE CB   C N S 218 
ILE CG1  C N N 219 
ILE CG2  C N N 220 
ILE CD1  C N N 221 
ILE OXT  O N N 222 
ILE H    H N N 223 
ILE H2   H N N 224 
ILE HA   H N N 225 
ILE HB   H N N 226 
ILE HG12 H N N 227 
ILE HG13 H N N 228 
ILE HG21 H N N 229 
ILE HG22 H N N 230 
ILE HG23 H N N 231 
ILE HD11 H N N 232 
ILE HD12 H N N 233 
ILE HD13 H N N 234 
ILE HXT  H N N 235 
LEU N    N N N 236 
LEU CA   C N S 237 
LEU C    C N N 238 
LEU O    O N N 239 
LEU CB   C N N 240 
LEU CG   C N N 241 
LEU CD1  C N N 242 
LEU CD2  C N N 243 
LEU OXT  O N N 244 
LEU H    H N N 245 
LEU H2   H N N 246 
LEU HA   H N N 247 
LEU HB2  H N N 248 
LEU HB3  H N N 249 
LEU HG   H N N 250 
LEU HD11 H N N 251 
LEU HD12 H N N 252 
LEU HD13 H N N 253 
LEU HD21 H N N 254 
LEU HD22 H N N 255 
LEU HD23 H N N 256 
LEU HXT  H N N 257 
LYS N    N N N 258 
LYS CA   C N S 259 
LYS C    C N N 260 
LYS O    O N N 261 
LYS CB   C N N 262 
LYS CG   C N N 263 
LYS CD   C N N 264 
LYS CE   C N N 265 
LYS NZ   N N N 266 
LYS OXT  O N N 267 
LYS H    H N N 268 
LYS H2   H N N 269 
LYS HA   H N N 270 
LYS HB2  H N N 271 
LYS HB3  H N N 272 
LYS HG2  H N N 273 
LYS HG3  H N N 274 
LYS HD2  H N N 275 
LYS HD3  H N N 276 
LYS HE2  H N N 277 
LYS HE3  H N N 278 
LYS HZ1  H N N 279 
LYS HZ2  H N N 280 
LYS HZ3  H N N 281 
LYS HXT  H N N 282 
MET N    N N N 283 
MET CA   C N S 284 
MET C    C N N 285 
MET O    O N N 286 
MET CB   C N N 287 
MET CG   C N N 288 
MET SD   S N N 289 
MET CE   C N N 290 
MET OXT  O N N 291 
MET H    H N N 292 
MET H2   H N N 293 
MET HA   H N N 294 
MET HB2  H N N 295 
MET HB3  H N N 296 
MET HG2  H N N 297 
MET HG3  H N N 298 
MET HE1  H N N 299 
MET HE2  H N N 300 
MET HE3  H N N 301 
MET HXT  H N N 302 
PHE N    N N N 303 
PHE CA   C N S 304 
PHE C    C N N 305 
PHE O    O N N 306 
PHE CB   C N N 307 
PHE CG   C Y N 308 
PHE CD1  C Y N 309 
PHE CD2  C Y N 310 
PHE CE1  C Y N 311 
PHE CE2  C Y N 312 
PHE CZ   C Y N 313 
PHE OXT  O N N 314 
PHE H    H N N 315 
PHE H2   H N N 316 
PHE HA   H N N 317 
PHE HB2  H N N 318 
PHE HB3  H N N 319 
PHE HD1  H N N 320 
PHE HD2  H N N 321 
PHE HE1  H N N 322 
PHE HE2  H N N 323 
PHE HZ   H N N 324 
PHE HXT  H N N 325 
PRO N    N N N 326 
PRO CA   C N S 327 
PRO C    C N N 328 
PRO O    O N N 329 
PRO CB   C N N 330 
PRO CG   C N N 331 
PRO CD   C N N 332 
PRO OXT  O N N 333 
PRO H    H N N 334 
PRO HA   H N N 335 
PRO HB2  H N N 336 
PRO HB3  H N N 337 
PRO HG2  H N N 338 
PRO HG3  H N N 339 
PRO HD2  H N N 340 
PRO HD3  H N N 341 
PRO HXT  H N N 342 
SER N    N N N 343 
SER CA   C N S 344 
SER C    C N N 345 
SER O    O N N 346 
SER CB   C N N 347 
SER OG   O N N 348 
SER OXT  O N N 349 
SER H    H N N 350 
SER H2   H N N 351 
SER HA   H N N 352 
SER HB2  H N N 353 
SER HB3  H N N 354 
SER HG   H N N 355 
SER HXT  H N N 356 
THR N    N N N 357 
THR CA   C N S 358 
THR C    C N N 359 
THR O    O N N 360 
THR CB   C N R 361 
THR OG1  O N N 362 
THR CG2  C N N 363 
THR OXT  O N N 364 
THR H    H N N 365 
THR H2   H N N 366 
THR HA   H N N 367 
THR HB   H N N 368 
THR HG1  H N N 369 
THR HG21 H N N 370 
THR HG22 H N N 371 
THR HG23 H N N 372 
THR HXT  H N N 373 
TRP N    N N N 374 
TRP CA   C N S 375 
TRP C    C N N 376 
TRP O    O N N 377 
TRP CB   C N N 378 
TRP CG   C Y N 379 
TRP CD1  C Y N 380 
TRP CD2  C Y N 381 
TRP NE1  N Y N 382 
TRP CE2  C Y N 383 
TRP CE3  C Y N 384 
TRP CZ2  C Y N 385 
TRP CZ3  C Y N 386 
TRP CH2  C Y N 387 
TRP OXT  O N N 388 
TRP H    H N N 389 
TRP H2   H N N 390 
TRP HA   H N N 391 
TRP HB2  H N N 392 
TRP HB3  H N N 393 
TRP HD1  H N N 394 
TRP HE1  H N N 395 
TRP HE3  H N N 396 
TRP HZ2  H N N 397 
TRP HZ3  H N N 398 
TRP HH2  H N N 399 
TRP HXT  H N N 400 
TYR N    N N N 401 
TYR CA   C N S 402 
TYR C    C N N 403 
TYR O    O N N 404 
TYR CB   C N N 405 
TYR CG   C Y N 406 
TYR CD1  C Y N 407 
TYR CD2  C Y N 408 
TYR CE1  C Y N 409 
TYR CE2  C Y N 410 
TYR CZ   C Y N 411 
TYR OH   O N N 412 
TYR OXT  O N N 413 
TYR H    H N N 414 
TYR H2   H N N 415 
TYR HA   H N N 416 
TYR HB2  H N N 417 
TYR HB3  H N N 418 
TYR HD1  H N N 419 
TYR HD2  H N N 420 
TYR HE1  H N N 421 
TYR HE2  H N N 422 
TYR HH   H N N 423 
TYR HXT  H N N 424 
VAL N    N N N 425 
VAL CA   C N S 426 
VAL C    C N N 427 
VAL O    O N N 428 
VAL CB   C N N 429 
VAL CG1  C N N 430 
VAL CG2  C N N 431 
VAL OXT  O N N 432 
VAL H    H N N 433 
VAL H2   H N N 434 
VAL HA   H N N 435 
VAL HB   H N N 436 
VAL HG11 H N N 437 
VAL HG12 H N N 438 
VAL HG13 H N N 439 
VAL HG21 H N N 440 
VAL HG22 H N N 441 
VAL HG23 H N N 442 
VAL HXT  H N N 443 
# 
loop_
_chem_comp_bond.comp_id 
_chem_comp_bond.atom_id_1 
_chem_comp_bond.atom_id_2 
_chem_comp_bond.value_order 
_chem_comp_bond.pdbx_aromatic_flag 
_chem_comp_bond.pdbx_stereo_config 
_chem_comp_bond.pdbx_ordinal 
ALA N   CA   sing N N 1   
ALA N   H    sing N N 2   
ALA N   H2   sing N N 3   
ALA CA  C    sing N N 4   
ALA CA  CB   sing N N 5   
ALA CA  HA   sing N N 6   
ALA C   O    doub N N 7   
ALA C   OXT  sing N N 8   
ALA CB  HB1  sing N N 9   
ALA CB  HB2  sing N N 10  
ALA CB  HB3  sing N N 11  
ALA OXT HXT  sing N N 12  
ARG N   CA   sing N N 13  
ARG N   H    sing N N 14  
ARG N   H2   sing N N 15  
ARG CA  C    sing N N 16  
ARG CA  CB   sing N N 17  
ARG CA  HA   sing N N 18  
ARG C   O    doub N N 19  
ARG C   OXT  sing N N 20  
ARG CB  CG   sing N N 21  
ARG CB  HB2  sing N N 22  
ARG CB  HB3  sing N N 23  
ARG CG  CD   sing N N 24  
ARG CG  HG2  sing N N 25  
ARG CG  HG3  sing N N 26  
ARG CD  NE   sing N N 27  
ARG CD  HD2  sing N N 28  
ARG CD  HD3  sing N N 29  
ARG NE  CZ   sing N N 30  
ARG NE  HE   sing N N 31  
ARG CZ  NH1  sing N N 32  
ARG CZ  NH2  doub N N 33  
ARG NH1 HH11 sing N N 34  
ARG NH1 HH12 sing N N 35  
ARG NH2 HH21 sing N N 36  
ARG NH2 HH22 sing N N 37  
ARG OXT HXT  sing N N 38  
ASN N   CA   sing N N 39  
ASN N   H    sing N N 40  
ASN N   H2   sing N N 41  
ASN CA  C    sing N N 42  
ASN CA  CB   sing N N 43  
ASN CA  HA   sing N N 44  
ASN C   O    doub N N 45  
ASN C   OXT  sing N N 46  
ASN CB  CG   sing N N 47  
ASN CB  HB2  sing N N 48  
ASN CB  HB3  sing N N 49  
ASN CG  OD1  doub N N 50  
ASN CG  ND2  sing N N 51  
ASN ND2 HD21 sing N N 52  
ASN ND2 HD22 sing N N 53  
ASN OXT HXT  sing N N 54  
ASP N   CA   sing N N 55  
ASP N   H    sing N N 56  
ASP N   H2   sing N N 57  
ASP CA  C    sing N N 58  
ASP CA  CB   sing N N 59  
ASP CA  HA   sing N N 60  
ASP C   O    doub N N 61  
ASP C   OXT  sing N N 62  
ASP CB  CG   sing N N 63  
ASP CB  HB2  sing N N 64  
ASP CB  HB3  sing N N 65  
ASP CG  OD1  doub N N 66  
ASP CG  OD2  sing N N 67  
ASP OD2 HD2  sing N N 68  
ASP OXT HXT  sing N N 69  
GH8 C29 C28  doub Y N 70  
GH8 C29 C30  sing Y N 71  
GH8 C28 C27  sing Y N 72  
GH8 C30 C25  doub Y N 73  
GH8 O3  C23  doub N N 74  
GH8 C27 C26  doub Y N 75  
GH8 C25 C26  sing Y N 76  
GH8 C25 C24  sing N N 77  
GH8 C21 C22  doub Y N 78  
GH8 C21 C20  sing Y N 79  
GH8 C23 C20  sing N N 80  
GH8 C23 N2   sing N N 81  
GH8 C22 C17  sing Y N 82  
GH8 O1  C10  doub N N 83  
GH8 C24 N2   sing N N 84  
GH8 C20 C19  doub Y N 85  
GH8 C5  C4   sing N N 86  
GH8 C5  C6   sing N N 87  
GH8 C4  N1   sing N N 88  
GH8 C10 C11  sing N N 89  
GH8 C10 C9   sing N N 90  
GH8 C12 C11  doub Y N 91  
GH8 C12 C13  sing Y N 92  
GH8 C3  C2   sing N N 93  
GH8 C17 C13  sing N N 94  
GH8 C17 C18  doub Y N 95  
GH8 C11 C16  sing Y N 96  
GH8 C9  C6   sing N N 97  
GH8 C19 C18  sing Y N 98  
GH8 C13 C14  doub Y N 99  
GH8 C6  C7   sing N N 100 
GH8 C6  O2   sing N N 101 
GH8 N1  C2   sing N N 102 
GH8 N1  C8   sing N N 103 
GH8 C2  C1   sing N N 104 
GH8 C16 O2   sing N N 105 
GH8 C16 C15  doub Y N 106 
GH8 C14 C15  sing Y N 107 
GH8 C7  C8   sing N N 108 
GH8 C4  H2   sing N N 109 
GH8 C4  H3   sing N N 110 
GH8 C5  H4   sing N N 111 
GH8 C5  H5   sing N N 112 
GH8 C7  H6   sing N N 113 
GH8 C7  H7   sing N N 114 
GH8 C8  H8   sing N N 115 
GH8 C8  H9   sing N N 116 
GH8 C15 H10  sing N N 117 
GH8 C21 H11  sing N N 118 
GH8 C22 H12  sing N N 119 
GH8 C24 H13  sing N N 120 
GH8 C24 H14  sing N N 121 
GH8 C26 H15  sing N N 122 
GH8 C28 H16  sing N N 123 
GH8 C1  H17  sing N N 124 
GH8 C1  H18  sing N N 125 
GH8 C1  H19  sing N N 126 
GH8 C2  H20  sing N N 127 
GH8 C3  H21  sing N N 128 
GH8 C3  H22  sing N N 129 
GH8 C3  H23  sing N N 130 
GH8 C9  H24  sing N N 131 
GH8 C9  H25  sing N N 132 
GH8 C12 H26  sing N N 133 
GH8 C14 H27  sing N N 134 
GH8 C18 H28  sing N N 135 
GH8 C19 H29  sing N N 136 
GH8 N2  H30  sing N N 137 
GH8 C27 H31  sing N N 138 
GH8 C29 H32  sing N N 139 
GH8 C30 H33  sing N N 140 
GLN N   CA   sing N N 141 
GLN N   H    sing N N 142 
GLN N   H2   sing N N 143 
GLN CA  C    sing N N 144 
GLN CA  CB   sing N N 145 
GLN CA  HA   sing N N 146 
GLN C   O    doub N N 147 
GLN C   OXT  sing N N 148 
GLN CB  CG   sing N N 149 
GLN CB  HB2  sing N N 150 
GLN CB  HB3  sing N N 151 
GLN CG  CD   sing N N 152 
GLN CG  HG2  sing N N 153 
GLN CG  HG3  sing N N 154 
GLN CD  OE1  doub N N 155 
GLN CD  NE2  sing N N 156 
GLN NE2 HE21 sing N N 157 
GLN NE2 HE22 sing N N 158 
GLN OXT HXT  sing N N 159 
GLU N   CA   sing N N 160 
GLU N   H    sing N N 161 
GLU N   H2   sing N N 162 
GLU CA  C    sing N N 163 
GLU CA  CB   sing N N 164 
GLU CA  HA   sing N N 165 
GLU C   O    doub N N 166 
GLU C   OXT  sing N N 167 
GLU CB  CG   sing N N 168 
GLU CB  HB2  sing N N 169 
GLU CB  HB3  sing N N 170 
GLU CG  CD   sing N N 171 
GLU CG  HG2  sing N N 172 
GLU CG  HG3  sing N N 173 
GLU CD  OE1  doub N N 174 
GLU CD  OE2  sing N N 175 
GLU OE2 HE2  sing N N 176 
GLU OXT HXT  sing N N 177 
GLY N   CA   sing N N 178 
GLY N   H    sing N N 179 
GLY N   H2   sing N N 180 
GLY CA  C    sing N N 181 
GLY CA  HA2  sing N N 182 
GLY CA  HA3  sing N N 183 
GLY C   O    doub N N 184 
GLY C   OXT  sing N N 185 
GLY OXT HXT  sing N N 186 
HIS N   CA   sing N N 187 
HIS N   H    sing N N 188 
HIS N   H2   sing N N 189 
HIS CA  C    sing N N 190 
HIS CA  CB   sing N N 191 
HIS CA  HA   sing N N 192 
HIS C   O    doub N N 193 
HIS C   OXT  sing N N 194 
HIS CB  CG   sing N N 195 
HIS CB  HB2  sing N N 196 
HIS CB  HB3  sing N N 197 
HIS CG  ND1  sing Y N 198 
HIS CG  CD2  doub Y N 199 
HIS ND1 CE1  doub Y N 200 
HIS ND1 HD1  sing N N 201 
HIS CD2 NE2  sing Y N 202 
HIS CD2 HD2  sing N N 203 
HIS CE1 NE2  sing Y N 204 
HIS CE1 HE1  sing N N 205 
HIS NE2 HE2  sing N N 206 
HIS OXT HXT  sing N N 207 
HOH O   H1   sing N N 208 
HOH O   H2   sing N N 209 
ILE N   CA   sing N N 210 
ILE N   H    sing N N 211 
ILE N   H2   sing N N 212 
ILE CA  C    sing N N 213 
ILE CA  CB   sing N N 214 
ILE CA  HA   sing N N 215 
ILE C   O    doub N N 216 
ILE C   OXT  sing N N 217 
ILE CB  CG1  sing N N 218 
ILE CB  CG2  sing N N 219 
ILE CB  HB   sing N N 220 
ILE CG1 CD1  sing N N 221 
ILE CG1 HG12 sing N N 222 
ILE CG1 HG13 sing N N 223 
ILE CG2 HG21 sing N N 224 
ILE CG2 HG22 sing N N 225 
ILE CG2 HG23 sing N N 226 
ILE CD1 HD11 sing N N 227 
ILE CD1 HD12 sing N N 228 
ILE CD1 HD13 sing N N 229 
ILE OXT HXT  sing N N 230 
LEU N   CA   sing N N 231 
LEU N   H    sing N N 232 
LEU N   H2   sing N N 233 
LEU CA  C    sing N N 234 
LEU CA  CB   sing N N 235 
LEU CA  HA   sing N N 236 
LEU C   O    doub N N 237 
LEU C   OXT  sing N N 238 
LEU CB  CG   sing N N 239 
LEU CB  HB2  sing N N 240 
LEU CB  HB3  sing N N 241 
LEU CG  CD1  sing N N 242 
LEU CG  CD2  sing N N 243 
LEU CG  HG   sing N N 244 
LEU CD1 HD11 sing N N 245 
LEU CD1 HD12 sing N N 246 
LEU CD1 HD13 sing N N 247 
LEU CD2 HD21 sing N N 248 
LEU CD2 HD22 sing N N 249 
LEU CD2 HD23 sing N N 250 
LEU OXT HXT  sing N N 251 
LYS N   CA   sing N N 252 
LYS N   H    sing N N 253 
LYS N   H2   sing N N 254 
LYS CA  C    sing N N 255 
LYS CA  CB   sing N N 256 
LYS CA  HA   sing N N 257 
LYS C   O    doub N N 258 
LYS C   OXT  sing N N 259 
LYS CB  CG   sing N N 260 
LYS CB  HB2  sing N N 261 
LYS CB  HB3  sing N N 262 
LYS CG  CD   sing N N 263 
LYS CG  HG2  sing N N 264 
LYS CG  HG3  sing N N 265 
LYS CD  CE   sing N N 266 
LYS CD  HD2  sing N N 267 
LYS CD  HD3  sing N N 268 
LYS CE  NZ   sing N N 269 
LYS CE  HE2  sing N N 270 
LYS CE  HE3  sing N N 271 
LYS NZ  HZ1  sing N N 272 
LYS NZ  HZ2  sing N N 273 
LYS NZ  HZ3  sing N N 274 
LYS OXT HXT  sing N N 275 
MET N   CA   sing N N 276 
MET N   H    sing N N 277 
MET N   H2   sing N N 278 
MET CA  C    sing N N 279 
MET CA  CB   sing N N 280 
MET CA  HA   sing N N 281 
MET C   O    doub N N 282 
MET C   OXT  sing N N 283 
MET CB  CG   sing N N 284 
MET CB  HB2  sing N N 285 
MET CB  HB3  sing N N 286 
MET CG  SD   sing N N 287 
MET CG  HG2  sing N N 288 
MET CG  HG3  sing N N 289 
MET SD  CE   sing N N 290 
MET CE  HE1  sing N N 291 
MET CE  HE2  sing N N 292 
MET CE  HE3  sing N N 293 
MET OXT HXT  sing N N 294 
PHE N   CA   sing N N 295 
PHE N   H    sing N N 296 
PHE N   H2   sing N N 297 
PHE CA  C    sing N N 298 
PHE CA  CB   sing N N 299 
PHE CA  HA   sing N N 300 
PHE C   O    doub N N 301 
PHE C   OXT  sing N N 302 
PHE CB  CG   sing N N 303 
PHE CB  HB2  sing N N 304 
PHE CB  HB3  sing N N 305 
PHE CG  CD1  doub Y N 306 
PHE CG  CD2  sing Y N 307 
PHE CD1 CE1  sing Y N 308 
PHE CD1 HD1  sing N N 309 
PHE CD2 CE2  doub Y N 310 
PHE CD2 HD2  sing N N 311 
PHE CE1 CZ   doub Y N 312 
PHE CE1 HE1  sing N N 313 
PHE CE2 CZ   sing Y N 314 
PHE CE2 HE2  sing N N 315 
PHE CZ  HZ   sing N N 316 
PHE OXT HXT  sing N N 317 
PRO N   CA   sing N N 318 
PRO N   CD   sing N N 319 
PRO N   H    sing N N 320 
PRO CA  C    sing N N 321 
PRO CA  CB   sing N N 322 
PRO CA  HA   sing N N 323 
PRO C   O    doub N N 324 
PRO C   OXT  sing N N 325 
PRO CB  CG   sing N N 326 
PRO CB  HB2  sing N N 327 
PRO CB  HB3  sing N N 328 
PRO CG  CD   sing N N 329 
PRO CG  HG2  sing N N 330 
PRO CG  HG3  sing N N 331 
PRO CD  HD2  sing N N 332 
PRO CD  HD3  sing N N 333 
PRO OXT HXT  sing N N 334 
SER N   CA   sing N N 335 
SER N   H    sing N N 336 
SER N   H2   sing N N 337 
SER CA  C    sing N N 338 
SER CA  CB   sing N N 339 
SER CA  HA   sing N N 340 
SER C   O    doub N N 341 
SER C   OXT  sing N N 342 
SER CB  OG   sing N N 343 
SER CB  HB2  sing N N 344 
SER CB  HB3  sing N N 345 
SER OG  HG   sing N N 346 
SER OXT HXT  sing N N 347 
THR N   CA   sing N N 348 
THR N   H    sing N N 349 
THR N   H2   sing N N 350 
THR CA  C    sing N N 351 
THR CA  CB   sing N N 352 
THR CA  HA   sing N N 353 
THR C   O    doub N N 354 
THR C   OXT  sing N N 355 
THR CB  OG1  sing N N 356 
THR CB  CG2  sing N N 357 
THR CB  HB   sing N N 358 
THR OG1 HG1  sing N N 359 
THR CG2 HG21 sing N N 360 
THR CG2 HG22 sing N N 361 
THR CG2 HG23 sing N N 362 
THR OXT HXT  sing N N 363 
TRP N   CA   sing N N 364 
TRP N   H    sing N N 365 
TRP N   H2   sing N N 366 
TRP CA  C    sing N N 367 
TRP CA  CB   sing N N 368 
TRP CA  HA   sing N N 369 
TRP C   O    doub N N 370 
TRP C   OXT  sing N N 371 
TRP CB  CG   sing N N 372 
TRP CB  HB2  sing N N 373 
TRP CB  HB3  sing N N 374 
TRP CG  CD1  doub Y N 375 
TRP CG  CD2  sing Y N 376 
TRP CD1 NE1  sing Y N 377 
TRP CD1 HD1  sing N N 378 
TRP CD2 CE2  doub Y N 379 
TRP CD2 CE3  sing Y N 380 
TRP NE1 CE2  sing Y N 381 
TRP NE1 HE1  sing N N 382 
TRP CE2 CZ2  sing Y N 383 
TRP CE3 CZ3  doub Y N 384 
TRP CE3 HE3  sing N N 385 
TRP CZ2 CH2  doub Y N 386 
TRP CZ2 HZ2  sing N N 387 
TRP CZ3 CH2  sing Y N 388 
TRP CZ3 HZ3  sing N N 389 
TRP CH2 HH2  sing N N 390 
TRP OXT HXT  sing N N 391 
TYR N   CA   sing N N 392 
TYR N   H    sing N N 393 
TYR N   H2   sing N N 394 
TYR CA  C    sing N N 395 
TYR CA  CB   sing N N 396 
TYR CA  HA   sing N N 397 
TYR C   O    doub N N 398 
TYR C   OXT  sing N N 399 
TYR CB  CG   sing N N 400 
TYR CB  HB2  sing N N 401 
TYR CB  HB3  sing N N 402 
TYR CG  CD1  doub Y N 403 
TYR CG  CD2  sing Y N 404 
TYR CD1 CE1  sing Y N 405 
TYR CD1 HD1  sing N N 406 
TYR CD2 CE2  doub Y N 407 
TYR CD2 HD2  sing N N 408 
TYR CE1 CZ   doub Y N 409 
TYR CE1 HE1  sing N N 410 
TYR CE2 CZ   sing Y N 411 
TYR CE2 HE2  sing N N 412 
TYR CZ  OH   sing N N 413 
TYR OH  HH   sing N N 414 
TYR OXT HXT  sing N N 415 
VAL N   CA   sing N N 416 
VAL N   H    sing N N 417 
VAL N   H2   sing N N 418 
VAL CA  C    sing N N 419 
VAL CA  CB   sing N N 420 
VAL CA  HA   sing N N 421 
VAL C   O    doub N N 422 
VAL C   OXT  sing N N 423 
VAL CB  CG1  sing N N 424 
VAL CB  CG2  sing N N 425 
VAL CB  HB   sing N N 426 
VAL CG1 HG11 sing N N 427 
VAL CG1 HG12 sing N N 428 
VAL CG1 HG13 sing N N 429 
VAL CG2 HG21 sing N N 430 
VAL CG2 HG22 sing N N 431 
VAL CG2 HG23 sing N N 432 
VAL OXT HXT  sing N N 433 
# 
_atom_sites.entry_id                    6HO5 
_atom_sites.fract_transf_matrix[1][1]   -0.00347263 
_atom_sites.fract_transf_matrix[1][2]   0.00326580 
_atom_sites.fract_transf_matrix[1][3]   -0.00676028 
_atom_sites.fract_transf_matrix[2][1]   -0.00100134 
_atom_sites.fract_transf_matrix[2][2]   0.00718039 
_atom_sites.fract_transf_matrix[2][3]   0.00398312 
_atom_sites.fract_transf_matrix[3][1]   0.02664425 
_atom_sites.fract_transf_matrix[3][2]   0.00891810 
_atom_sites.fract_transf_matrix[3][3]   -0.00937843 
_atom_sites.fract_transf_vector[1]      -0.139202 
_atom_sites.fract_transf_vector[2]      -0.282811 
_atom_sites.fract_transf_vector[3]      0.006016 
# 
loop_
_atom_type.symbol 
C 
N 
O 
S 
# 
loop_
_atom_site.group_PDB 
_atom_site.id 
_atom_site.type_symbol 
_atom_site.label_atom_id 
_atom_site.label_alt_id 
_atom_site.label_comp_id 
_atom_site.label_asym_id 
_atom_site.label_entity_id 
_atom_site.label_seq_id 
_atom_site.pdbx_PDB_ins_code 
_atom_site.Cartn_x 
_atom_site.Cartn_y 
_atom_site.Cartn_z 
_atom_site.occupancy 
_atom_site.B_iso_or_equiv 
_atom_site.pdbx_formal_charge 
_atom_site.auth_seq_id 
_atom_site.auth_comp_id 
_atom_site.auth_asym_id 
_atom_site.auth_atom_id 
_atom_site.pdbx_PDB_model_num 
ATOM   1    N N   . ARG A 1 37  ? 1.487   -23.273 -11.189 1.00 56.94 ? 25  ARG A N   1 
ATOM   2    C CA  . ARG A 1 37  ? 1.857   -23.839 -9.824  1.00 60.23 ? 25  ARG A CA  1 
ATOM   3    C C   . ARG A 1 37  ? 2.401   -22.713 -8.935  1.00 54.81 ? 25  ARG A C   1 
ATOM   4    O O   . ARG A 1 37  ? 2.081   -22.695 -7.743  1.00 52.91 ? 25  ARG A O   1 
ATOM   5    C CB  . ARG A 1 37  ? 2.880   -24.986 -9.902  1.00 61.03 ? 25  ARG A CB  1 
ATOM   6    C CG  . ARG A 1 37  ? 2.265   -26.360 -10.156 1.00 71.10 ? 25  ARG A CG  1 
ATOM   7    C CD  . ARG A 1 37  ? 3.195   -27.571 -10.026 1.00 76.11 ? 25  ARG A CD  1 
ATOM   8    N NE  . ARG A 1 37  ? 4.309   -27.598 -10.977 1.00 83.43 ? 25  ARG A NE  1 
ATOM   9    C CZ  . ARG A 1 37  ? 5.138   -28.627 -11.195 1.00 77.11 ? 25  ARG A CZ  1 
ATOM   10   N NH1 . ARG A 1 37  ? 4.996   -29.776 -10.553 1.00 71.27 ? 25  ARG A NH1 1 
ATOM   11   N NH2 . ARG A 1 37  ? 6.111   -28.501 -12.079 1.00 75.10 ? 25  ARG A NH2 1 
ATOM   12   N N   . GLU A 1 38  ? 3.217   -21.822 -9.492  1.00 55.15 ? 26  GLU A N   1 
ATOM   13   C CA  . GLU A 1 38  ? 3.690   -20.618 -8.771  1.00 55.62 ? 26  GLU A CA  1 
ATOM   14   C C   . GLU A 1 38  ? 2.444   -19.855 -8.296  1.00 52.57 ? 26  GLU A C   1 
ATOM   15   O O   . GLU A 1 38  ? 2.374   -19.557 -7.089  1.00 45.11 ? 26  GLU A O   1 
ATOM   16   C CB  . GLU A 1 38  ? 4.625   -19.788 -9.659  1.00 54.85 ? 26  GLU A CB  1 
ATOM   17   C CG  . GLU A 1 38  ? 5.300   -18.652 -8.908  1.00 56.39 ? 26  GLU A CG  1 
ATOM   18   C CD  . GLU A 1 38  ? 6.546   -18.073 -9.554  1.00 60.25 ? 26  GLU A CD  1 
ATOM   19   O OE1 . GLU A 1 38  ? 7.193   -18.792 -10.357 1.00 58.69 ? 26  GLU A OE1 1 
ATOM   20   O OE2 . GLU A 1 38  ? 6.864   -16.901 -9.247  1.00 58.67 ? 26  GLU A OE2 1 
ATOM   21   N N   . LEU A 1 39  ? 1.482   -19.629 -9.205  1.00 52.53 ? 27  LEU A N   1 
ATOM   22   C CA  . LEU A 1 39  ? 0.214   -18.875 -8.975  1.00 56.55 ? 27  LEU A CA  1 
ATOM   23   C C   . LEU A 1 39  ? -0.620  -19.565 -7.891  1.00 53.84 ? 27  LEU A C   1 
ATOM   24   O O   . LEU A 1 39  ? -1.262  -18.859 -7.072  1.00 50.34 ? 27  LEU A O   1 
ATOM   25   C CB  . LEU A 1 39  ? -0.579  -18.773 -10.283 1.00 57.58 ? 27  LEU A CB  1 
ATOM   26   C CG  . LEU A 1 39  ? 0.047   -17.888 -11.364 1.00 66.24 ? 27  LEU A CG  1 
ATOM   27   C CD1 . LEU A 1 39  ? -0.765  -17.952 -12.653 1.00 69.73 ? 27  LEU A CD1 1 
ATOM   28   C CD2 . LEU A 1 39  ? 0.180   -16.441 -10.894 1.00 64.19 ? 27  LEU A CD2 1 
ATOM   29   N N   . ALA A 1 40  ? -0.611  -20.896 -7.886  1.00 55.19 ? 28  ALA A N   1 
ATOM   30   C CA  . ALA A 1 40  ? -1.377  -21.724 -6.927  1.00 54.51 ? 28  ALA A CA  1 
ATOM   31   C C   . ALA A 1 40  ? -0.741  -21.599 -5.540  1.00 48.05 ? 28  ALA A C   1 
ATOM   32   O O   . ALA A 1 40  ? -1.503  -21.602 -4.550  1.00 48.05 ? 28  ALA A O   1 
ATOM   33   C CB  . ALA A 1 40  ? -1.442  -23.159 -7.399  1.00 58.48 ? 28  ALA A CB  1 
ATOM   34   N N   . ILE A 1 41  ? 0.595   -21.510 -5.456  1.00 41.10 ? 29  ILE A N   1 
ATOM   35   C CA  . ILE A 1 41  ? 1.292   -21.272 -4.155  1.00 39.30 ? 29  ILE A CA  1 
ATOM   36   C C   . ILE A 1 41  ? 0.879   -19.877 -3.659  1.00 37.90 ? 29  ILE A C   1 
ATOM   37   O O   . ILE A 1 41  ? 0.581   -19.731 -2.464  1.00 34.68 ? 29  ILE A O   1 
ATOM   38   C CB  . ILE A 1 41  ? 2.827   -21.372 -4.269  1.00 37.80 ? 29  ILE A CB  1 
ATOM   39   C CG1 . ILE A 1 41  ? 3.294   -22.781 -4.626  1.00 36.83 ? 29  ILE A CG1 1 
ATOM   40   C CG2 . ILE A 1 41  ? 3.489   -20.858 -2.991  1.00 34.75 ? 29  ILE A CG2 1 
ATOM   41   C CD1 . ILE A 1 41  ? 4.736   -22.848 -5.053  1.00 37.23 ? 29  ILE A CD1 1 
ATOM   42   N N   . LEU A 1 42  ? 0.929   -18.885 -4.551  1.00 37.93 ? 30  LEU A N   1 
ATOM   43   C CA  . LEU A 1 42  ? 0.624   -17.472 -4.216  1.00 41.17 ? 30  LEU A CA  1 
ATOM   44   C C   . LEU A 1 42  ? -0.825  -17.379 -3.718  1.00 42.51 ? 30  LEU A C   1 
ATOM   45   O O   . LEU A 1 42  ? -1.024  -16.838 -2.584  1.00 42.57 ? 30  LEU A O   1 
ATOM   46   C CB  . LEU A 1 42  ? 0.910   -16.589 -5.435  1.00 39.74 ? 30  LEU A CB  1 
ATOM   47   C CG  . LEU A 1 42  ? 2.398   -16.434 -5.760  1.00 41.19 ? 30  LEU A CG  1 
ATOM   48   C CD1 . LEU A 1 42  ? 2.623   -15.755 -7.107  1.00 39.12 ? 30  LEU A CD1 1 
ATOM   49   C CD2 . LEU A 1 42  ? 3.110   -15.672 -4.650  1.00 40.53 ? 30  LEU A CD2 1 
ATOM   50   N N   . ALA A 1 43  ? -1.774  -17.958 -4.463  1.00 39.83 ? 31  ALA A N   1 
ATOM   51   C CA  . ALA A 1 43  ? -3.223  -17.898 -4.141  1.00 42.33 ? 31  ALA A CA  1 
ATOM   52   C C   . ALA A 1 43  ? -3.487  -18.617 -2.815  1.00 41.66 ? 31  ALA A C   1 
ATOM   53   O O   . ALA A 1 43  ? -4.222  -18.070 -1.962  1.00 42.83 ? 31  ALA A O   1 
ATOM   54   C CB  . ALA A 1 43  ? -4.047  -18.483 -5.259  1.00 43.05 ? 31  ALA A CB  1 
ATOM   55   N N   . THR A 1 44  ? -2.884  -19.789 -2.633  1.00 40.39 ? 32  THR A N   1 
ATOM   56   C CA  . THR A 1 44  ? -3.000  -20.596 -1.395  1.00 40.59 ? 32  THR A CA  1 
ATOM   57   C C   . THR A 1 44  ? -2.542  -19.766 -0.189  1.00 41.50 ? 32  THR A C   1 
ATOM   58   O O   . THR A 1 44  ? -3.272  -19.740 0.825   1.00 43.47 ? 32  THR A O   1 
ATOM   59   C CB  . THR A 1 44  ? -2.178  -21.882 -1.492  1.00 39.54 ? 32  THR A CB  1 
ATOM   60   O OG1 . THR A 1 44  ? -2.756  -22.670 -2.536  1.00 36.75 ? 32  THR A OG1 1 
ATOM   61   C CG2 . THR A 1 44  ? -2.139  -22.623 -0.176  1.00 38.17 ? 32  THR A CG2 1 
ATOM   62   N N   . ALA A 1 45  ? -1.375  -19.126 -0.308  1.00 39.43 ? 33  ALA A N   1 
ATOM   63   C CA  . ALA A 1 45  ? -0.750  -18.287 0.739   1.00 38.75 ? 33  ALA A CA  1 
ATOM   64   C C   . ALA A 1 45  ? -1.660  -17.094 1.055   1.00 37.60 ? 33  ALA A C   1 
ATOM   65   O O   . ALA A 1 45  ? -1.895  -16.833 2.239   1.00 32.44 ? 33  ALA A O   1 
ATOM   66   C CB  . ALA A 1 45  ? 0.617   -17.836 0.282   1.00 41.60 ? 33  ALA A CB  1 
ATOM   67   N N   . GLU A 1 46  ? -2.162  -16.399 0.027   1.00 39.64 ? 34  GLU A N   1 
ATOM   68   C CA  . GLU A 1 46  ? -3.085  -15.255 0.229   1.00 41.48 ? 34  GLU A CA  1 
ATOM   69   C C   . GLU A 1 46  ? -4.324  -15.769 0.981   1.00 42.92 ? 34  GLU A C   1 
ATOM   70   O O   . GLU A 1 46  ? -4.695  -15.139 1.977   1.00 38.15 ? 34  GLU A O   1 
ATOM   71   C CB  . GLU A 1 46  ? -3.431  -14.570 -1.093  1.00 41.37 ? 34  GLU A CB  1 
ATOM   72   C CG  . GLU A 1 46  ? -4.144  -13.237 -0.891  1.00 44.80 ? 34  GLU A CG  1 
ATOM   73   C CD  . GLU A 1 46  ? -4.206  -12.336 -2.118  1.00 48.79 ? 34  GLU A CD  1 
ATOM   74   O OE1 . GLU A 1 46  ? -3.943  -12.840 -3.221  1.00 42.64 ? 34  GLU A OE1 1 
ATOM   75   O OE2 . GLU A 1 46  ? -4.503  -11.124 -1.963  1.00 52.31 ? 34  GLU A OE2 1 
ATOM   76   N N   . ASN A 1 47  ? -4.919  -16.880 0.529   1.00 47.71 ? 35  ASN A N   1 
ATOM   77   C CA  . ASN A 1 47  ? -6.084  -17.534 1.190   1.00 48.08 ? 35  ASN A CA  1 
ATOM   78   C C   . ASN A 1 47  ? -5.718  -17.855 2.644   1.00 45.25 ? 35  ASN A C   1 
ATOM   79   O O   . ASN A 1 47  ? -6.445  -17.435 3.559   1.00 46.84 ? 35  ASN A O   1 
ATOM   80   C CB  . ASN A 1 47  ? -6.555  -18.780 0.430   1.00 55.37 ? 35  ASN A CB  1 
ATOM   81   C CG  . ASN A 1 47  ? -7.560  -18.481 -0.665  1.00 61.49 ? 35  ASN A CG  1 
ATOM   82   O OD1 . ASN A 1 47  ? -8.659  -19.028 -0.653  1.00 72.52 ? 35  ASN A OD1 1 
ATOM   83   N ND2 . ASN A 1 47  ? -7.208  -17.627 -1.613  1.00 57.95 ? 35  ASN A ND2 1 
ATOM   84   N N   . LEU A 1 48  ? -4.605  -18.535 2.894   1.00 45.34 ? 36  LEU A N   1 
ATOM   85   C CA  . LEU A 1 48  ? -4.292  -18.960 4.287   1.00 46.10 ? 36  LEU A CA  1 
ATOM   86   C C   . LEU A 1 48  ? -4.030  -17.729 5.164   1.00 44.81 ? 36  LEU A C   1 
ATOM   87   O O   . LEU A 1 48  ? -4.251  -17.816 6.383   1.00 45.55 ? 36  LEU A O   1 
ATOM   88   C CB  . LEU A 1 48  ? -3.107  -19.930 4.295   1.00 45.24 ? 36  LEU A CB  1 
ATOM   89   C CG  . LEU A 1 48  ? -3.361  -21.310 3.678   1.00 47.50 ? 36  LEU A CG  1 
ATOM   90   C CD1 . LEU A 1 48  ? -2.217  -22.243 4.031   1.00 45.48 ? 36  LEU A CD1 1 
ATOM   91   C CD2 . LEU A 1 48  ? -4.696  -21.918 4.115   1.00 44.05 ? 36  LEU A CD2 1 
ATOM   92   N N   . LEU A 1 49  ? -3.561  -16.620 4.596   1.00 42.82 ? 37  LEU A N   1 
ATOM   93   C CA  . LEU A 1 49  ? -3.240  -15.419 5.415   1.00 41.41 ? 37  LEU A CA  1 
ATOM   94   C C   . LEU A 1 49  ? -4.529  -14.724 5.859   1.00 41.85 ? 37  LEU A C   1 
ATOM   95   O O   . LEU A 1 49  ? -4.463  -14.020 6.859   1.00 41.31 ? 37  LEU A O   1 
ATOM   96   C CB  . LEU A 1 49  ? -2.337  -14.467 4.641   1.00 36.53 ? 37  LEU A CB  1 
ATOM   97   C CG  . LEU A 1 49  ? -0.858  -14.803 4.718   1.00 35.20 ? 37  LEU A CG  1 
ATOM   98   C CD1 . LEU A 1 49  ? -0.088  -14.039 3.665   1.00 32.95 ? 37  LEU A CD1 1 
ATOM   99   C CD2 . LEU A 1 49  ? -0.309  -14.532 6.109   1.00 36.37 ? 37  LEU A CD2 1 
ATOM   100  N N   . GLU A 1 50  ? -5.656  -14.930 5.173   1.00 46.55 ? 38  GLU A N   1 
ATOM   101  C CA  . GLU A 1 50  ? -6.967  -14.404 5.641   1.00 50.88 ? 38  GLU A CA  1 
ATOM   102  C C   . GLU A 1 50  ? -7.277  -15.025 7.011   1.00 52.83 ? 38  GLU A C   1 
ATOM   103  O O   . GLU A 1 50  ? -7.664  -14.252 7.888   1.00 51.14 ? 38  GLU A O   1 
ATOM   104  C CB  . GLU A 1 50  ? -8.049  -14.598 4.579   1.00 58.66 ? 38  GLU A CB  1 
ATOM   105  C CG  . GLU A 1 50  ? -7.837  -13.711 3.352   1.00 68.70 ? 38  GLU A CG  1 
ATOM   106  C CD  . GLU A 1 50  ? -8.735  -13.991 2.152   1.00 77.44 ? 38  GLU A CD  1 
ATOM   107  O OE1 . GLU A 1 50  ? -8.190  -14.206 1.041   1.00 88.60 ? 38  GLU A OE1 1 
ATOM   108  O OE2 . GLU A 1 50  ? -9.973  -13.995 2.323   1.00 78.47 ? 38  GLU A OE2 1 
ATOM   109  N N   . ASP A 1 51  ? -6.973  -16.314 7.238   1.00 59.23 ? 39  ASP A N   1 
ATOM   110  C CA  . ASP A 1 51  ? -7.380  -17.066 8.464   1.00 64.57 ? 39  ASP A CA  1 
ATOM   111  C C   . ASP A 1 51  ? -6.329  -17.004 9.589   1.00 62.76 ? 39  ASP A C   1 
ATOM   112  O O   . ASP A 1 51  ? -6.745  -17.131 10.752  1.00 62.84 ? 39  ASP A O   1 
ATOM   113  C CB  . ASP A 1 51  ? -7.768  -18.514 8.138   1.00 70.40 ? 39  ASP A CB  1 
ATOM   114  C CG  . ASP A 1 51  ? -9.247  -18.681 7.790   1.00 80.69 ? 39  ASP A CG  1 
ATOM   115  O OD1 . ASP A 1 51  ? -9.987  -17.664 7.810   1.00 76.90 ? 39  ASP A OD1 1 
ATOM   116  O OD2 . ASP A 1 51  ? -9.661  -19.828 7.508   1.00 85.93 ? 39  ASP A OD2 1 
ATOM   117  N N   . ARG A 1 52  ? -5.032  -16.842 9.308   1.00 62.64 ? 40  ARG A N   1 
ATOM   118  C CA  . ARG A 1 52  ? -3.992  -16.895 10.378  1.00 58.67 ? 40  ARG A CA  1 
ATOM   119  C C   . ARG A 1 52  ? -2.671  -16.276 9.922   1.00 57.10 ? 40  ARG A C   1 
ATOM   120  O O   . ARG A 1 52  ? -2.463  -16.048 8.732   1.00 54.26 ? 40  ARG A O   1 
ATOM   121  C CB  . ARG A 1 52  ? -3.799  -18.345 10.829  1.00 65.35 ? 40  ARG A CB  1 
ATOM   122  C CG  . ARG A 1 52  ? -3.331  -19.320 9.758   1.00 65.65 ? 40  ARG A CG  1 
ATOM   123  C CD  . ARG A 1 52  ? -3.166  -20.666 10.443  1.00 70.01 ? 40  ARG A CD  1 
ATOM   124  N NE  . ARG A 1 52  ? -2.555  -21.722 9.650   1.00 68.63 ? 40  ARG A NE  1 
ATOM   125  C CZ  . ARG A 1 52  ? -3.166  -22.427 8.701   1.00 67.68 ? 40  ARG A CZ  1 
ATOM   126  N NH1 . ARG A 1 52  ? -4.420  -22.164 8.362   1.00 67.27 ? 40  ARG A NH1 1 
ATOM   127  N NH2 . ARG A 1 52  ? -2.502  -23.383 8.072   1.00 69.99 ? 40  ARG A NH2 1 
ATOM   128  N N   . PRO A 1 53  ? -1.754  -15.951 10.865  1.00 55.92 ? 41  PRO A N   1 
ATOM   129  C CA  . PRO A 1 53  ? -0.468  -15.341 10.522  1.00 56.85 ? 41  PRO A CA  1 
ATOM   130  C C   . PRO A 1 53  ? 0.518   -16.316 9.867   1.00 55.88 ? 41  PRO A C   1 
ATOM   131  O O   . PRO A 1 53  ? 0.288   -17.509 9.957   1.00 56.95 ? 41  PRO A O   1 
ATOM   132  C CB  . PRO A 1 53  ? 0.112   -14.858 11.865  1.00 61.22 ? 41  PRO A CB  1 
ATOM   133  C CG  . PRO A 1 53  ? -0.586  -15.711 12.916  1.00 61.05 ? 41  PRO A CG  1 
ATOM   134  C CD  . PRO A 1 53  ? -1.933  -16.085 12.322  1.00 60.47 ? 41  PRO A CD  1 
ATOM   135  N N   . LEU A 1 54  ? 1.582   -15.770 9.261   1.00 53.88 ? 42  LEU A N   1 
ATOM   136  C CA  . LEU A 1 54  ? 2.621   -16.509 8.491   1.00 56.15 ? 42  LEU A CA  1 
ATOM   137  C C   . LEU A 1 54  ? 3.332   -17.503 9.421   1.00 58.02 ? 42  LEU A C   1 
ATOM   138  O O   . LEU A 1 54  ? 3.490   -18.679 9.016   1.00 53.61 ? 42  LEU A O   1 
ATOM   139  C CB  . LEU A 1 54  ? 3.613   -15.510 7.876   1.00 54.16 ? 42  LEU A CB  1 
ATOM   140  C CG  . LEU A 1 54  ? 4.572   -16.073 6.820   1.00 50.50 ? 42  LEU A CG  1 
ATOM   141  C CD1 . LEU A 1 54  ? 3.819   -16.551 5.590   1.00 48.69 ? 42  LEU A CD1 1 
ATOM   142  C CD2 . LEU A 1 54  ? 5.625   -15.043 6.431   1.00 49.94 ? 42  LEU A CD2 1 
ATOM   143  N N   . ALA A 1 55  ? 3.719   -17.055 10.624  1.00 58.02 ? 43  ALA A N   1 
ATOM   144  C CA  . ALA A 1 55  ? 4.255   -17.899 11.723  1.00 58.36 ? 43  ALA A CA  1 
ATOM   145  C C   . ALA A 1 55  ? 3.453   -19.205 11.846  1.00 55.36 ? 43  ALA A C   1 
ATOM   146  O O   . ALA A 1 55  ? 4.079   -20.262 11.998  1.00 57.90 ? 43  ALA A O   1 
ATOM   147  C CB  . ALA A 1 55  ? 4.238   -17.128 13.023  1.00 59.49 ? 43  ALA A CB  1 
ATOM   148  N N   . ASP A 1 56  ? 2.120   -19.136 11.765  1.00 54.38 ? 44  ASP A N   1 
ATOM   149  C CA  . ASP A 1 56  ? 1.195   -20.280 11.981  1.00 52.27 ? 44  ASP A CA  1 
ATOM   150  C C   . ASP A 1 56  ? 0.884   -20.964 10.647  1.00 48.36 ? 44  ASP A C   1 
ATOM   151  O O   . ASP A 1 56  ? -0.001  -21.810 10.630  1.00 45.57 ? 44  ASP A O   1 
ATOM   152  C CB  . ASP A 1 56  ? -0.089  -19.826 12.687  1.00 57.36 ? 44  ASP A CB  1 
ATOM   153  C CG  . ASP A 1 56  ? 0.074   -19.392 14.142  1.00 59.92 ? 44  ASP A CG  1 
ATOM   154  O OD1 . ASP A 1 56  ? 1.144   -18.846 14.492  1.00 62.05 ? 44  ASP A OD1 1 
ATOM   155  O OD2 . ASP A 1 56  ? -0.881  -19.592 14.922  1.00 64.60 ? 44  ASP A OD2 1 
ATOM   156  N N   . ILE A 1 57  ? 1.556   -20.598 9.557   1.00 52.08 ? 45  ILE A N   1 
ATOM   157  C CA  . ILE A 1 57  ? 1.406   -21.281 8.235   1.00 52.15 ? 45  ILE A CA  1 
ATOM   158  C C   . ILE A 1 57  ? 2.720   -21.993 7.927   1.00 54.34 ? 45  ILE A C   1 
ATOM   159  O O   . ILE A 1 57  ? 3.789   -21.367 8.100   1.00 55.60 ? 45  ILE A O   1 
ATOM   160  C CB  . ILE A 1 57  ? 1.029   -20.305 7.109   1.00 48.75 ? 45  ILE A CB  1 
ATOM   161  C CG1 . ILE A 1 57  ? -0.292  -19.599 7.404   1.00 48.50 ? 45  ILE A CG1 1 
ATOM   162  C CG2 . ILE A 1 57  ? 0.991   -21.013 5.759   1.00 49.01 ? 45  ILE A CG2 1 
ATOM   163  C CD1 . ILE A 1 57  ? -0.495  -18.343 6.596   1.00 50.72 ? 45  ILE A CD1 1 
ATOM   164  N N   . SER A 1 58  ? 2.637   -23.251 7.501   1.00 53.44 ? 46  SER A N   1 
ATOM   165  C CA  . SER A 1 58  ? 3.825   -24.094 7.219   1.00 54.78 ? 46  SER A CA  1 
ATOM   166  C C   . SER A 1 58  ? 4.018   -24.177 5.708   1.00 52.72 ? 46  SER A C   1 
ATOM   167  O O   . SER A 1 58  ? 3.039   -23.978 4.964   1.00 52.92 ? 46  SER A O   1 
ATOM   168  C CB  . SER A 1 58  ? 3.696   -25.465 7.841   1.00 53.90 ? 46  SER A CB  1 
ATOM   169  O OG  . SER A 1 58  ? 2.825   -26.280 7.067   1.00 55.84 ? 46  SER A OG  1 
ATOM   170  N N   . VAL A 1 59  ? 5.244   -24.487 5.287   1.00 53.02 ? 47  VAL A N   1 
ATOM   171  C CA  . VAL A 1 59  ? 5.564   -24.844 3.877   1.00 50.77 ? 47  VAL A CA  1 
ATOM   172  C C   . VAL A 1 59  ? 4.657   -26.013 3.460   1.00 50.23 ? 47  VAL A C   1 
ATOM   173  O O   . VAL A 1 59  ? 4.129   -25.995 2.316   1.00 45.15 ? 47  VAL A O   1 
ATOM   174  C CB  . VAL A 1 59  ? 7.066   -25.147 3.724   1.00 52.10 ? 47  VAL A CB  1 
ATOM   175  C CG1 . VAL A 1 59  ? 7.397   -25.676 2.342   1.00 53.27 ? 47  VAL A CG1 1 
ATOM   176  C CG2 . VAL A 1 59  ? 7.910   -23.920 4.034   1.00 50.91 ? 47  VAL A CG2 1 
ATOM   177  N N   . ASP A 1 60  ? 4.428   -26.968 4.372   1.00 56.68 ? 48  ASP A N   1 
ATOM   178  C CA  . ASP A 1 60  ? 3.596   -28.175 4.107   1.00 60.65 ? 48  ASP A CA  1 
ATOM   179  C C   . ASP A 1 60  ? 2.174   -27.706 3.792   1.00 57.74 ? 48  ASP A C   1 
ATOM   180  O O   . ASP A 1 60  ? 1.605   -28.195 2.774   1.00 54.66 ? 48  ASP A O   1 
ATOM   181  C CB  . ASP A 1 60  ? 3.683   -29.192 5.256   1.00 61.71 ? 48  ASP A CB  1 
ATOM   182  C CG  . ASP A 1 60  ? 5.045   -29.870 5.394   1.00 65.72 ? 48  ASP A CG  1 
ATOM   183  O OD1 . ASP A 1 60  ? 5.725   -30.103 4.356   1.00 62.40 ? 48  ASP A OD1 1 
ATOM   184  O OD2 . ASP A 1 60  ? 5.428   -30.156 6.537   1.00 67.14 ? 48  ASP A OD2 1 
ATOM   185  N N   . ASP A 1 61  ? 1.662   -26.752 4.589   1.00 58.49 ? 49  ASP A N   1 
ATOM   186  C CA  . ASP A 1 61  ? 0.305   -26.151 4.437   1.00 54.40 ? 49  ASP A CA  1 
ATOM   187  C C   . ASP A 1 61  ? 0.209   -25.517 3.041   1.00 48.91 ? 49  ASP A C   1 
ATOM   188  O O   . ASP A 1 61  ? -0.806  -25.763 2.343   1.00 50.96 ? 49  ASP A O   1 
ATOM   189  C CB  . ASP A 1 61  ? -0.014  -25.153 5.559   1.00 53.67 ? 49  ASP A CB  1 
ATOM   190  C CG  . ASP A 1 61  ? -0.199  -25.736 6.958   1.00 54.60 ? 49  ASP A CG  1 
ATOM   191  O OD1 . ASP A 1 61  ? -1.086  -26.599 7.141   1.00 51.69 ? 49  ASP A OD1 1 
ATOM   192  O OD2 . ASP A 1 61  ? 0.520   -25.283 7.877   1.00 56.60 ? 49  ASP A OD2 1 
ATOM   193  N N   . LEU A 1 62  ? 1.250   -24.792 2.611   1.00 48.99 ? 50  LEU A N   1 
ATOM   194  C CA  . LEU A 1 62  ? 1.296   -24.069 1.305   1.00 46.10 ? 50  LEU A CA  1 
ATOM   195  C C   . LEU A 1 62  ? 1.365   -25.045 0.130   1.00 45.89 ? 50  LEU A C   1 
ATOM   196  O O   . LEU A 1 62  ? 0.659   -24.799 -0.878  1.00 43.26 ? 50  LEU A O   1 
ATOM   197  C CB  . LEU A 1 62  ? 2.512   -23.142 1.282   1.00 48.43 ? 50  LEU A CB  1 
ATOM   198  C CG  . LEU A 1 62  ? 2.406   -21.879 2.130   1.00 52.02 ? 50  LEU A CG  1 
ATOM   199  C CD1 . LEU A 1 62  ? 3.636   -21.010 1.928   1.00 54.01 ? 50  LEU A CD1 1 
ATOM   200  C CD2 . LEU A 1 62  ? 1.138   -21.089 1.809   1.00 50.30 ? 50  LEU A CD2 1 
ATOM   201  N N   . ALA A 1 63  ? 2.217   -26.074 0.247   1.00 47.40 ? 51  ALA A N   1 
ATOM   202  C CA  . ALA A 1 63  ? 2.401   -27.152 -0.755  1.00 50.92 ? 51  ALA A CA  1 
ATOM   203  C C   . ALA A 1 63  ? 1.106   -27.958 -0.887  1.00 48.60 ? 51  ALA A C   1 
ATOM   204  O O   . ALA A 1 63  ? 0.621   -28.137 -2.039  1.00 44.95 ? 51  ALA A O   1 
ATOM   205  C CB  . ALA A 1 63  ? 3.551   -28.036 -0.347  1.00 52.51 ? 51  ALA A CB  1 
ATOM   206  N N   . LYS A 1 64  ? 0.583   -28.441 0.248   1.00 50.81 ? 52  LYS A N   1 
ATOM   207  C CA  . LYS A 1 64  ? -0.720  -29.164 0.322   1.00 57.72 ? 52  LYS A CA  1 
ATOM   208  C C   . LYS A 1 64  ? -1.725  -28.376 -0.537  1.00 58.78 ? 52  LYS A C   1 
ATOM   209  O O   . LYS A 1 64  ? -2.165  -28.923 -1.566  1.00 54.65 ? 52  LYS A O   1 
ATOM   210  C CB  . LYS A 1 64  ? -1.126  -29.368 1.790   1.00 64.82 ? 52  LYS A CB  1 
ATOM   211  C CG  . LYS A 1 64  ? -2.537  -29.906 2.015   1.00 74.19 ? 52  LYS A CG  1 
ATOM   212  C CD  . LYS A 1 64  ? -2.684  -30.961 3.112   1.00 76.34 ? 52  LYS A CD  1 
ATOM   213  C CE  . LYS A 1 64  ? -3.997  -31.724 2.999   1.00 80.71 ? 52  LYS A CE  1 
ATOM   214  N NZ  . LYS A 1 64  ? -3.815  -33.200 3.004   1.00 79.66 ? 52  LYS A NZ  1 
ATOM   215  N N   . GLY A 1 65  ? -1.953  -27.095 -0.201  1.00 55.66 ? 53  GLY A N   1 
ATOM   216  C CA  . GLY A 1 65  ? -2.939  -26.206 -0.846  1.00 50.08 ? 53  GLY A CA  1 
ATOM   217  C C   . GLY A 1 65  ? -2.722  -26.030 -2.337  1.00 48.27 ? 53  GLY A C   1 
ATOM   218  O O   . GLY A 1 65  ? -3.728  -25.876 -3.051  1.00 43.78 ? 53  GLY A O   1 
ATOM   219  N N   . ALA A 1 66  ? -1.477  -26.006 -2.820  1.00 50.49 ? 54  ALA A N   1 
ATOM   220  C CA  . ALA A 1 66  ? -1.170  -25.792 -4.260  1.00 50.86 ? 54  ALA A CA  1 
ATOM   221  C C   . ALA A 1 66  ? -1.120  -27.130 -5.017  1.00 50.42 ? 54  ALA A C   1 
ATOM   222  O O   . ALA A 1 66  ? -0.949  -27.095 -6.253  1.00 51.23 ? 54  ALA A O   1 
ATOM   223  C CB  . ALA A 1 66  ? 0.116   -25.021 -4.411  1.00 53.97 ? 54  ALA A CB  1 
ATOM   224  N N   . GLY A 1 67  ? -1.270  -28.258 -4.314  1.00 51.48 ? 55  GLY A N   1 
ATOM   225  C CA  . GLY A 1 67  ? -1.377  -29.604 -4.920  1.00 52.26 ? 55  GLY A CA  1 
ATOM   226  C C   . GLY A 1 67  ? -0.024  -30.119 -5.391  1.00 48.47 ? 55  GLY A C   1 
ATOM   227  O O   . GLY A 1 67  ? 0.056   -30.647 -6.539  1.00 42.05 ? 55  GLY A O   1 
ATOM   228  N N   . ILE A 1 68  ? 0.992   -29.962 -4.533  1.00 41.91 ? 56  ILE A N   1 
ATOM   229  C CA  . ILE A 1 68  ? 2.432   -30.226 -4.824  1.00 41.92 ? 56  ILE A CA  1 
ATOM   230  C C   . ILE A 1 68  ? 3.111   -30.680 -3.531  1.00 41.22 ? 56  ILE A C   1 
ATOM   231  O O   . ILE A 1 68  ? 2.558   -30.426 -2.455  1.00 41.04 ? 56  ILE A O   1 
ATOM   232  C CB  . ILE A 1 68  ? 3.135   -28.974 -5.399  1.00 41.09 ? 56  ILE A CB  1 
ATOM   233  C CG1 . ILE A 1 68  ? 3.010   -27.764 -4.464  1.00 43.44 ? 56  ILE A CG1 1 
ATOM   234  C CG2 . ILE A 1 68  ? 2.618   -28.653 -6.787  1.00 41.52 ? 56  ILE A CG2 1 
ATOM   235  C CD1 . ILE A 1 68  ? 4.067   -26.711 -4.674  1.00 42.03 ? 56  ILE A CD1 1 
ATOM   236  N N   . SER A 1 69  ? 4.307   -31.263 -3.644  1.00 42.69 ? 57  SER A N   1 
ATOM   237  C CA  . SER A 1 69  ? 5.126   -31.754 -2.502  1.00 39.81 ? 57  SER A CA  1 
ATOM   238  C C   . SER A 1 69  ? 5.885   -30.591 -1.852  1.00 34.81 ? 57  SER A C   1 
ATOM   239  O O   . SER A 1 69  ? 6.057   -29.537 -2.478  1.00 31.56 ? 57  SER A O   1 
ATOM   240  C CB  . SER A 1 69  ? 6.074   -32.829 -2.968  1.00 40.38 ? 57  SER A CB  1 
ATOM   241  O OG  . SER A 1 69  ? 7.019   -32.301 -3.888  1.00 37.65 ? 57  SER A OG  1 
ATOM   242  N N   . ARG A 1 70  ? 6.342   -30.784 -0.625  1.00 35.28 ? 58  ARG A N   1 
ATOM   243  C CA  . ARG A 1 70  ? 7.278   -29.845 0.035   1.00 40.60 ? 58  ARG A CA  1 
ATOM   244  C C   . ARG A 1 70  ? 8.459   -29.574 -0.903  1.00 42.33 ? 58  ARG A C   1 
ATOM   245  O O   . ARG A 1 70  ? 8.727   -28.425 -1.250  1.00 44.76 ? 58  ARG A O   1 
ATOM   246  C CB  . ARG A 1 70  ? 7.700   -30.397 1.398   1.00 46.22 ? 58  ARG A CB  1 
ATOM   247  C CG  . ARG A 1 70  ? 8.308   -29.351 2.318   1.00 53.44 ? 58  ARG A CG  1 
ATOM   248  C CD  . ARG A 1 70  ? 9.341   -29.908 3.268   1.00 56.49 ? 58  ARG A CD  1 
ATOM   249  N NE  . ARG A 1 70  ? 8.772   -30.966 4.077   1.00 62.06 ? 58  ARG A NE  1 
ATOM   250  C CZ  . ARG A 1 70  ? 9.268   -31.396 5.227   1.00 69.60 ? 58  ARG A CZ  1 
ATOM   251  N NH1 . ARG A 1 70  ? 8.656   -32.374 5.871   1.00 72.42 ? 58  ARG A NH1 1 
ATOM   252  N NH2 . ARG A 1 70  ? 10.349  -30.840 5.747   1.00 72.81 ? 58  ARG A NH2 1 
ATOM   253  N N   . PRO A 1 71  ? 9.200   -30.598 -1.381  1.00 38.95 ? 59  PRO A N   1 
ATOM   254  C CA  . PRO A 1 71  ? 10.355  -30.343 -2.242  1.00 40.48 ? 59  PRO A CA  1 
ATOM   255  C C   . PRO A 1 71  ? 10.023  -29.575 -3.535  1.00 38.36 ? 59  PRO A C   1 
ATOM   256  O O   . PRO A 1 71  ? 10.830  -28.772 -3.945  1.00 35.63 ? 59  PRO A O   1 
ATOM   257  C CB  . PRO A 1 71  ? 10.923  -31.741 -2.550  1.00 40.70 ? 59  PRO A CB  1 
ATOM   258  C CG  . PRO A 1 71  ? 9.820   -32.719 -2.170  1.00 39.46 ? 59  PRO A CG  1 
ATOM   259  C CD  . PRO A 1 71  ? 9.012   -32.027 -1.095  1.00 39.57 ? 59  PRO A CD  1 
ATOM   260  N N   . THR A 1 72  ? 8.866   -29.817 -4.151  1.00 36.13 ? 60  THR A N   1 
ATOM   261  C CA  . THR A 1 72  ? 8.455   -29.100 -5.387  1.00 36.35 ? 60  THR A CA  1 
ATOM   262  C C   . THR A 1 72  ? 8.203   -27.613 -5.046  1.00 37.91 ? 60  THR A C   1 
ATOM   263  O O   . THR A 1 72  ? 8.630   -26.750 -5.836  1.00 33.00 ? 60  THR A O   1 
ATOM   264  C CB  . THR A 1 72  ? 7.284   -29.806 -6.070  1.00 35.46 ? 60  THR A CB  1 
ATOM   265  O OG1 . THR A 1 72  ? 7.676   -31.120 -6.468  1.00 38.73 ? 60  THR A OG1 1 
ATOM   266  C CG2 . THR A 1 72  ? 6.819   -29.075 -7.308  1.00 39.19 ? 60  THR A CG2 1 
ATOM   267  N N   . PHE A 1 73  ? 7.589   -27.313 -3.896  1.00 35.50 ? 61  PHE A N   1 
ATOM   268  C CA  . PHE A 1 73  ? 7.422   -25.925 -3.391  1.00 39.42 ? 61  PHE A CA  1 
ATOM   269  C C   . PHE A 1 73  ? 8.772   -25.187 -3.425  1.00 43.73 ? 61  PHE A C   1 
ATOM   270  O O   . PHE A 1 73  ? 8.819   -24.027 -3.892  1.00 45.76 ? 61  PHE A O   1 
ATOM   271  C CB  . PHE A 1 73  ? 6.847   -25.911 -1.970  1.00 38.93 ? 61  PHE A CB  1 
ATOM   272  C CG  . PHE A 1 73  ? 6.936   -24.578 -1.275  1.00 40.95 ? 61  PHE A CG  1 
ATOM   273  C CD1 . PHE A 1 73  ? 8.069   -24.222 -0.559  1.00 44.84 ? 61  PHE A CD1 1 
ATOM   274  C CD2 . PHE A 1 73  ? 5.903   -23.652 -1.374  1.00 44.62 ? 61  PHE A CD2 1 
ATOM   275  C CE1 . PHE A 1 73  ? 8.159   -22.982 0.066   1.00 48.26 ? 61  PHE A CE1 1 
ATOM   276  C CE2 . PHE A 1 73  ? 5.991   -22.414 -0.750  1.00 42.86 ? 61  PHE A CE2 1 
ATOM   277  C CZ  . PHE A 1 73  ? 7.116   -22.082 -0.027  1.00 45.67 ? 61  PHE A CZ  1 
ATOM   278  N N   . TYR A 1 74  ? 9.838   -25.827 -2.924  1.00 43.92 ? 62  TYR A N   1 
ATOM   279  C CA  . TYR A 1 74  ? 11.173  -25.215 -2.721  1.00 39.90 ? 62  TYR A CA  1 
ATOM   280  C C   . TYR A 1 74  ? 11.874  -24.982 -4.051  1.00 38.34 ? 62  TYR A C   1 
ATOM   281  O O   . TYR A 1 74  ? 12.823  -24.208 -4.069  1.00 42.95 ? 62  TYR A O   1 
ATOM   282  C CB  . TYR A 1 74  ? 12.051  -26.077 -1.831  1.00 41.26 ? 62  TYR A CB  1 
ATOM   283  C CG  . TYR A 1 74  ? 11.788  -25.873 -0.373  1.00 45.33 ? 62  TYR A CG  1 
ATOM   284  C CD1 . TYR A 1 74  ? 11.895  -24.614 0.194   1.00 46.09 ? 62  TYR A CD1 1 
ATOM   285  C CD2 . TYR A 1 74  ? 11.470  -26.936 0.450   1.00 47.16 ? 62  TYR A CD2 1 
ATOM   286  C CE1 . TYR A 1 74  ? 11.672  -24.414 1.548   1.00 47.67 ? 62  TYR A CE1 1 
ATOM   287  C CE2 . TYR A 1 74  ? 11.251  -26.751 1.807   1.00 49.01 ? 62  TYR A CE2 1 
ATOM   288  C CZ  . TYR A 1 74  ? 11.353  -25.486 2.358   1.00 45.75 ? 62  TYR A CZ  1 
ATOM   289  O OH  . TYR A 1 74  ? 11.135  -25.291 3.687   1.00 49.31 ? 62  TYR A OH  1 
ATOM   290  N N   . PHE A 1 75  ? 11.423  -25.626 -5.118  1.00 38.60 ? 63  PHE A N   1 
ATOM   291  C CA  . PHE A 1 75  ? 11.871  -25.286 -6.485  1.00 42.46 ? 63  PHE A CA  1 
ATOM   292  C C   . PHE A 1 75  ? 11.414  -23.854 -6.808  1.00 41.89 ? 63  PHE A C   1 
ATOM   293  O O   . PHE A 1 75  ? 12.173  -23.101 -7.418  1.00 48.37 ? 63  PHE A O   1 
ATOM   294  C CB  . PHE A 1 75  ? 11.376  -26.326 -7.495  1.00 41.11 ? 63  PHE A CB  1 
ATOM   295  C CG  . PHE A 1 75  ? 11.868  -26.064 -8.894  1.00 45.38 ? 63  PHE A CG  1 
ATOM   296  C CD1 . PHE A 1 75  ? 13.203  -26.256 -9.222  1.00 49.31 ? 63  PHE A CD1 1 
ATOM   297  C CD2 . PHE A 1 75  ? 11.004  -25.594 -9.876  1.00 46.81 ? 63  PHE A CD2 1 
ATOM   298  C CE1 . PHE A 1 75  ? 13.657  -25.987 -10.507 1.00 50.97 ? 63  PHE A CE1 1 
ATOM   299  C CE2 . PHE A 1 75  ? 11.457  -25.332 -11.162 1.00 47.38 ? 63  PHE A CE2 1 
ATOM   300  C CZ  . PHE A 1 75  ? 12.784  -25.519 -11.473 1.00 51.57 ? 63  PHE A CZ  1 
ATOM   301  N N   . TYR A 1 76  ? 10.190  -23.491 -6.429  1.00 43.57 ? 64  TYR A N   1 
ATOM   302  C CA  . TYR A 1 76  ? 9.532   -22.222 -6.848  1.00 41.24 ? 64  TYR A CA  1 
ATOM   303  C C   . TYR A 1 76  ? 9.919   -21.079 -5.909  1.00 36.06 ? 64  TYR A C   1 
ATOM   304  O O   . TYR A 1 76  ? 9.994   -19.959 -6.395  1.00 33.05 ? 64  TYR A O   1 
ATOM   305  C CB  . TYR A 1 76  ? 8.017   -22.405 -6.923  1.00 41.73 ? 64  TYR A CB  1 
ATOM   306  C CG  . TYR A 1 76  ? 7.613   -23.239 -8.109  1.00 43.92 ? 64  TYR A CG  1 
ATOM   307  C CD1 . TYR A 1 76  ? 7.478   -22.671 -9.368  1.00 45.91 ? 64  TYR A CD1 1 
ATOM   308  C CD2 . TYR A 1 76  ? 7.416   -24.602 -7.983  1.00 40.06 ? 64  TYR A CD2 1 
ATOM   309  C CE1 . TYR A 1 76  ? 7.139   -23.440 -10.471 1.00 45.22 ? 64  TYR A CE1 1 
ATOM   310  C CE2 . TYR A 1 76  ? 7.089   -25.388 -9.072  1.00 42.81 ? 64  TYR A CE2 1 
ATOM   311  C CZ  . TYR A 1 76  ? 6.945   -24.801 -10.315 1.00 45.20 ? 64  TYR A CZ  1 
ATOM   312  O OH  . TYR A 1 76  ? 6.621   -25.574 -11.380 1.00 50.75 ? 64  TYR A OH  1 
ATOM   313  N N   . PHE A 1 77  ? 10.165  -21.369 -4.631  1.00 33.22 ? 65  PHE A N   1 
ATOM   314  C CA  . PHE A 1 77  ? 10.326  -20.365 -3.556  1.00 36.35 ? 65  PHE A CA  1 
ATOM   315  C C   . PHE A 1 77  ? 11.306  -20.903 -2.528  1.00 39.60 ? 65  PHE A C   1 
ATOM   316  O O   . PHE A 1 77  ? 11.224  -22.075 -2.156  1.00 41.21 ? 65  PHE A O   1 
ATOM   317  C CB  . PHE A 1 77  ? 8.975   -20.062 -2.899  1.00 40.67 ? 65  PHE A CB  1 
ATOM   318  C CG  . PHE A 1 77  ? 8.043   -19.253 -3.765  1.00 41.59 ? 65  PHE A CG  1 
ATOM   319  C CD1 . PHE A 1 77  ? 8.302   -17.916 -4.025  1.00 40.55 ? 65  PHE A CD1 1 
ATOM   320  C CD2 . PHE A 1 77  ? 6.924   -19.835 -4.339  1.00 42.89 ? 65  PHE A CD2 1 
ATOM   321  C CE1 . PHE A 1 77  ? 7.463   -17.179 -4.844  1.00 40.52 ? 65  PHE A CE1 1 
ATOM   322  C CE2 . PHE A 1 77  ? 6.086   -19.094 -5.158  1.00 41.73 ? 65  PHE A CE2 1 
ATOM   323  C CZ  . PHE A 1 77  ? 6.348   -17.766 -5.396  1.00 41.98 ? 65  PHE A CZ  1 
ATOM   324  N N   . PRO A 1 78  ? 12.296  -20.090 -2.094  1.00 40.42 ? 66  PRO A N   1 
ATOM   325  C CA  . PRO A 1 78  ? 13.211  -20.520 -1.041  1.00 38.72 ? 66  PRO A CA  1 
ATOM   326  C C   . PRO A 1 78  ? 12.579  -20.662 0.349   1.00 41.68 ? 66  PRO A C   1 
ATOM   327  O O   . PRO A 1 78  ? 13.186  -21.307 1.157   1.00 45.88 ? 66  PRO A O   1 
ATOM   328  C CB  . PRO A 1 78  ? 14.319  -19.455 -0.993  1.00 40.86 ? 66  PRO A CB  1 
ATOM   329  C CG  . PRO A 1 78  ? 13.930  -18.366 -1.991  1.00 40.14 ? 66  PRO A CG  1 
ATOM   330  C CD  . PRO A 1 78  ? 12.688  -18.819 -2.726  1.00 39.14 ? 66  PRO A CD  1 
ATOM   331  N N   . SER A 1 79  ? 11.413  -20.057 0.604   1.00 44.64 ? 67  SER A N   1 
ATOM   332  C CA  . SER A 1 79  ? 10.803  -19.976 1.963   1.00 45.25 ? 67  SER A CA  1 
ATOM   333  C C   . SER A 1 79  ? 9.352   -19.479 1.914   1.00 44.80 ? 67  SER A C   1 
ATOM   334  O O   . SER A 1 79  ? 8.922   -18.957 0.858   1.00 41.51 ? 67  SER A O   1 
ATOM   335  C CB  . SER A 1 79  ? 11.623  -19.070 2.832   1.00 48.12 ? 67  SER A CB  1 
ATOM   336  O OG  . SER A 1 79  ? 11.592  -17.746 2.322   1.00 49.68 ? 67  SER A OG  1 
ATOM   337  N N   . LYS A 1 80  ? 8.616   -19.597 3.026   1.00 44.78 ? 68  LYS A N   1 
ATOM   338  C CA  . LYS A 1 80  ? 7.245   -19.013 3.120   1.00 46.26 ? 68  LYS A CA  1 
ATOM   339  C C   . LYS A 1 80  ? 7.377   -17.482 3.181   1.00 42.33 ? 68  LYS A C   1 
ATOM   340  O O   . LYS A 1 80  ? 6.446   -16.802 2.739   1.00 42.06 ? 68  LYS A O   1 
ATOM   341  C CB  . LYS A 1 80  ? 6.459   -19.581 4.306   1.00 46.11 ? 68  LYS A CB  1 
ATOM   342  C CG  . LYS A 1 80  ? 7.034   -19.251 5.674   1.00 49.15 ? 68  LYS A CG  1 
ATOM   343  C CD  . LYS A 1 80  ? 6.271   -19.853 6.838   1.00 49.85 ? 68  LYS A CD  1 
ATOM   344  C CE  . LYS A 1 80  ? 6.823   -19.406 8.176   1.00 53.24 ? 68  LYS A CE  1 
ATOM   345  N NZ  . LYS A 1 80  ? 6.058   -19.978 9.308   1.00 55.68 ? 68  LYS A NZ  1 
ATOM   346  N N   . GLU A 1 81  ? 8.520   -16.976 3.652   1.00 43.93 ? 69  GLU A N   1 
ATOM   347  C CA  . GLU A 1 81  ? 8.868   -15.527 3.694   1.00 42.68 ? 69  GLU A CA  1 
ATOM   348  C C   . GLU A 1 81  ? 8.949   -14.995 2.260   1.00 42.80 ? 69  GLU A C   1 
ATOM   349  O O   . GLU A 1 81  ? 8.410   -13.916 1.989   1.00 46.81 ? 69  GLU A O   1 
ATOM   350  C CB  . GLU A 1 81  ? 10.183  -15.316 4.451   1.00 45.15 ? 69  GLU A CB  1 
ATOM   351  C CG  . GLU A 1 81  ? 10.089  -15.592 5.955   1.00 52.38 ? 69  GLU A CG  1 
ATOM   352  C CD  . GLU A 1 81  ? 10.194  -17.034 6.445   1.00 56.70 ? 69  GLU A CD  1 
ATOM   353  O OE1 . GLU A 1 81  ? 10.567  -17.932 5.655   1.00 62.62 ? 69  GLU A OE1 1 
ATOM   354  O OE2 . GLU A 1 81  ? 9.907   -17.261 7.636   1.00 66.29 ? 69  GLU A OE2 1 
ATOM   355  N N   . ALA A 1 82  ? 9.555   -15.750 1.349   1.00 42.02 ? 70  ALA A N   1 
ATOM   356  C CA  . ALA A 1 82  ? 9.772   -15.326 -0.051  1.00 38.87 ? 70  ALA A CA  1 
ATOM   357  C C   . ALA A 1 82  ? 8.414   -15.271 -0.756  1.00 38.35 ? 70  ALA A C   1 
ATOM   358  O O   . ALA A 1 82  ? 8.214   -14.451 -1.713  1.00 39.61 ? 70  ALA A O   1 
ATOM   359  C CB  . ALA A 1 82  ? 10.734  -16.280 -0.719  1.00 37.90 ? 70  ALA A CB  1 
ATOM   360  N N   . VAL A 1 83  ? 7.489   -16.121 -0.318  1.00 38.11 ? 71  VAL A N   1 
ATOM   361  C CA  . VAL A 1 83  ? 6.111   -16.153 -0.883  1.00 36.82 ? 71  VAL A CA  1 
ATOM   362  C C   . VAL A 1 83  ? 5.428   -14.827 -0.508  1.00 34.47 ? 71  VAL A C   1 
ATOM   363  O O   . VAL A 1 83  ? 4.902   -14.183 -1.419  1.00 33.13 ? 71  VAL A O   1 
ATOM   364  C CB  . VAL A 1 83  ? 5.334   -17.412 -0.444  1.00 38.09 ? 71  VAL A CB  1 
ATOM   365  C CG1 . VAL A 1 83  ? 3.858   -17.361 -0.828  1.00 39.77 ? 71  VAL A CG1 1 
ATOM   366  C CG2 . VAL A 1 83  ? 5.972   -18.666 -1.015  1.00 37.57 ? 71  VAL A CG2 1 
ATOM   367  N N   . LEU A 1 84  ? 5.478   -14.395 0.754   1.00 35.52 ? 72  LEU A N   1 
ATOM   368  C CA  . LEU A 1 84  ? 4.877   -13.095 1.186   1.00 38.61 ? 72  LEU A CA  1 
ATOM   369  C C   . LEU A 1 84  ? 5.524   -11.944 0.410   1.00 36.39 ? 72  LEU A C   1 
ATOM   370  O O   . LEU A 1 84  ? 4.786   -11.068 -0.079  1.00 38.38 ? 72  LEU A O   1 
ATOM   371  C CB  . LEU A 1 84  ? 5.064   -12.901 2.692   1.00 41.73 ? 72  LEU A CB  1 
ATOM   372  C CG  . LEU A 1 84  ? 4.597   -11.560 3.266   1.00 43.51 ? 72  LEU A CG  1 
ATOM   373  C CD1 . LEU A 1 84  ? 3.110   -11.351 3.039   1.00 44.19 ? 72  LEU A CD1 1 
ATOM   374  C CD2 . LEU A 1 84  ? 4.906   -11.473 4.757   1.00 42.88 ? 72  LEU A CD2 1 
ATOM   375  N N   . LEU A 1 85  ? 6.849   -11.961 0.274   1.00 36.59 ? 73  LEU A N   1 
ATOM   376  C CA  . LEU A 1 85  ? 7.614   -10.891 -0.414  1.00 35.35 ? 73  LEU A CA  1 
ATOM   377  C C   . LEU A 1 85  ? 7.071   -10.736 -1.829  1.00 33.91 ? 73  LEU A C   1 
ATOM   378  O O   . LEU A 1 85  ? 6.862   -9.587  -2.275  1.00 36.76 ? 73  LEU A O   1 
ATOM   379  C CB  . LEU A 1 85  ? 9.104   -11.236 -0.441  1.00 37.98 ? 73  LEU A CB  1 
ATOM   380  C CG  . LEU A 1 85  ? 9.975   -10.280 -1.251  1.00 39.76 ? 73  LEU A CG  1 
ATOM   381  C CD1 . LEU A 1 85  ? 9.882   -8.877  -0.672  1.00 42.37 ? 73  LEU A CD1 1 
ATOM   382  C CD2 . LEU A 1 85  ? 11.429  -10.749 -1.279  1.00 41.07 ? 73  LEU A CD2 1 
ATOM   383  N N   . THR A 1 86  ? 6.861   -11.846 -2.523  1.00 30.68 ? 74  THR A N   1 
ATOM   384  C CA  . THR A 1 86  ? 6.283   -11.822 -3.886  1.00 32.01 ? 74  THR A CA  1 
ATOM   385  C C   . THR A 1 86  ? 4.870   -11.241 -3.829  1.00 32.61 ? 74  THR A C   1 
ATOM   386  O O   . THR A 1 86  ? 4.571   -10.365 -4.649  1.00 33.40 ? 74  THR A O   1 
ATOM   387  C CB  . THR A 1 86  ? 6.301   -13.206 -4.540  1.00 32.08 ? 74  THR A CB  1 
ATOM   388  O OG1 . THR A 1 86  ? 7.605   -13.739 -4.302  1.00 33.22 ? 74  THR A OG1 1 
ATOM   389  C CG2 . THR A 1 86  ? 5.983   -13.150 -6.015  1.00 31.18 ? 74  THR A CG2 1 
ATOM   390  N N   . LEU A 1 87  ? 4.026   -11.688 -2.902  1.00 35.04 ? 75  LEU A N   1 
ATOM   391  C CA  . LEU A 1 87  ? 2.620   -11.197 -2.843  1.00 37.33 ? 75  LEU A CA  1 
ATOM   392  C C   . LEU A 1 87  ? 2.609   -9.688  -2.582  1.00 37.04 ? 75  LEU A C   1 
ATOM   393  O O   . LEU A 1 87  ? 1.826   -8.985  -3.258  1.00 41.27 ? 75  LEU A O   1 
ATOM   394  C CB  . LEU A 1 87  ? 1.845   -11.938 -1.755  1.00 36.34 ? 75  LEU A CB  1 
ATOM   395  C CG  . LEU A 1 87  ? 1.461   -13.364 -2.120  1.00 39.03 ? 75  LEU A CG  1 
ATOM   396  C CD1 . LEU A 1 87  ? 1.290   -14.196 -0.856  1.00 41.67 ? 75  LEU A CD1 1 
ATOM   397  C CD2 . LEU A 1 87  ? 0.209   -13.383 -3.000  1.00 37.85 ? 75  LEU A CD2 1 
ATOM   398  N N   . LEU A 1 88  ? 3.420   -9.211  -1.634  1.00 35.09 ? 76  LEU A N   1 
ATOM   399  C CA  . LEU A 1 88  ? 3.475   -7.767  -1.285  1.00 36.58 ? 76  LEU A CA  1 
ATOM   400  C C   . LEU A 1 88  ? 3.975   -6.988  -2.495  1.00 36.95 ? 76  LEU A C   1 
ATOM   401  O O   . LEU A 1 88  ? 3.516   -5.841  -2.714  1.00 37.30 ? 76  LEU A O   1 
ATOM   402  C CB  . LEU A 1 88  ? 4.404   -7.544  -0.096  1.00 38.38 ? 76  LEU A CB  1 
ATOM   403  C CG  . LEU A 1 88  ? 4.528   -6.087  0.333   1.00 37.36 ? 76  LEU A CG  1 
ATOM   404  C CD1 . LEU A 1 88  ? 3.166   -5.519  0.701   1.00 38.11 ? 76  LEU A CD1 1 
ATOM   405  C CD2 . LEU A 1 88  ? 5.494   -5.957  1.494   1.00 37.93 ? 76  LEU A CD2 1 
ATOM   406  N N   . ASP A 1 89  ? 4.870   -7.607  -3.261  1.00 37.89 ? 77  ASP A N   1 
ATOM   407  C CA  . ASP A 1 89  ? 5.470   -7.000  -4.475  1.00 37.98 ? 77  ASP A CA  1 
ATOM   408  C C   . ASP A 1 89  ? 4.370   -6.787  -5.518  1.00 34.48 ? 77  ASP A C   1 
ATOM   409  O O   . ASP A 1 89  ? 4.328   -5.705  -6.127  1.00 34.15 ? 77  ASP A O   1 
ATOM   410  C CB  . ASP A 1 89  ? 6.624   -7.862  -4.983  1.00 41.52 ? 77  ASP A CB  1 
ATOM   411  C CG  . ASP A 1 89  ? 7.524   -7.125  -5.946  1.00 43.75 ? 77  ASP A CG  1 
ATOM   412  O OD1 . ASP A 1 89  ? 7.017   -6.676  -7.000  1.00 42.72 ? 77  ASP A OD1 1 
ATOM   413  O OD2 . ASP A 1 89  ? 8.712   -7.006  -5.627  1.00 48.56 ? 77  ASP A OD2 1 
ATOM   414  N N   . ARG A 1 90  ? 3.492   -7.769  -5.701  1.00 38.37 ? 78  ARG A N   1 
ATOM   415  C CA  . ARG A 1 90  ? 2.368   -7.669  -6.665  1.00 42.04 ? 78  ARG A CA  1 
ATOM   416  C C   . ARG A 1 90  ? 1.422   -6.551  -6.225  1.00 37.97 ? 78  ARG A C   1 
ATOM   417  O O   . ARG A 1 90  ? 0.966   -5.803  -7.095  1.00 33.94 ? 78  ARG A O   1 
ATOM   418  C CB  . ARG A 1 90  ? 1.639   -9.008  -6.790  1.00 50.14 ? 78  ARG A CB  1 
ATOM   419  C CG  . ARG A 1 90  ? 2.451   -10.071 -7.521  1.00 57.99 ? 78  ARG A CG  1 
ATOM   420  C CD  . ARG A 1 90  ? 2.153   -11.478 -7.025  1.00 66.07 ? 78  ARG A CD  1 
ATOM   421  N NE  . ARG A 1 90  ? 0.872   -12.011 -7.482  1.00 66.45 ? 78  ARG A NE  1 
ATOM   422  C CZ  . ARG A 1 90  ? 0.657   -12.516 -8.692  1.00 69.81 ? 78  ARG A CZ  1 
ATOM   423  N NH1 . ARG A 1 90  ? -0.543  -12.977 -9.000  1.00 74.99 ? 78  ARG A NH1 1 
ATOM   424  N NH2 . ARG A 1 90  ? 1.635   -12.550 -9.587  1.00 64.40 ? 78  ARG A NH2 1 
ATOM   425  N N   . VAL A 1 91  ? 1.149   -6.426  -4.927  1.00 38.68 ? 79  VAL A N   1 
ATOM   426  C CA  . VAL A 1 91  ? 0.148   -5.432  -4.424  1.00 39.31 ? 79  VAL A CA  1 
ATOM   427  C C   . VAL A 1 91  ? 0.738   -4.039  -4.654  1.00 37.61 ? 79  VAL A C   1 
ATOM   428  O O   . VAL A 1 91  ? 0.082   -3.202  -5.309  1.00 37.09 ? 79  VAL A O   1 
ATOM   429  C CB  . VAL A 1 91  ? -0.228  -5.663  -2.946  1.00 38.72 ? 79  VAL A CB  1 
ATOM   430  C CG1 . VAL A 1 91  ? -1.159  -4.586  -2.431  1.00 36.29 ? 79  VAL A CG1 1 
ATOM   431  C CG2 . VAL A 1 91  ? -0.864  -7.028  -2.734  1.00 39.59 ? 79  VAL A CG2 1 
ATOM   432  N N   . VAL A 1 92  ? 1.974   -3.846  -4.200  1.00 35.28 ? 80  VAL A N   1 
ATOM   433  C CA  . VAL A 1 92  ? 2.712   -2.556  -4.281  1.00 34.21 ? 80  VAL A CA  1 
ATOM   434  C C   . VAL A 1 92  ? 2.807   -2.114  -5.740  1.00 32.63 ? 80  VAL A C   1 
ATOM   435  O O   . VAL A 1 92  ? 2.617   -0.913  -6.010  1.00 29.99 ? 80  VAL A O   1 
ATOM   436  C CB  . VAL A 1 92  ? 4.085   -2.709  -3.609  1.00 37.46 ? 80  VAL A CB  1 
ATOM   437  C CG1 . VAL A 1 92  ? 5.062   -1.651  -4.063  1.00 39.92 ? 80  VAL A CG1 1 
ATOM   438  C CG2 . VAL A 1 92  ? 3.962   -2.717  -2.087  1.00 36.73 ? 80  VAL A CG2 1 
ATOM   439  N N   . ASN A 1 93  ? 3.078   -3.048  -6.654  1.00 33.07 ? 81  ASN A N   1 
ATOM   440  C CA  . ASN A 1 93  ? 3.227   -2.725  -8.094  1.00 32.49 ? 81  ASN A CA  1 
ATOM   441  C C   . ASN A 1 93  ? 1.853   -2.458  -8.712  1.00 32.31 ? 81  ASN A C   1 
ATOM   442  O O   . ASN A 1 93  ? 1.760   -1.549  -9.566  1.00 33.64 ? 81  ASN A O   1 
ATOM   443  C CB  . ASN A 1 93  ? 4.018   -3.791  -8.849  1.00 33.86 ? 81  ASN A CB  1 
ATOM   444  C CG  . ASN A 1 93  ? 5.508   -3.560  -8.739  1.00 34.84 ? 81  ASN A CG  1 
ATOM   445  O OD1 . ASN A 1 93  ? 6.059   -2.695  -9.421  1.00 35.36 ? 81  ASN A OD1 1 
ATOM   446  N ND2 . ASN A 1 93  ? 6.160   -4.321  -7.876  1.00 31.93 ? 81  ASN A ND2 1 
ATOM   447  N N   . GLN A 1 94  ? 0.830   -3.217  -8.319  1.00 34.07 ? 82  GLN A N   1 
ATOM   448  C CA  . GLN A 1 94  ? -0.571  -2.947  -8.719  1.00 33.67 ? 82  GLN A CA  1 
ATOM   449  C C   . GLN A 1 94  ? -0.921  -1.507  -8.287  1.00 33.12 ? 82  GLN A C   1 
ATOM   450  O O   . GLN A 1 94  ? -1.427  -0.741  -9.126  1.00 35.74 ? 82  GLN A O   1 
ATOM   451  C CB  . GLN A 1 94  ? -1.482  -4.036  -8.152  1.00 37.03 ? 82  GLN A CB  1 
ATOM   452  C CG  . GLN A 1 94  ? -2.886  -4.041  -8.735  1.00 42.13 ? 82  GLN A CG  1 
ATOM   453  C CD  . GLN A 1 94  ? -3.818  -4.950  -7.963  1.00 48.11 ? 82  GLN A CD  1 
ATOM   454  O OE1 . GLN A 1 94  ? -3.492  -6.107  -7.681  1.00 50.31 ? 82  GLN A OE1 1 
ATOM   455  N NE2 . GLN A 1 94  ? -4.982  -4.425  -7.595  1.00 42.74 ? 82  GLN A NE2 1 
ATOM   456  N N   . ALA A 1 95  ? -0.617  -1.106  -7.052  1.00 30.03 ? 83  ALA A N   1 
ATOM   457  C CA  . ALA A 1 95  ? -0.891  0.273   -6.575  1.00 29.59 ? 83  ALA A CA  1 
ATOM   458  C C   . ALA A 1 95  ? -0.113  1.265   -7.437  1.00 28.15 ? 83  ALA A C   1 
ATOM   459  O O   . ALA A 1 95  ? -0.705  2.237   -7.944  1.00 31.51 ? 83  ALA A O   1 
ATOM   460  C CB  . ALA A 1 95  ? -0.532  0.421   -5.123  1.00 28.53 ? 83  ALA A CB  1 
ATOM   461  N N   . ASP A 1 96  ? 1.172   1.010   -7.614  1.00 28.05 ? 84  ASP A N   1 
ATOM   462  C CA  . ASP A 1 96  ? 2.074   1.903   -8.384  1.00 30.44 ? 84  ASP A CA  1 
ATOM   463  C C   . ASP A 1 96  ? 1.546   2.091   -9.814  1.00 30.65 ? 84  ASP A C   1 
ATOM   464  O O   . ASP A 1 96  ? 1.396   3.244   -10.224 1.00 27.70 ? 84  ASP A O   1 
ATOM   465  C CB  . ASP A 1 96  ? 3.500   1.369   -8.394  1.00 30.45 ? 84  ASP A CB  1 
ATOM   466  C CG  . ASP A 1 96  ? 4.463   2.452   -8.810  1.00 32.60 ? 84  ASP A CG  1 
ATOM   467  O OD1 . ASP A 1 96  ? 4.366   3.554   -8.235  1.00 33.46 ? 84  ASP A OD1 1 
ATOM   468  O OD2 . ASP A 1 96  ? 5.263   2.198   -9.736  1.00 34.63 ? 84  ASP A OD2 1 
ATOM   469  N N   . MET A 1 97  ? 1.247   0.996   -10.525 1.00 35.70 ? 85  MET A N   1 
ATOM   470  C CA  . MET A 1 97  ? 0.765   1.012   -11.935 1.00 38.09 ? 85  MET A CA  1 
ATOM   471  C C   . MET A 1 97  ? -0.566  1.757   -12.021 1.00 35.47 ? 85  MET A C   1 
ATOM   472  O O   . MET A 1 97  ? -0.762  2.488   -13.002 1.00 36.54 ? 85  MET A O   1 
ATOM   473  C CB  . MET A 1 97  ? 0.626   -0.403  -12.501 1.00 47.19 ? 85  MET A CB  1 
ATOM   474  C CG  . MET A 1 97  ? 1.946   -0.943  -13.071 1.00 57.85 ? 85  MET A CG  1 
ATOM   475  S SD  . MET A 1 97  ? 2.009   -2.773  -13.257 1.00 77.97 ? 85  MET A SD  1 
ATOM   476  C CE  . MET A 1 97  ? 1.296   -2.971  -14.893 1.00 80.21 ? 85  MET A CE  1 
ATOM   477  N N   . ALA A 1 98  ? -1.433  1.630   -11.016 1.00 34.63 ? 86  ALA A N   1 
ATOM   478  C CA  . ALA A 1 98  ? -2.748  2.296   -11.029 1.00 35.47 ? 86  ALA A CA  1 
ATOM   479  C C   . ALA A 1 98  ? -2.515  3.793   -10.841 1.00 35.36 ? 86  ALA A C   1 
ATOM   480  O O   . ALA A 1 98  ? -3.164  4.585   -11.510 1.00 37.79 ? 86  ALA A O   1 
ATOM   481  C CB  . ALA A 1 98  ? -3.671  1.714   -9.987  1.00 36.00 ? 86  ALA A CB  1 
ATOM   482  N N   . LEU A 1 99  ? -1.583  4.177   -9.980  1.00 37.72 ? 87  LEU A N   1 
ATOM   483  C CA  . LEU A 1 99  ? -1.242  5.617   -9.801  1.00 36.36 ? 87  LEU A CA  1 
ATOM   484  C C   . LEU A 1 99  ? -0.633  6.170   -11.101 1.00 37.15 ? 87  LEU A C   1 
ATOM   485  O O   . LEU A 1 99  ? -1.006  7.301   -11.478 1.00 34.62 ? 87  LEU A O   1 
ATOM   486  C CB  . LEU A 1 99  ? -0.290  5.782   -8.613  1.00 34.36 ? 87  LEU A CB  1 
ATOM   487  C CG  . LEU A 1 99  ? 0.045   7.224   -8.242  1.00 32.68 ? 87  LEU A CG  1 
ATOM   488  C CD1 . LEU A 1 99  ? -1.212  8.017   -7.881  1.00 30.49 ? 87  LEU A CD1 1 
ATOM   489  C CD2 . LEU A 1 99  ? 1.070   7.247   -7.118  1.00 33.61 ? 87  LEU A CD2 1 
ATOM   490  N N   . GLN A 1 100 ? 0.254   5.421   -11.769 1.00 35.68 ? 88  GLN A N   1 
ATOM   491  C CA  . GLN A 1 100 ? 0.820   5.853   -13.077 1.00 40.76 ? 88  GLN A CA  1 
ATOM   492  C C   . GLN A 1 100 ? -0.312  6.134   -14.087 1.00 38.96 ? 88  GLN A C   1 
ATOM   493  O O   . GLN A 1 100 ? -0.260  7.182   -14.724 1.00 36.83 ? 88  GLN A O   1 
ATOM   494  C CB  . GLN A 1 100 ? 1.803   4.829   -13.642 1.00 44.81 ? 88  GLN A CB  1 
ATOM   495  C CG  . GLN A 1 100 ? 3.254   5.130   -13.283 1.00 51.84 ? 88  GLN A CG  1 
ATOM   496  C CD  . GLN A 1 100 ? 4.165   4.023   -13.760 1.00 55.07 ? 88  GLN A CD  1 
ATOM   497  O OE1 . GLN A 1 100 ? 4.744   3.281   -12.965 1.00 55.44 ? 88  GLN A OE1 1 
ATOM   498  N NE2 . GLN A 1 100 ? 4.249   3.877   -15.073 1.00 49.91 ? 88  GLN A NE2 1 
ATOM   499  N N   . THR A 1 101 ? -1.297  5.236   -14.214 1.00 40.20 ? 89  THR A N   1 
ATOM   500  C CA  . THR A 1 101 ? -2.471  5.364   -15.122 1.00 41.72 ? 89  THR A CA  1 
ATOM   501  C C   . THR A 1 101 ? -3.246  6.645   -14.796 1.00 46.40 ? 89  THR A C   1 
ATOM   502  O O   . THR A 1 101 ? -3.595  7.382   -15.738 1.00 50.93 ? 89  THR A O   1 
ATOM   503  C CB  . THR A 1 101 ? -3.393  4.146   -15.011 1.00 43.37 ? 89  THR A CB  1 
ATOM   504  O OG1 . THR A 1 101 ? -2.677  3.042   -15.562 1.00 39.91 ? 89  THR A OG1 1 
ATOM   505  C CG2 . THR A 1 101 ? -4.717  4.336   -15.716 1.00 43.71 ? 89  THR A CG2 1 
ATOM   506  N N   . LEU A 1 102 ? -3.492  6.895   -13.511 1.00 44.63 ? 90  LEU A N   1 
ATOM   507  C CA  . LEU A 1 102 ? -4.188  8.110   -13.018 1.00 43.46 ? 90  LEU A CA  1 
ATOM   508  C C   . LEU A 1 102 ? -3.445  9.378   -13.444 1.00 44.70 ? 90  LEU A C   1 
ATOM   509  O O   . LEU A 1 102 ? -4.103  10.293  -13.990 1.00 42.79 ? 90  LEU A O   1 
ATOM   510  C CB  . LEU A 1 102 ? -4.307  8.045   -11.494 1.00 42.02 ? 90  LEU A CB  1 
ATOM   511  C CG  . LEU A 1 102 ? -5.738  8.019   -10.975 1.00 42.89 ? 90  LEU A CG  1 
ATOM   512  C CD1 . LEU A 1 102 ? -5.773  8.293   -9.482  1.00 42.07 ? 90  LEU A CD1 1 
ATOM   513  C CD2 . LEU A 1 102 ? -6.611  9.025   -11.726 1.00 41.41 ? 90  LEU A CD2 1 
ATOM   514  N N   . ALA A 1 103 ? -2.141  9.444   -13.168 1.00 45.72 ? 91  ALA A N   1 
ATOM   515  C CA  . ALA A 1 103 ? -1.255  10.576  -13.523 1.00 47.54 ? 91  ALA A CA  1 
ATOM   516  C C   . ALA A 1 103 ? -1.386  10.902  -15.018 1.00 51.59 ? 91  ALA A C   1 
ATOM   517  O O   . ALA A 1 103 ? -1.561  12.086  -15.329 1.00 54.10 ? 91  ALA A O   1 
ATOM   518  C CB  . ALA A 1 103 ? 0.173   10.266  -13.156 1.00 44.89 ? 91  ALA A CB  1 
ATOM   519  N N   . GLU A 1 104 ? -1.319  9.884   -15.884 1.00 56.84 ? 92  GLU A N   1 
ATOM   520  C CA  . GLU A 1 104 ? -1.393  9.998   -17.371 1.00 60.84 ? 92  GLU A CA  1 
ATOM   521  C C   . GLU A 1 104 ? -2.814  10.365  -17.823 1.00 62.64 ? 92  GLU A C   1 
ATOM   522  O O   . GLU A 1 104 ? -2.935  11.000  -18.879 1.00 61.23 ? 92  GLU A O   1 
ATOM   523  C CB  . GLU A 1 104 ? -0.941  8.689   -18.025 1.00 64.15 ? 92  GLU A CB  1 
ATOM   524  C CG  . GLU A 1 104 ? 0.567   8.471   -17.945 1.00 65.98 ? 92  GLU A CG  1 
ATOM   525  C CD  . GLU A 1 104 ? 1.045   7.059   -18.250 1.00 68.20 ? 92  GLU A CD  1 
ATOM   526  O OE1 . GLU A 1 104 ? 0.295   6.312   -18.891 1.00 70.36 ? 92  GLU A OE1 1 
ATOM   527  O OE2 . GLU A 1 104 ? 2.165   6.705   -17.832 1.00 71.25 ? 92  GLU A OE2 1 
ATOM   528  N N   . ASN A 1 105 ? -3.850  9.983   -17.062 1.00 66.07 ? 93  ASN A N   1 
ATOM   529  C CA  . ASN A 1 105 ? -5.279  10.248  -17.390 1.00 62.23 ? 93  ASN A CA  1 
ATOM   530  C C   . ASN A 1 105 ? -5.904  11.113  -16.296 1.00 64.99 ? 93  ASN A C   1 
ATOM   531  O O   . ASN A 1 105 ? -6.739  10.644  -15.518 1.00 56.67 ? 93  ASN A O   1 
ATOM   532  C CB  . ASN A 1 105 ? -6.047  8.949   -17.638 1.00 61.57 ? 93  ASN A CB  1 
ATOM   533  C CG  . ASN A 1 105 ? -5.551  8.241   -18.879 1.00 62.64 ? 93  ASN A CG  1 
ATOM   534  O OD1 . ASN A 1 105 ? -6.110  8.414   -19.959 1.00 66.25 ? 93  ASN A OD1 1 
ATOM   535  N ND2 . ASN A 1 105 ? -4.475  7.484   -18.748 1.00 57.40 ? 93  ASN A ND2 1 
ATOM   536  N N   . PRO A 1 106 ? -5.534  12.415  -16.222 1.00 67.35 ? 94  PRO A N   1 
ATOM   537  C CA  . PRO A 1 106 ? -6.185  13.344  -15.298 1.00 70.75 ? 94  PRO A CA  1 
ATOM   538  C C   . PRO A 1 106 ? -7.714  13.189  -15.312 1.00 66.29 ? 94  PRO A C   1 
ATOM   539  O O   . PRO A 1 106 ? -8.294  13.170  -16.379 1.00 64.25 ? 94  PRO A O   1 
ATOM   540  C CB  . PRO A 1 106 ? -5.772  14.748  -15.792 1.00 71.44 ? 94  PRO A CB  1 
ATOM   541  C CG  . PRO A 1 106 ? -4.919  14.525  -17.040 1.00 71.52 ? 94  PRO A CG  1 
ATOM   542  C CD  . PRO A 1 106 ? -4.489  13.072  -17.022 1.00 65.77 ? 94  PRO A CD  1 
ATOM   543  N N   . ALA A 1 107 ? -8.316  13.046  -14.130 1.00 65.38 ? 95  ALA A N   1 
ATOM   544  C CA  . ALA A 1 107 ? -9.779  13.122  -13.914 1.00 65.71 ? 95  ALA A CA  1 
ATOM   545  C C   . ALA A 1 107 ? -10.213 14.589  -14.031 1.00 65.67 ? 95  ALA A C   1 
ATOM   546  O O   . ALA A 1 107 ? -9.445  15.473  -13.596 1.00 75.69 ? 95  ALA A O   1 
ATOM   547  C CB  . ALA A 1 107 ? -10.146 12.524  -12.578 1.00 64.05 ? 95  ALA A CB  1 
ATOM   548  N N   . ASP A 1 108 ? -11.384 14.829  -14.625 1.00 65.37 ? 96  ASP A N   1 
ATOM   549  C CA  . ASP A 1 108 ? -11.927 16.181  -14.927 1.00 66.82 ? 96  ASP A CA  1 
ATOM   550  C C   . ASP A 1 108 ? -12.965 16.549  -13.860 1.00 65.06 ? 96  ASP A C   1 
ATOM   551  O O   . ASP A 1 108 ? -14.155 16.301  -14.067 1.00 51.38 ? 96  ASP A O   1 
ATOM   552  C CB  . ASP A 1 108 ? -12.518 16.242  -16.335 1.00 68.91 ? 96  ASP A CB  1 
ATOM   553  C CG  . ASP A 1 108 ? -12.935 17.641  -16.745 1.00 74.67 ? 96  ASP A CG  1 
ATOM   554  O OD1 . ASP A 1 108 ? -12.969 18.538  -15.857 1.00 73.24 ? 96  ASP A OD1 1 
ATOM   555  O OD2 . ASP A 1 108 ? -13.215 17.829  -17.947 1.00 73.21 ? 96  ASP A OD2 1 
ATOM   556  N N   . THR A 1 109 ? -12.506 17.151  -12.762 1.00 67.52 ? 97  THR A N   1 
ATOM   557  C CA  . THR A 1 109 ? -13.310 17.439  -11.546 1.00 61.31 ? 97  THR A CA  1 
ATOM   558  C C   . THR A 1 109 ? -12.531 18.476  -10.719 1.00 56.31 ? 97  THR A C   1 
ATOM   559  O O   . THR A 1 109 ? -11.393 18.807  -11.103 1.00 55.62 ? 97  THR A O   1 
ATOM   560  C CB  . THR A 1 109 ? -13.664 16.103  -10.870 1.00 57.59 ? 97  THR A CB  1 
ATOM   561  O OG1 . THR A 1 109 ? -14.620 16.294  -9.824  1.00 62.99 ? 97  THR A OG1 1 
ATOM   562  C CG2 . THR A 1 109 ? -12.448 15.392  -10.320 1.00 55.89 ? 97  THR A CG2 1 
ATOM   563  N N   . ASP A 1 110 ? -13.132 19.013  -9.659  1.00 60.86 ? 98  ASP A N   1 
ATOM   564  C CA  . ASP A 1 110 ? -12.471 19.959  -8.715  1.00 62.00 ? 98  ASP A CA  1 
ATOM   565  C C   . ASP A 1 110 ? -11.278 19.250  -8.060  1.00 56.74 ? 98  ASP A C   1 
ATOM   566  O O   . ASP A 1 110 ? -11.311 18.011  -7.952  1.00 49.08 ? 98  ASP A O   1 
ATOM   567  C CB  . ASP A 1 110 ? -13.452 20.463  -7.650  1.00 62.97 ? 98  ASP A CB  1 
ATOM   568  C CG  . ASP A 1 110 ? -14.068 19.349  -6.818  1.00 67.44 ? 98  ASP A CG  1 
ATOM   569  O OD1 . ASP A 1 110 ? -13.310 18.583  -6.205  1.00 71.48 ? 98  ASP A OD1 1 
ATOM   570  O OD2 . ASP A 1 110 ? -15.299 19.248  -6.800  1.00 70.99 ? 98  ASP A OD2 1 
ATOM   571  N N   . ARG A 1 111 ? -10.294 20.020  -7.599  1.00 54.10 ? 99  ARG A N   1 
ATOM   572  C CA  . ARG A 1 111 ? -9.064  19.525  -6.915  1.00 58.14 ? 99  ARG A CA  1 
ATOM   573  C C   . ARG A 1 111 ? -9.427  18.498  -5.815  1.00 47.28 ? 99  ARG A C   1 
ATOM   574  O O   . ARG A 1 111 ? -8.745  17.477  -5.734  1.00 48.17 ? 99  ARG A O   1 
ATOM   575  C CB  . ARG A 1 111 ? -8.249  20.729  -6.411  1.00 64.69 ? 99  ARG A CB  1 
ATOM   576  C CG  . ARG A 1 111 ? -8.822  21.375  -5.156  1.00 68.71 ? 99  ARG A CG  1 
ATOM   577  C CD  . ARG A 1 111 ? -8.388  22.806  -4.917  1.00 70.49 ? 99  ARG A CD  1 
ATOM   578  N NE  . ARG A 1 111 ? -8.789  23.228  -3.580  1.00 69.28 ? 99  ARG A NE  1 
ATOM   579  C CZ  . ARG A 1 111 ? -8.684  24.463  -3.116  1.00 68.21 ? 99  ARG A CZ  1 
ATOM   580  N NH1 . ARG A 1 111 ? -8.198  25.416  -3.894  1.00 64.13 ? 99  ARG A NH1 1 
ATOM   581  N NH2 . ARG A 1 111 ? -9.074  24.736  -1.877  1.00 67.47 ? 99  ARG A NH2 1 
ATOM   582  N N   . GLU A 1 112 ? -10.471 18.723  -5.014  1.00 43.46 ? 100 GLU A N   1 
ATOM   583  C CA  . GLU A 1 112 ? -10.827 17.847  -3.866  1.00 43.20 ? 100 GLU A CA  1 
ATOM   584  C C   . GLU A 1 112 ? -11.107 16.430  -4.374  1.00 45.05 ? 100 GLU A C   1 
ATOM   585  O O   . GLU A 1 112 ? -10.680 15.466  -3.700  1.00 43.93 ? 100 GLU A O   1 
ATOM   586  C CB  . GLU A 1 112 ? -12.011 18.422  -3.086  1.00 43.38 ? 100 GLU A CB  1 
ATOM   587  C CG  . GLU A 1 112 ? -12.584 17.488  -2.020  1.00 47.53 ? 100 GLU A CG  1 
ATOM   588  C CD  . GLU A 1 112 ? -13.615 18.104  -1.077  1.00 54.32 ? 100 GLU A CD  1 
ATOM   589  O OE1 . GLU A 1 112 ? -13.739 19.352  -1.038  1.00 59.03 ? 100 GLU A OE1 1 
ATOM   590  O OE2 . GLU A 1 112 ? -14.300 17.343  -0.381  1.00 56.50 ? 100 GLU A OE2 1 
ATOM   591  N N   . ASN A 1 113 ? -11.800 16.296  -5.510  1.00 46.07 ? 101 ASN A N   1 
ATOM   592  C CA  . ASN A 1 113 ? -12.165 14.969  -6.079  1.00 46.85 ? 101 ASN A CA  1 
ATOM   593  C C   . ASN A 1 113 ? -10.953 14.359  -6.782  1.00 42.29 ? 101 ASN A C   1 
ATOM   594  O O   . ASN A 1 113 ? -10.831 13.108  -6.735  1.00 35.99 ? 101 ASN A O   1 
ATOM   595  C CB  . ASN A 1 113 ? -13.419 15.017  -6.953  1.00 50.17 ? 101 ASN A CB  1 
ATOM   596  C CG  . ASN A 1 113 ? -14.643 14.688  -6.118  1.00 56.21 ? 101 ASN A CG  1 
ATOM   597  O OD1 . ASN A 1 113 ? -14.866 13.525  -5.782  1.00 61.73 ? 101 ASN A OD1 1 
ATOM   598  N ND2 . ASN A 1 113 ? -15.402 15.703  -5.730  1.00 59.56 ? 101 ASN A ND2 1 
ATOM   599  N N   . MET A 1 114 ? -10.094 15.201  -7.370  1.00 38.41 ? 102 MET A N   1 
ATOM   600  C CA  . MET A 1 114 ? -8.824  14.762  -7.997  1.00 42.68 ? 102 MET A CA  1 
ATOM   601  C C   . MET A 1 114 ? -7.996  14.064  -6.907  1.00 39.81 ? 102 MET A C   1 
ATOM   602  O O   . MET A 1 114 ? -7.501  12.952  -7.156  1.00 37.36 ? 102 MET A O   1 
ATOM   603  C CB  . MET A 1 114 ? -8.048  15.935  -8.615  1.00 49.50 ? 102 MET A CB  1 
ATOM   604  C CG  . MET A 1 114 ? -8.621  16.470  -9.950  1.00 58.65 ? 102 MET A CG  1 
ATOM   605  S SD  . MET A 1 114 ? -8.275  18.267  -10.262 1.00 69.88 ? 102 MET A SD  1 
ATOM   606  C CE  . MET A 1 114 ? -8.417  18.385  -12.047 1.00 67.90 ? 102 MET A CE  1 
ATOM   607  N N   . TRP A 1 115 ? -7.900  14.669  -5.718  1.00 34.25 ? 103 TRP A N   1 
ATOM   608  C CA  . TRP A 1 115 ? -7.096  14.127  -4.595  1.00 34.15 ? 103 TRP A CA  1 
ATOM   609  C C   . TRP A 1 115 ? -7.744  12.832  -4.066  1.00 32.34 ? 103 TRP A C   1 
ATOM   610  O O   . TRP A 1 115 ? -7.034  11.816  -3.917  1.00 34.60 ? 103 TRP A O   1 
ATOM   611  C CB  . TRP A 1 115 ? -6.904  15.204  -3.523  1.00 32.44 ? 103 TRP A CB  1 
ATOM   612  C CG  . TRP A 1 115 ? -5.860  16.217  -3.874  1.00 31.47 ? 103 TRP A CG  1 
ATOM   613  C CD1 . TRP A 1 115 ? -6.066  17.533  -4.162  1.00 33.42 ? 103 TRP A CD1 1 
ATOM   614  C CD2 . TRP A 1 115 ? -4.438  16.020  -3.955  1.00 31.53 ? 103 TRP A CD2 1 
ATOM   615  N NE1 . TRP A 1 115 ? -4.882  18.163  -4.426  1.00 32.02 ? 103 TRP A NE1 1 
ATOM   616  C CE2 . TRP A 1 115 ? -3.865  17.263  -4.318  1.00 31.29 ? 103 TRP A CE2 1 
ATOM   617  C CE3 . TRP A 1 115 ? -3.593  14.927  -3.749  1.00 31.03 ? 103 TRP A CE3 1 
ATOM   618  C CZ2 . TRP A 1 115 ? -2.497  17.447  -4.480  1.00 28.72 ? 103 TRP A CZ2 1 
ATOM   619  C CZ3 . TRP A 1 115 ? -2.238  15.106  -3.910  1.00 30.16 ? 103 TRP A CZ3 1 
ATOM   620  C CH2 . TRP A 1 115 ? -1.703  16.348  -4.262  1.00 30.89 ? 103 TRP A CH2 1 
ATOM   621  N N   . ARG A 1 116 ? -9.060  12.826  -3.885  1.00 31.84 ? 104 ARG A N   1 
ATOM   622  C CA  . ARG A 1 116 ? -9.825  11.635  -3.433  1.00 32.20 ? 104 ARG A CA  1 
ATOM   623  C C   . ARG A 1 116 ? -9.559  10.445  -4.364  1.00 30.08 ? 104 ARG A C   1 
ATOM   624  O O   . ARG A 1 116 ? -9.298  9.326   -3.867  1.00 28.86 ? 104 ARG A O   1 
ATOM   625  C CB  . ARG A 1 116 ? -11.314 11.977  -3.395  1.00 34.82 ? 104 ARG A CB  1 
ATOM   626  C CG  . ARG A 1 116 ? -12.211 10.841  -2.924  1.00 39.49 ? 104 ARG A CG  1 
ATOM   627  C CD  . ARG A 1 116 ? -13.670 11.255  -2.959  1.00 47.77 ? 104 ARG A CD  1 
ATOM   628  N NE  . ARG A 1 116 ? -13.859 12.510  -2.231  1.00 48.78 ? 104 ARG A NE  1 
ATOM   629  C CZ  . ARG A 1 116 ? -13.949 12.589  -0.914  1.00 51.70 ? 104 ARG A CZ  1 
ATOM   630  N NH1 . ARG A 1 116 ? -13.917 11.481  -0.186  1.00 51.05 ? 104 ARG A NH1 1 
ATOM   631  N NH2 . ARG A 1 116 ? -14.083 13.771  -0.332  1.00 53.40 ? 104 ARG A NH2 1 
ATOM   632  N N   . THR A 1 117 ? -9.656  10.669  -5.670  1.00 28.87 ? 105 THR A N   1 
ATOM   633  C CA  . THR A 1 117 ? -9.418  9.652   -6.728  1.00 28.97 ? 105 THR A CA  1 
ATOM   634  C C   . THR A 1 117 ? -8.045  9.028   -6.510  1.00 27.92 ? 105 THR A C   1 
ATOM   635  O O   . THR A 1 117 ? -7.932  7.801   -6.636  1.00 30.09 ? 105 THR A O   1 
ATOM   636  C CB  . THR A 1 117 ? -9.612  10.275  -8.118  1.00 30.41 ? 105 THR A CB  1 
ATOM   637  O OG1 . THR A 1 117 ? -10.921 10.841  -8.109  1.00 28.91 ? 105 THR A OG1 1 
ATOM   638  C CG2 . THR A 1 117 ? -9.497  9.279   -9.247  1.00 31.34 ? 105 THR A CG2 1 
ATOM   639  N N   . GLY A 1 118 ? -7.053  9.843   -6.144  1.00 28.85 ? 106 GLY A N   1 
ATOM   640  C CA  . GLY A 1 118 ? -5.663  9.385   -5.993  1.00 28.46 ? 106 GLY A CA  1 
ATOM   641  C C   . GLY A 1 118 ? -5.481  8.605   -4.706  1.00 28.64 ? 106 GLY A C   1 
ATOM   642  O O   . GLY A 1 118 ? -4.873  7.522   -4.729  1.00 30.93 ? 106 GLY A O   1 
ATOM   643  N N   . ILE A 1 119 ? -5.980  9.136   -3.600  1.00 27.25 ? 107 ILE A N   1 
ATOM   644  C CA  . ILE A 1 119 ? -5.846  8.439   -2.291  1.00 27.35 ? 107 ILE A CA  1 
ATOM   645  C C   . ILE A 1 119 ? -6.606  7.110   -2.412  1.00 26.97 ? 107 ILE A C   1 
ATOM   646  O O   . ILE A 1 119 ? -6.142  6.111   -1.777  1.00 25.66 ? 107 ILE A O   1 
ATOM   647  C CB  . ILE A 1 119 ? -6.323  9.329   -1.130  1.00 26.04 ? 107 ILE A CB  1 
ATOM   648  C CG1 . ILE A 1 119 ? -5.481  10.604  -1.031  1.00 26.27 ? 107 ILE A CG1 1 
ATOM   649  C CG2 . ILE A 1 119 ? -6.312  8.547   0.170   1.00 26.30 ? 107 ILE A CG2 1 
ATOM   650  C CD1 . ILE A 1 119 ? -6.034  11.631  -0.068  1.00 26.93 ? 107 ILE A CD1 1 
ATOM   651  N N   . ASN A 1 120 ? -7.639  7.071   -3.276  1.00 26.18 ? 108 ASN A N   1 
ATOM   652  C CA  . ASN A 1 120 ? -8.536  5.891   -3.453  1.00 28.09 ? 108 ASN A CA  1 
ATOM   653  C C   . ASN A 1 120 ? -7.779  4.723   -4.113  1.00 29.12 ? 108 ASN A C   1 
ATOM   654  O O   . ASN A 1 120 ? -8.120  3.571   -3.835  1.00 32.85 ? 108 ASN A O   1 
ATOM   655  C CB  . ASN A 1 120 ? -9.800  6.235   -4.228  1.00 28.44 ? 108 ASN A CB  1 
ATOM   656  C CG  . ASN A 1 120 ? -10.766 5.077   -4.260  1.00 26.97 ? 108 ASN A CG  1 
ATOM   657  O OD1 . ASN A 1 120 ? -11.276 4.669   -3.223  1.00 27.48 ? 108 ASN A OD1 1 
ATOM   658  N ND2 . ASN A 1 120 ? -10.993 4.529   -5.437  1.00 23.12 ? 108 ASN A ND2 1 
ATOM   659  N N   . VAL A 1 121 ? -6.739  4.994   -4.900  1.00 30.08 ? 109 VAL A N   1 
ATOM   660  C CA  . VAL A 1 121 ? -5.872  3.940   -5.508  1.00 31.21 ? 109 VAL A CA  1 
ATOM   661  C C   . VAL A 1 121 ? -5.298  3.072   -4.378  1.00 31.10 ? 109 VAL A C   1 
ATOM   662  O O   . VAL A 1 121 ? -5.288  1.826   -4.522  1.00 28.66 ? 109 VAL A O   1 
ATOM   663  C CB  . VAL A 1 121 ? -4.758  4.568   -6.374  1.00 32.82 ? 109 VAL A CB  1 
ATOM   664  C CG1 . VAL A 1 121 ? -3.673  3.562   -6.722  1.00 32.84 ? 109 VAL A CG1 1 
ATOM   665  C CG2 . VAL A 1 121 ? -5.338  5.190   -7.634  1.00 34.95 ? 109 VAL A CG2 1 
ATOM   666  N N   . PHE A 1 122 ? -4.841  3.714   -3.298  1.00 30.28 ? 110 PHE A N   1 
ATOM   667  C CA  . PHE A 1 122 ? -4.210  3.049   -2.131  1.00 30.02 ? 110 PHE A CA  1 
ATOM   668  C C   . PHE A 1 122 ? -5.304  2.389   -1.277  1.00 29.06 ? 110 PHE A C   1 
ATOM   669  O O   . PHE A 1 122 ? -5.096  1.232   -0.888  1.00 29.86 ? 110 PHE A O   1 
ATOM   670  C CB  . PHE A 1 122 ? -3.298  4.037   -1.397  1.00 28.19 ? 110 PHE A CB  1 
ATOM   671  C CG  . PHE A 1 122 ? -2.097  4.420   -2.223  1.00 30.58 ? 110 PHE A CG  1 
ATOM   672  C CD1 . PHE A 1 122 ? -0.966  3.620   -2.247  1.00 32.40 ? 110 PHE A CD1 1 
ATOM   673  C CD2 . PHE A 1 122 ? -2.114  5.544   -3.026  1.00 30.30 ? 110 PHE A CD2 1 
ATOM   674  C CE1 . PHE A 1 122 ? 0.123   3.950   -3.041  1.00 33.04 ? 110 PHE A CE1 1 
ATOM   675  C CE2 . PHE A 1 122 ? -1.018  5.876   -3.811  1.00 32.08 ? 110 PHE A CE2 1 
ATOM   676  C CZ  . PHE A 1 122 ? 0.098   5.079   -3.820  1.00 31.22 ? 110 PHE A CZ  1 
ATOM   677  N N   . PHE A 1 123 ? -6.433  3.068   -1.050  1.00 27.00 ? 111 PHE A N   1 
ATOM   678  C CA  . PHE A 1 123 ? -7.588  2.542   -0.278  1.00 28.44 ? 111 PHE A CA  1 
ATOM   679  C C   . PHE A 1 123 ? -8.076  1.256   -0.951  1.00 28.61 ? 111 PHE A C   1 
ATOM   680  O O   . PHE A 1 123 ? -8.208  0.223   -0.286  1.00 24.57 ? 111 PHE A O   1 
ATOM   681  C CB  . PHE A 1 123 ? -8.693  3.599   -0.167  1.00 31.33 ? 111 PHE A CB  1 
ATOM   682  C CG  . PHE A 1 123 ? -9.986  3.138   0.462   1.00 29.83 ? 111 PHE A CG  1 
ATOM   683  C CD1 . PHE A 1 123 ? -10.071 2.908   1.823   1.00 30.91 ? 111 PHE A CD1 1 
ATOM   684  C CD2 . PHE A 1 123 ? -11.131 2.979   -0.302  1.00 29.81 ? 111 PHE A CD2 1 
ATOM   685  C CE1 . PHE A 1 123 ? -11.269 2.509   2.403   1.00 32.37 ? 111 PHE A CE1 1 
ATOM   686  C CE2 . PHE A 1 123 ? -12.324 2.555   0.273   1.00 30.29 ? 111 PHE A CE2 1 
ATOM   687  C CZ  . PHE A 1 123 ? -12.392 2.329   1.625   1.00 31.69 ? 111 PHE A CZ  1 
ATOM   688  N N   . GLU A 1 124 ? -8.290  1.299   -2.264  1.00 28.56 ? 112 GLU A N   1 
ATOM   689  C CA  . GLU A 1 124 ? -8.882  0.145   -2.996  1.00 30.58 ? 112 GLU A CA  1 
ATOM   690  C C   . GLU A 1 124 ? -7.851  -0.965  -3.149  1.00 27.78 ? 112 GLU A C   1 
ATOM   691  O O   . GLU A 1 124 ? -8.222  -2.127  -2.974  1.00 25.97 ? 112 GLU A O   1 
ATOM   692  C CB  . GLU A 1 124 ? -9.401  0.573   -4.366  1.00 33.96 ? 112 GLU A CB  1 
ATOM   693  C CG  . GLU A 1 124 ? -10.681 1.382   -4.275  1.00 38.49 ? 112 GLU A CG  1 
ATOM   694  C CD  . GLU A 1 124 ? -11.856 0.600   -3.715  1.00 41.78 ? 112 GLU A CD  1 
ATOM   695  O OE1 . GLU A 1 124 ? -11.854 -0.641  -3.873  1.00 41.81 ? 112 GLU A OE1 1 
ATOM   696  O OE2 . GLU A 1 124 ? -12.743 1.234   -3.086  1.00 42.66 ? 112 GLU A OE2 1 
ATOM   697  N N   . THR A 1 125 ? -6.611  -0.631  -3.515  1.00 26.42 ? 113 THR A N   1 
ATOM   698  C CA  . THR A 1 125 ? -5.612  -1.662  -3.864  1.00 28.15 ? 113 THR A CA  1 
ATOM   699  C C   . THR A 1 125 ? -5.237  -2.449  -2.618  1.00 31.05 ? 113 THR A C   1 
ATOM   700  O O   . THR A 1 125 ? -5.231  -3.697  -2.680  1.00 41.70 ? 113 THR A O   1 
ATOM   701  C CB  . THR A 1 125 ? -4.316  -1.103  -4.453  1.00 28.57 ? 113 THR A CB  1 
ATOM   702  O OG1 . THR A 1 125 ? -4.615  -0.333  -5.609  1.00 25.86 ? 113 THR A OG1 1 
ATOM   703  C CG2 . THR A 1 125 ? -3.362  -2.210  -4.828  1.00 29.08 ? 113 THR A CG2 1 
ATOM   704  N N   . PHE A 1 126 ? -4.824  -1.751  -1.568  1.00 28.39 ? 114 PHE A N   1 
ATOM   705  C CA  . PHE A 1 126 ? -4.388  -2.398  -0.304  1.00 29.46 ? 114 PHE A CA  1 
ATOM   706  C C   . PHE A 1 126 ? -5.641  -2.971  0.399   1.00 29.87 ? 114 PHE A C   1 
ATOM   707  O O   . PHE A 1 126 ? -5.534  -3.977  1.126   1.00 29.47 ? 114 PHE A O   1 
ATOM   708  C CB  . PHE A 1 126 ? -3.529  -1.399  0.492   1.00 27.36 ? 114 PHE A CB  1 
ATOM   709  C CG  . PHE A 1 126 ? -2.144  -1.218  -0.082  1.00 27.65 ? 114 PHE A CG  1 
ATOM   710  C CD1 . PHE A 1 126 ? -1.147  -2.143  0.179   1.00 29.07 ? 114 PHE A CD1 1 
ATOM   711  C CD2 . PHE A 1 126 ? -1.844  -0.150  -0.911  1.00 27.13 ? 114 PHE A CD2 1 
ATOM   712  C CE1 . PHE A 1 126 ? 0.130   -1.988  -0.349  1.00 30.81 ? 114 PHE A CE1 1 
ATOM   713  C CE2 . PHE A 1 126 ? -0.587  -0.020  -1.484  1.00 28.70 ? 114 PHE A CE2 1 
ATOM   714  C CZ  . PHE A 1 126 ? 0.407   -0.931  -1.192  1.00 30.01 ? 114 PHE A CZ  1 
ATOM   715  N N   . GLY A 1 127 ? -6.799  -2.323  0.213   1.00 29.81 ? 115 GLY A N   1 
ATOM   716  C CA  . GLY A 1 127 ? -8.070  -2.699  0.862   1.00 32.05 ? 115 GLY A CA  1 
ATOM   717  C C   . GLY A 1 127 ? -8.645  -3.971  0.262   1.00 32.12 ? 115 GLY A C   1 
ATOM   718  O O   . GLY A 1 127 ? -9.455  -4.600  0.929   1.00 29.21 ? 115 GLY A O   1 
ATOM   719  N N   . SER A 1 128 ? -8.232  -4.336  -0.956  1.00 35.96 ? 116 SER A N   1 
ATOM   720  C CA  . SER A 1 128 ? -8.622  -5.598  -1.635  1.00 36.18 ? 116 SER A CA  1 
ATOM   721  C C   . SER A 1 128 ? -7.633  -6.716  -1.315  1.00 35.86 ? 116 SER A C   1 
ATOM   722  O O   . SER A 1 128 ? -7.824  -7.812  -1.830  1.00 42.92 ? 116 SER A O   1 
ATOM   723  C CB  . SER A 1 128 ? -8.704  -5.393  -3.116  1.00 37.82 ? 116 SER A CB  1 
ATOM   724  O OG  . SER A 1 128 ? -9.621  -4.365  -3.402  1.00 37.90 ? 116 SER A OG  1 
ATOM   725  N N   . HIS A 1 129 ? -6.576  -6.417  -0.564  1.00 36.12 ? 117 HIS A N   1 
ATOM   726  C CA  . HIS A 1 129 ? -5.473  -7.350  -0.238  1.00 33.11 ? 117 HIS A CA  1 
ATOM   727  C C   . HIS A 1 129 ? -5.079  -7.098  1.214   1.00 33.62 ? 117 HIS A C   1 
ATOM   728  O O   . HIS A 1 129 ? -3.880  -6.873  1.481   1.00 32.24 ? 117 HIS A O   1 
ATOM   729  C CB  . HIS A 1 129 ? -4.320  -7.178  -1.234  1.00 34.11 ? 117 HIS A CB  1 
ATOM   730  C CG  . HIS A 1 129 ? -4.719  -7.478  -2.637  1.00 38.70 ? 117 HIS A CG  1 
ATOM   731  N ND1 . HIS A 1 129 ? -4.740  -8.769  -3.140  1.00 42.35 ? 117 HIS A ND1 1 
ATOM   732  C CD2 . HIS A 1 129 ? -5.147  -6.676  -3.638  1.00 41.91 ? 117 HIS A CD2 1 
ATOM   733  C CE1 . HIS A 1 129 ? -5.149  -8.742  -4.396  1.00 45.60 ? 117 HIS A CE1 1 
ATOM   734  N NE2 . HIS A 1 129 ? -5.413  -7.471  -4.725  1.00 44.59 ? 117 HIS A NE2 1 
ATOM   735  N N   . LYS A 1 130 ? -6.077  -7.122  2.100   1.00 33.48 ? 118 LYS A N   1 
ATOM   736  C CA  . LYS A 1 130 ? -5.925  -6.799  3.541   1.00 35.92 ? 118 LYS A CA  1 
ATOM   737  C C   . LYS A 1 130 ? -4.923  -7.755  4.197   1.00 35.28 ? 118 LYS A C   1 
ATOM   738  O O   . LYS A 1 130 ? -4.069  -7.273  4.970   1.00 37.15 ? 118 LYS A O   1 
ATOM   739  C CB  . LYS A 1 130 ? -7.272  -6.861  4.268   1.00 37.85 ? 118 LYS A CB  1 
ATOM   740  C CG  . LYS A 1 130 ? -8.142  -5.618  4.121   1.00 40.38 ? 118 LYS A CG  1 
ATOM   741  C CD  . LYS A 1 130 ? -9.463  -5.766  4.838   1.00 40.02 ? 118 LYS A CD  1 
ATOM   742  C CE  . LYS A 1 130 ? -10.268 -4.491  4.967   1.00 45.17 ? 118 LYS A CE  1 
ATOM   743  N NZ  . LYS A 1 130 ? -10.933 -4.113  3.695   1.00 46.28 ? 118 LYS A NZ  1 
ATOM   744  N N   . ALA A 1 131 ? -5.018  -9.056  3.923   1.00 35.75 ? 119 ALA A N   1 
ATOM   745  C CA  . ALA A 1 131 ? -4.197  -10.079 4.612   1.00 35.15 ? 119 ALA A CA  1 
ATOM   746  C C   . ALA A 1 131 ? -2.737  -9.879  4.207   1.00 33.57 ? 119 ALA A C   1 
ATOM   747  O O   . ALA A 1 131 ? -1.860  -9.900  5.089   1.00 34.61 ? 119 ALA A O   1 
ATOM   748  C CB  . ALA A 1 131 ? -4.687  -11.467 4.282   1.00 38.79 ? 119 ALA A CB  1 
ATOM   749  N N   . VAL A 1 132 ? -2.490  -9.692  2.915   1.00 32.46 ? 120 VAL A N   1 
ATOM   750  C CA  . VAL A 1 132 ? -1.114  -9.460  2.399   1.00 35.21 ? 120 VAL A CA  1 
ATOM   751  C C   . VAL A 1 132 ? -0.600  -8.139  2.985   1.00 36.61 ? 120 VAL A C   1 
ATOM   752  O O   . VAL A 1 132 ? 0.538   -8.118  3.455   1.00 38.51 ? 120 VAL A O   1 
ATOM   753  C CB  . VAL A 1 132 ? -1.076  -9.487  0.868   1.00 33.06 ? 120 VAL A CB  1 
ATOM   754  C CG1 . VAL A 1 132 ? 0.282   -9.031  0.345   1.00 33.29 ? 120 VAL A CG1 1 
ATOM   755  C CG2 . VAL A 1 132 ? -1.432  -10.875 0.369   1.00 33.32 ? 120 VAL A CG2 1 
ATOM   756  N N   . THR A 1 133 ? -1.451  -7.113  3.055   1.00 41.24 ? 121 THR A N   1 
ATOM   757  C CA  . THR A 1 133 ? -1.105  -5.791  3.640   1.00 38.45 ? 121 THR A CA  1 
ATOM   758  C C   . THR A 1 133 ? -0.716  -6.001  5.104   1.00 36.34 ? 121 THR A C   1 
ATOM   759  O O   . THR A 1 133 ? 0.374   -5.579  5.463   1.00 36.84 ? 121 THR A O   1 
ATOM   760  C CB  . THR A 1 133 ? -2.243  -4.784  3.442   1.00 36.93 ? 121 THR A CB  1 
ATOM   761  O OG1 . THR A 1 133 ? -2.506  -4.689  2.042   1.00 34.58 ? 121 THR A OG1 1 
ATOM   762  C CG2 . THR A 1 133 ? -1.902  -3.415  3.983   1.00 38.27 ? 121 THR A CG2 1 
ATOM   763  N N   . ARG A 1 134 ? -1.572  -6.641  5.896   1.00 34.81 ? 122 ARG A N   1 
ATOM   764  C CA  . ARG A 1 134 ? -1.342  -6.879  7.346   1.00 41.34 ? 122 ARG A CA  1 
ATOM   765  C C   . ARG A 1 134 ? 0.002   -7.599  7.527   1.00 39.81 ? 122 ARG A C   1 
ATOM   766  O O   . ARG A 1 134 ? 0.838   -7.078  8.293   1.00 39.51 ? 122 ARG A O   1 
ATOM   767  C CB  . ARG A 1 134 ? -2.507  -7.662  7.959   1.00 48.41 ? 122 ARG A CB  1 
ATOM   768  C CG  . ARG A 1 134 ? -2.320  -8.086  9.413   1.00 58.00 ? 122 ARG A CG  1 
ATOM   769  C CD  . ARG A 1 134 ? -3.568  -8.701  10.054  1.00 66.02 ? 122 ARG A CD  1 
ATOM   770  N NE  . ARG A 1 134 ? -4.487  -9.413  9.138   1.00 80.21 ? 122 ARG A NE  1 
ATOM   771  C CZ  . ARG A 1 134 ? -5.648  -8.935  8.616   1.00 78.64 ? 122 ARG A CZ  1 
ATOM   772  N NH1 . ARG A 1 134 ? -6.366  -9.704  7.809   1.00 65.49 ? 122 ARG A NH1 1 
ATOM   773  N NH2 . ARG A 1 134 ? -6.090  -7.708  8.880   1.00 75.27 ? 122 ARG A NH2 1 
ATOM   774  N N   . ALA A 1 135 ? 0.219   -8.722  6.829   1.00 36.86 ? 123 ALA A N   1 
ATOM   775  C CA  . ALA A 1 135 ? 1.415   -9.592  7.000   1.00 36.57 ? 123 ALA A CA  1 
ATOM   776  C C   . ALA A 1 135 ? 2.654   -8.954  6.356   1.00 34.93 ? 123 ALA A C   1 
ATOM   777  O O   . ALA A 1 135 ? 3.769   -9.115  6.910   1.00 32.39 ? 123 ALA A O   1 
ATOM   778  C CB  . ALA A 1 135 ? 1.150   -10.968 6.438   1.00 38.49 ? 123 ALA A CB  1 
ATOM   779  N N   . GLY A 1 136 ? 2.479   -8.248  5.236   1.00 35.39 ? 124 GLY A N   1 
ATOM   780  C CA  . GLY A 1 136 ? 3.544   -7.429  4.621   1.00 36.74 ? 124 GLY A CA  1 
ATOM   781  C C   . GLY A 1 136 ? 4.084   -6.395  5.592   1.00 39.69 ? 124 GLY A C   1 
ATOM   782  O O   . GLY A 1 136 ? 5.314   -6.188  5.630   1.00 44.78 ? 124 GLY A O   1 
ATOM   783  N N   . GLN A 1 137 ? 3.199   -5.791  6.383   1.00 40.90 ? 125 GLN A N   1 
ATOM   784  C CA  . GLN A 1 137 ? 3.534   -4.701  7.331   1.00 43.61 ? 125 GLN A CA  1 
ATOM   785  C C   . GLN A 1 137 ? 4.291   -5.296  8.523   1.00 41.07 ? 125 GLN A C   1 
ATOM   786  O O   . GLN A 1 137 ? 5.344   -4.755  8.875   1.00 38.23 ? 125 GLN A O   1 
ATOM   787  C CB  . GLN A 1 137 ? 2.268   -3.942  7.745   1.00 48.42 ? 125 GLN A CB  1 
ATOM   788  C CG  . GLN A 1 137 ? 2.526   -2.518  8.207   1.00 56.67 ? 125 GLN A CG  1 
ATOM   789  C CD  . GLN A 1 137 ? 3.190   -1.663  7.150   1.00 64.88 ? 125 GLN A CD  1 
ATOM   790  O OE1 . GLN A 1 137 ? 3.044   -1.866  5.936   1.00 71.31 ? 125 GLN A OE1 1 
ATOM   791  N NE2 . GLN A 1 137 ? 3.945   -0.686  7.623   1.00 70.76 ? 125 GLN A NE2 1 
ATOM   792  N N   . ALA A 1 138 ? 3.765   -6.351  9.137   1.00 39.96 ? 126 ALA A N   1 
ATOM   793  C CA  . ALA A 1 138 ? 4.457   -7.091  10.215  1.00 41.54 ? 126 ALA A CA  1 
ATOM   794  C C   . ALA A 1 138 ? 5.864   -7.481  9.727   1.00 43.40 ? 126 ALA A C   1 
ATOM   795  O O   . ALA A 1 138 ? 6.868   -7.114  10.397  1.00 41.10 ? 126 ALA A O   1 
ATOM   796  C CB  . ALA A 1 138 ? 3.632   -8.290  10.618  1.00 40.82 ? 126 ALA A CB  1 
ATOM   797  N N   . ALA A 1 139 ? 5.950   -8.124  8.554   1.00 42.93 ? 127 ALA A N   1 
ATOM   798  C CA  . ALA A 1 139 ? 7.201   -8.688  7.985   1.00 42.13 ? 127 ALA A CA  1 
ATOM   799  C C   . ALA A 1 139 ? 8.293   -7.624  7.799   1.00 45.65 ? 127 ALA A C   1 
ATOM   800  O O   . ALA A 1 139 ? 9.429   -8.032  7.574   1.00 48.88 ? 127 ALA A O   1 
ATOM   801  C CB  . ALA A 1 139 ? 6.911   -9.373  6.678   1.00 40.80 ? 127 ALA A CB  1 
ATOM   802  N N   . ARG A 1 140 ? 7.977   -6.324  7.839   1.00 49.12 ? 128 ARG A N   1 
ATOM   803  C CA  . ARG A 1 140 ? 8.978   -5.222  7.720   1.00 47.73 ? 128 ARG A CA  1 
ATOM   804  C C   . ARG A 1 140 ? 9.953   -5.230  8.900   1.00 53.56 ? 128 ARG A C   1 
ATOM   805  O O   . ARG A 1 140 ? 11.106  -4.774  8.726   1.00 53.19 ? 128 ARG A O   1 
ATOM   806  C CB  . ARG A 1 140 ? 8.316   -3.849  7.761   1.00 45.27 ? 128 ARG A CB  1 
ATOM   807  C CG  . ARG A 1 140 ? 7.590   -3.496  6.478   1.00 52.09 ? 128 ARG A CG  1 
ATOM   808  C CD  . ARG A 1 140 ? 6.737   -2.263  6.680   1.00 52.09 ? 128 ARG A CD  1 
ATOM   809  N NE  . ARG A 1 140 ? 7.606   -1.121  6.761   1.00 53.21 ? 128 ARG A NE  1 
ATOM   810  C CZ  . ARG A 1 140 ? 7.210   0.134   6.729   1.00 56.20 ? 128 ARG A CZ  1 
ATOM   811  N NH1 . ARG A 1 140 ? 5.921   0.424   6.639   1.00 52.52 ? 128 ARG A NH1 1 
ATOM   812  N NH2 . ARG A 1 140 ? 8.116   1.094   6.794   1.00 52.38 ? 128 ARG A NH2 1 
ATOM   813  N N   . ALA A 1 141 ? 9.486   -5.667  10.068  1.00 56.34 ? 129 ALA A N   1 
ATOM   814  C CA  . ALA A 1 141 ? 10.287  -5.751  11.310  1.00 57.93 ? 129 ALA A CA  1 
ATOM   815  C C   . ALA A 1 141 ? 11.394  -6.805  11.153  1.00 58.70 ? 129 ALA A C   1 
ATOM   816  O O   . ALA A 1 141 ? 12.477  -6.594  11.715  1.00 57.20 ? 129 ALA A O   1 
ATOM   817  C CB  . ALA A 1 141 ? 9.378   -6.056  12.479  1.00 56.72 ? 129 ALA A CB  1 
ATOM   818  N N   . THR A 1 142 ? 11.133  -7.886  10.414  1.00 56.16 ? 130 THR A N   1 
ATOM   819  C CA  . THR A 1 142 ? 11.960  -9.120  10.386  1.00 55.38 ? 130 THR A CA  1 
ATOM   820  C C   . THR A 1 142 ? 12.631  -9.318  9.016   1.00 56.21 ? 130 THR A C   1 
ATOM   821  O O   . THR A 1 142 ? 13.667  -10.006 8.967   1.00 56.72 ? 130 THR A O   1 
ATOM   822  C CB  . THR A 1 142 ? 11.096  -10.319 10.791  1.00 56.13 ? 130 THR A CB  1 
ATOM   823  O OG1 . THR A 1 142 ? 10.130  -10.535 9.764   1.00 51.07 ? 130 THR A OG1 1 
ATOM   824  C CG2 . THR A 1 142 ? 10.386  -10.104 12.110  1.00 58.05 ? 130 THR A CG2 1 
ATOM   825  N N   . SER A 1 143 ? 12.085  -8.767  7.931   1.00 52.10 ? 131 SER A N   1 
ATOM   826  C CA  . SER A 1 143 ? 12.615  -8.988  6.562   1.00 48.85 ? 131 SER A CA  1 
ATOM   827  C C   . SER A 1 143 ? 13.201  -7.692  6.000   1.00 51.50 ? 131 SER A C   1 
ATOM   828  O O   . SER A 1 143 ? 12.445  -6.740  5.750   1.00 52.27 ? 131 SER A O   1 
ATOM   829  C CB  . SER A 1 143 ? 11.581  -9.555  5.639   1.00 48.33 ? 131 SER A CB  1 
ATOM   830  O OG  . SER A 1 143 ? 12.078  -9.559  4.306   1.00 51.25 ? 131 SER A OG  1 
ATOM   831  N N   . VAL A 1 144 ? 14.510  -7.700  5.761   1.00 53.92 ? 132 VAL A N   1 
ATOM   832  C CA  . VAL A 1 144 ? 15.264  -6.585  5.130   1.00 51.15 ? 132 VAL A CA  1 
ATOM   833  C C   . VAL A 1 144 ? 14.702  -6.350  3.727   1.00 47.35 ? 132 VAL A C   1 
ATOM   834  O O   . VAL A 1 144 ? 14.666  -5.180  3.318   1.00 51.02 ? 132 VAL A O   1 
ATOM   835  C CB  . VAL A 1 144 ? 16.780  -6.866  5.101   1.00 54.98 ? 132 VAL A CB  1 
ATOM   836  C CG1 . VAL A 1 144 ? 17.550  -5.719  4.451   1.00 56.96 ? 132 VAL A CG1 1 
ATOM   837  C CG2 . VAL A 1 144 ? 17.319  -7.153  6.500   1.00 56.52 ? 132 VAL A CG2 1 
ATOM   838  N N   . GLU A 1 145 ? 14.311  -7.404  3.003   1.00 46.61 ? 133 GLU A N   1 
ATOM   839  C CA  . GLU A 1 145 ? 13.863  -7.274  1.589   1.00 47.81 ? 133 GLU A CA  1 
ATOM   840  C C   . GLU A 1 145 ? 12.481  -6.604  1.553   1.00 40.83 ? 133 GLU A C   1 
ATOM   841  O O   . GLU A 1 145 ? 12.224  -5.815  0.620   1.00 36.35 ? 133 GLU A O   1 
ATOM   842  C CB  . GLU A 1 145 ? 13.836  -8.624  0.865   1.00 53.52 ? 133 GLU A CB  1 
ATOM   843  C CG  . GLU A 1 145 ? 15.209  -9.195  0.573   1.00 58.94 ? 133 GLU A CG  1 
ATOM   844  C CD  . GLU A 1 145 ? 15.562  -10.402 1.432   1.00 68.11 ? 133 GLU A CD  1 
ATOM   845  O OE1 . GLU A 1 145 ? 15.337  -10.352 2.680   1.00 63.32 ? 133 GLU A OE1 1 
ATOM   846  O OE2 . GLU A 1 145 ? 16.039  -11.403 0.849   1.00 68.28 ? 133 GLU A OE2 1 
ATOM   847  N N   . VAL A 1 146 ? 11.626  -6.909  2.529   1.00 36.50 ? 134 VAL A N   1 
ATOM   848  C CA  . VAL A 1 146 ? 10.255  -6.337  2.594   1.00 36.42 ? 134 VAL A CA  1 
ATOM   849  C C   . VAL A 1 146 ? 10.392  -4.858  2.978   1.00 34.21 ? 134 VAL A C   1 
ATOM   850  O O   . VAL A 1 146 ? 9.778   -4.031  2.281   1.00 33.19 ? 134 VAL A O   1 
ATOM   851  C CB  . VAL A 1 146 ? 9.347   -7.149  3.543   1.00 36.82 ? 134 VAL A CB  1 
ATOM   852  C CG1 . VAL A 1 146 ? 8.058   -6.419  3.885   1.00 34.60 ? 134 VAL A CG1 1 
ATOM   853  C CG2 . VAL A 1 146 ? 9.047   -8.534  2.974   1.00 37.52 ? 134 VAL A CG2 1 
ATOM   854  N N   . ALA A 1 147 ? 11.204  -4.560  4.003   1.00 34.46 ? 135 ALA A N   1 
ATOM   855  C CA  . ALA A 1 147 ? 11.551  -3.200  4.491   1.00 35.29 ? 135 ALA A CA  1 
ATOM   856  C C   . ALA A 1 147 ? 12.101  -2.343  3.350   1.00 35.84 ? 135 ALA A C   1 
ATOM   857  O O   . ALA A 1 147 ? 11.715  -1.169  3.265   1.00 40.76 ? 135 ALA A O   1 
ATOM   858  C CB  . ALA A 1 147 ? 12.545  -3.264  5.626   1.00 32.53 ? 135 ALA A CB  1 
ATOM   859  N N   . GLU A 1 148 ? 12.968  -2.905  2.509   1.00 39.68 ? 136 GLU A N   1 
ATOM   860  C CA  . GLU A 1 148 ? 13.572  -2.173  1.367   1.00 40.90 ? 136 GLU A CA  1 
ATOM   861  C C   . GLU A 1 148 ? 12.495  -1.957  0.304   1.00 38.17 ? 136 GLU A C   1 
ATOM   862  O O   . GLU A 1 148 ? 12.453  -0.843  -0.248  1.00 37.56 ? 136 GLU A O   1 
ATOM   863  C CB  . GLU A 1 148 ? 14.782  -2.906  0.783   1.00 44.18 ? 136 GLU A CB  1 
ATOM   864  C CG  . GLU A 1 148 ? 16.041  -2.746  1.628   1.00 56.06 ? 136 GLU A CG  1 
ATOM   865  C CD  . GLU A 1 148 ? 17.282  -3.511  1.162   1.00 63.34 ? 136 GLU A CD  1 
ATOM   866  O OE1 . GLU A 1 148 ? 17.133  -4.503  0.392   1.00 59.60 ? 136 GLU A OE1 1 
ATOM   867  O OE2 . GLU A 1 148 ? 18.407  -3.122  1.577   1.00 58.80 ? 136 GLU A OE2 1 
ATOM   868  N N   . LEU A 1 149 ? 11.686  -2.987  0.016   1.00 34.59 ? 137 LEU A N   1 
ATOM   869  C CA  . LEU A 1 149 ? 10.619  -2.905  -1.018  1.00 35.12 ? 137 LEU A CA  1 
ATOM   870  C C   . LEU A 1 149 ? 9.668   -1.775  -0.608  1.00 32.29 ? 137 LEU A C   1 
ATOM   871  O O   . LEU A 1 149 ? 9.348   -0.934  -1.434  1.00 28.57 ? 137 LEU A O   1 
ATOM   872  C CB  . LEU A 1 149 ? 9.874   -4.239  -1.145  1.00 35.49 ? 137 LEU A CB  1 
ATOM   873  C CG  . LEU A 1 149 ? 8.588   -4.194  -1.979  1.00 38.47 ? 137 LEU A CG  1 
ATOM   874  C CD1 . LEU A 1 149 ? 8.880   -3.743  -3.404  1.00 39.95 ? 137 LEU A CD1 1 
ATOM   875  C CD2 . LEU A 1 149 ? 7.863   -5.537  -1.992  1.00 37.94 ? 137 LEU A CD2 1 
ATOM   876  N N   . TRP A 1 150 ? 9.266   -1.753  0.652   1.00 33.52 ? 138 TRP A N   1 
ATOM   877  C CA  . TRP A 1 150 ? 8.309   -0.740  1.156   1.00 37.94 ? 138 TRP A CA  1 
ATOM   878  C C   . TRP A 1 150 ? 8.979   0.637   1.066   1.00 34.82 ? 138 TRP A C   1 
ATOM   879  O O   . TRP A 1 150 ? 8.359   1.611   0.556   1.00 32.21 ? 138 TRP A O   1 
ATOM   880  C CB  . TRP A 1 150 ? 7.843   -1.089  2.573   1.00 38.34 ? 138 TRP A CB  1 
ATOM   881  C CG  . TRP A 1 150 ? 6.661   -0.249  2.906   1.00 44.82 ? 138 TRP A CG  1 
ATOM   882  C CD1 . TRP A 1 150 ? 6.611   0.918   3.618   1.00 46.29 ? 138 TRP A CD1 1 
ATOM   883  C CD2 . TRP A 1 150 ? 5.345   -0.475  2.395   1.00 45.68 ? 138 TRP A CD2 1 
ATOM   884  N NE1 . TRP A 1 150 ? 5.337   1.423   3.607   1.00 45.70 ? 138 TRP A NE1 1 
ATOM   885  C CE2 . TRP A 1 150 ? 4.538   0.586   2.861   1.00 49.29 ? 138 TRP A CE2 1 
ATOM   886  C CE3 . TRP A 1 150 ? 4.790   -1.473  1.595   1.00 43.09 ? 138 TRP A CE3 1 
ATOM   887  C CZ2 . TRP A 1 150 ? 3.184   0.670   2.533   1.00 49.81 ? 138 TRP A CZ2 1 
ATOM   888  C CZ3 . TRP A 1 150 ? 3.453   -1.394  1.289   1.00 47.58 ? 138 TRP A CZ3 1 
ATOM   889  C CH2 . TRP A 1 150 ? 2.665   -0.336  1.748   1.00 52.00 ? 138 TRP A CH2 1 
ATOM   890  N N   . SER A 1 151 ? 10.238  0.707   1.483   1.00 32.69 ? 139 SER A N   1 
ATOM   891  C CA  . SER A 1 151 ? 11.028  1.965   1.492   1.00 32.92 ? 139 SER A CA  1 
ATOM   892  C C   . SER A 1 151 ? 11.118  2.545   0.072   1.00 29.59 ? 139 SER A C   1 
ATOM   893  O O   . SER A 1 151 ? 10.822  3.746   -0.095  1.00 28.63 ? 139 SER A O   1 
ATOM   894  C CB  . SER A 1 151 ? 12.362  1.740   2.110   1.00 34.57 ? 139 SER A CB  1 
ATOM   895  O OG  . SER A 1 151 ? 13.119  2.926   2.066   1.00 44.33 ? 139 SER A OG  1 
ATOM   896  N N   . THR A 1 152 ? 11.424  1.731   -0.937  1.00 26.73 ? 140 THR A N   1 
ATOM   897  C CA  . THR A 1 152 ? 11.563  2.217   -2.342  1.00 28.59 ? 140 THR A CA  1 
ATOM   898  C C   . THR A 1 152 ? 10.253  2.830   -2.838  1.00 25.47 ? 140 THR A C   1 
ATOM   899  O O   . THR A 1 152 ? 10.298  3.899   -3.447  1.00 28.07 ? 140 THR A O   1 
ATOM   900  C CB  . THR A 1 152 ? 11.974  1.103   -3.314  1.00 32.08 ? 140 THR A CB  1 
ATOM   901  O OG1 . THR A 1 152 ? 13.235  0.651   -2.843  1.00 32.19 ? 140 THR A OG1 1 
ATOM   902  C CG2 . THR A 1 152 ? 12.093  1.560   -4.752  1.00 30.94 ? 140 THR A CG2 1 
ATOM   903  N N   . PHE A 1 153 ? 9.115   2.175   -2.621  1.00 24.79 ? 141 PHE A N   1 
ATOM   904  C CA  . PHE A 1 153 ? 7.840   2.654   -3.196  1.00 26.55 ? 141 PHE A CA  1 
ATOM   905  C C   . PHE A 1 153 ? 7.380   3.896   -2.429  1.00 27.22 ? 141 PHE A C   1 
ATOM   906  O O   . PHE A 1 153 ? 6.951   4.868   -3.110  1.00 30.36 ? 141 PHE A O   1 
ATOM   907  C CB  . PHE A 1 153 ? 6.854   1.504   -3.342  1.00 29.49 ? 141 PHE A CB  1 
ATOM   908  C CG  . PHE A 1 153 ? 7.118   0.694   -4.585  1.00 30.16 ? 141 PHE A CG  1 
ATOM   909  C CD1 . PHE A 1 153 ? 6.639   1.119   -5.816  1.00 32.63 ? 141 PHE A CD1 1 
ATOM   910  C CD2 . PHE A 1 153 ? 7.906   -0.446  -4.537  1.00 30.05 ? 141 PHE A CD2 1 
ATOM   911  C CE1 . PHE A 1 153 ? 6.898   0.380   -6.966  1.00 37.13 ? 141 PHE A CE1 1 
ATOM   912  C CE2 . PHE A 1 153 ? 8.191   -1.161  -5.694  1.00 32.67 ? 141 PHE A CE2 1 
ATOM   913  C CZ  . PHE A 1 153 ? 7.687   -0.748  -6.906  1.00 33.38 ? 141 PHE A CZ  1 
ATOM   914  N N   . MET A 1 154 ? 7.554   3.931   -1.107  1.00 29.17 ? 142 MET A N   1 
ATOM   915  C CA  . MET A 1 154 ? 7.158   5.112   -0.291  1.00 30.65 ? 142 MET A CA  1 
ATOM   916  C C   . MET A 1 154 ? 7.990   6.316   -0.763  1.00 28.59 ? 142 MET A C   1 
ATOM   917  O O   . MET A 1 154 ? 7.436   7.418   -0.907  1.00 25.79 ? 142 MET A O   1 
ATOM   918  C CB  . MET A 1 154 ? 7.362   4.861   1.208   1.00 31.89 ? 142 MET A CB  1 
ATOM   919  C CG  . MET A 1 154 ? 6.379   3.875   1.806   1.00 36.02 ? 142 MET A CG  1 
ATOM   920  S SD  . MET A 1 154 ? 4.697   4.531   1.860   1.00 39.64 ? 142 MET A SD  1 
ATOM   921  C CE  . MET A 1 154 ? 4.810   5.812   3.109   1.00 38.34 ? 142 MET A CE  1 
ATOM   922  N N   . GLN A 1 155 ? 9.269   6.108   -1.056  1.00 29.71 ? 143 GLN A N   1 
ATOM   923  C CA  . GLN A 1 155 ? 10.127  7.196   -1.578  1.00 32.58 ? 143 GLN A CA  1 
ATOM   924  C C   . GLN A 1 155 ? 9.530   7.688   -2.894  1.00 32.32 ? 143 GLN A C   1 
ATOM   925  O O   . GLN A 1 155 ? 9.458   8.923   -3.087  1.00 30.57 ? 143 GLN A O   1 
ATOM   926  C CB  . GLN A 1 155 ? 11.574  6.742   -1.743  1.00 34.81 ? 143 GLN A CB  1 
ATOM   927  C CG  . GLN A 1 155 ? 12.358  6.742   -0.439  1.00 39.05 ? 143 GLN A CG  1 
ATOM   928  C CD  . GLN A 1 155 ? 13.793  6.316   -0.656  1.00 48.32 ? 143 GLN A CD  1 
ATOM   929  O OE1 . GLN A 1 155 ? 14.583  7.032   -1.269  1.00 48.47 ? 143 GLN A OE1 1 
ATOM   930  N NE2 . GLN A 1 155 ? 14.141  5.129   -0.174  1.00 47.64 ? 143 GLN A NE2 1 
ATOM   931  N N   . LYS A 1 156 ? 9.097   6.759   -3.746  1.00 30.37 ? 144 LYS A N   1 
ATOM   932  C CA  . LYS A 1 156 ? 8.574   7.079   -5.100  1.00 33.04 ? 144 LYS A CA  1 
ATOM   933  C C   . LYS A 1 156 ? 7.276   7.877   -4.964  1.00 29.62 ? 144 LYS A C   1 
ATOM   934  O O   . LYS A 1 156 ? 7.169   8.912   -5.633  1.00 28.47 ? 144 LYS A O   1 
ATOM   935  C CB  . LYS A 1 156 ? 8.371   5.791   -5.908  1.00 37.87 ? 144 LYS A CB  1 
ATOM   936  C CG  . LYS A 1 156 ? 8.245   5.992   -7.409  1.00 42.67 ? 144 LYS A CG  1 
ATOM   937  C CD  . LYS A 1 156 ? 7.744   4.781   -8.179  1.00 47.43 ? 144 LYS A CD  1 
ATOM   938  C CE  . LYS A 1 156 ? 6.986   5.213   -9.425  1.00 58.09 ? 144 LYS A CE  1 
ATOM   939  N NZ  . LYS A 1 156 ? 7.062   4.220   -10.530 1.00 62.98 ? 144 LYS A NZ  1 
ATOM   940  N N   . TRP A 1 157 ? 6.354   7.433   -4.097  1.00 29.04 ? 145 TRP A N   1 
ATOM   941  C CA  . TRP A 1 157 ? 5.008   8.049   -3.903  1.00 28.80 ? 145 TRP A CA  1 
ATOM   942  C C   . TRP A 1 157 ? 5.111   9.417   -3.219  1.00 25.73 ? 145 TRP A C   1 
ATOM   943  O O   . TRP A 1 157 ? 4.404   10.360  -3.628  1.00 24.11 ? 145 TRP A O   1 
ATOM   944  C CB  . TRP A 1 157 ? 4.086   7.088   -3.138  1.00 30.89 ? 145 TRP A CB  1 
ATOM   945  C CG  . TRP A 1 157 ? 3.855   5.815   -3.893  1.00 29.39 ? 145 TRP A CG  1 
ATOM   946  C CD1 . TRP A 1 157 ? 3.790   5.666   -5.247  1.00 30.50 ? 145 TRP A CD1 1 
ATOM   947  C CD2 . TRP A 1 157 ? 3.690   4.503   -3.342  1.00 29.01 ? 145 TRP A CD2 1 
ATOM   948  N NE1 . TRP A 1 157 ? 3.593   4.354   -5.571  1.00 31.15 ? 145 TRP A NE1 1 
ATOM   949  C CE2 . TRP A 1 157 ? 3.527   3.619   -4.422  1.00 28.71 ? 145 TRP A CE2 1 
ATOM   950  C CE3 . TRP A 1 157 ? 3.685   3.991   -2.044  1.00 30.56 ? 145 TRP A CE3 1 
ATOM   951  C CZ2 . TRP A 1 157 ? 3.342   2.254   -4.243  1.00 30.34 ? 145 TRP A CZ2 1 
ATOM   952  C CZ3 . TRP A 1 157 ? 3.463   2.645   -1.865  1.00 31.94 ? 145 TRP A CZ3 1 
ATOM   953  C CH2 . TRP A 1 157 ? 3.315   1.787   -2.952  1.00 31.73 ? 145 TRP A CH2 1 
ATOM   954  N N   . ILE A 1 158 ? 6.006   9.541   -2.251  1.00 25.85 ? 146 ILE A N   1 
ATOM   955  C CA  . ILE A 1 158 ? 6.345   10.854  -1.622  1.00 27.47 ? 146 ILE A CA  1 
ATOM   956  C C   . ILE A 1 158 ? 6.919   11.826  -2.672  1.00 26.90 ? 146 ILE A C   1 
ATOM   957  O O   . ILE A 1 158 ? 6.596   13.035  -2.603  1.00 27.03 ? 146 ILE A O   1 
ATOM   958  C CB  . ILE A 1 158 ? 7.298   10.644  -0.432  1.00 26.39 ? 146 ILE A CB  1 
ATOM   959  C CG1 . ILE A 1 158 ? 6.553   9.975   0.726   1.00 26.86 ? 146 ILE A CG1 1 
ATOM   960  C CG2 . ILE A 1 158 ? 7.951   11.958  -0.024  1.00 26.70 ? 146 ILE A CG2 1 
ATOM   961  C CD1 . ILE A 1 158 ? 7.449   9.437   1.810   1.00 28.66 ? 146 ILE A CD1 1 
ATOM   962  N N   . ALA A 1 159 ? 7.763   11.357  -3.590  1.00 25.05 ? 147 ALA A N   1 
ATOM   963  C CA  . ALA A 1 159 ? 8.439   12.240  -4.569  1.00 27.75 ? 147 ALA A CA  1 
ATOM   964  C C   . ALA A 1 159 ? 7.396   12.739  -5.583  1.00 28.19 ? 147 ALA A C   1 
ATOM   965  O O   . ALA A 1 159 ? 7.366   13.967  -5.928  1.00 25.14 ? 147 ALA A O   1 
ATOM   966  C CB  . ALA A 1 159 ? 9.599   11.511  -5.214  1.00 29.46 ? 147 ALA A CB  1 
ATOM   967  N N   . TYR A 1 160 ? 6.493   11.847  -5.982  1.00 28.68 ? 148 TYR A N   1 
ATOM   968  C CA  . TYR A 1 160 ? 5.373   12.198  -6.890  1.00 30.35 ? 148 TYR A CA  1 
ATOM   969  C C   . TYR A 1 160 ? 4.491   13.261  -6.209  1.00 28.16 ? 148 TYR A C   1 
ATOM   970  O O   . TYR A 1 160 ? 4.119   14.249  -6.882  1.00 28.43 ? 148 TYR A O   1 
ATOM   971  C CB  . TYR A 1 160 ? 4.624   10.941  -7.352  1.00 31.97 ? 148 TYR A CB  1 
ATOM   972  C CG  . TYR A 1 160 ? 3.458   11.305  -8.225  1.00 35.17 ? 148 TYR A CG  1 
ATOM   973  C CD1 . TYR A 1 160 ? 3.648   12.038  -9.385  1.00 34.06 ? 148 TYR A CD1 1 
ATOM   974  C CD2 . TYR A 1 160 ? 2.161   11.013  -7.844  1.00 36.74 ? 148 TYR A CD2 1 
ATOM   975  C CE1 . TYR A 1 160 ? 2.580   12.441  -10.165 1.00 36.52 ? 148 TYR A CE1 1 
ATOM   976  C CE2 . TYR A 1 160 ? 1.082   11.396  -8.624  1.00 39.76 ? 148 TYR A CE2 1 
ATOM   977  C CZ  . TYR A 1 160 ? 1.287   12.127  -9.780  1.00 40.13 ? 148 TYR A CZ  1 
ATOM   978  O OH  . TYR A 1 160 ? 0.216   12.510  -10.540 1.00 44.67 ? 148 TYR A OH  1 
ATOM   979  N N   . THR A 1 161 ? 4.197   13.098  -4.913  1.00 28.68 ? 149 THR A N   1 
ATOM   980  C CA  . THR A 1 161 ? 3.324   13.997  -4.097  1.00 25.99 ? 149 THR A CA  1 
ATOM   981  C C   . THR A 1 161 ? 4.016   15.353  -3.976  1.00 26.24 ? 149 THR A C   1 
ATOM   982  O O   . THR A 1 161 ? 3.353   16.385  -4.137  1.00 28.60 ? 149 THR A O   1 
ATOM   983  C CB  . THR A 1 161 ? 3.008   13.429  -2.696  1.00 24.95 ? 149 THR A CB  1 
ATOM   984  O OG1 . THR A 1 161 ? 2.462   12.113  -2.779  1.00 22.62 ? 149 THR A OG1 1 
ATOM   985  C CG2 . THR A 1 161 ? 2.040   14.275  -1.891  1.00 24.06 ? 149 THR A CG2 1 
ATOM   986  N N   . ALA A 1 162 ? 5.310   15.344  -3.696  1.00 28.01 ? 150 ALA A N   1 
ATOM   987  C CA  . ALA A 1 162 ? 6.128   16.572  -3.574  1.00 30.25 ? 150 ALA A CA  1 
ATOM   988  C C   . ALA A 1 162 ? 6.114   17.323  -4.914  1.00 30.78 ? 150 ALA A C   1 
ATOM   989  O O   . ALA A 1 162 ? 5.883   18.552  -4.885  1.00 29.35 ? 150 ALA A O   1 
ATOM   990  C CB  . ALA A 1 162 ? 7.523   16.223  -3.141  1.00 28.67 ? 150 ALA A CB  1 
ATOM   991  N N   . ALA A 1 163 ? 6.302   16.618  -6.043  1.00 28.82 ? 151 ALA A N   1 
ATOM   992  C CA  . ALA A 1 163 ? 6.331   17.217  -7.401  1.00 28.29 ? 151 ALA A CA  1 
ATOM   993  C C   . ALA A 1 163 ? 4.957   17.814  -7.712  1.00 28.85 ? 151 ALA A C   1 
ATOM   994  O O   . ALA A 1 163 ? 4.903   18.930  -8.253  1.00 28.55 ? 151 ALA A O   1 
ATOM   995  C CB  . ALA A 1 163 ? 6.754   16.209  -8.457  1.00 27.39 ? 151 ALA A CB  1 
ATOM   996  N N   . VAL A 1 164 ? 3.879   17.100  -7.362  1.00 30.52 ? 152 VAL A N   1 
ATOM   997  C CA  . VAL A 1 164 ? 2.487   17.598  -7.551  1.00 27.43 ? 152 VAL A CA  1 
ATOM   998  C C   . VAL A 1 164 ? 2.286   18.851  -6.678  1.00 26.53 ? 152 VAL A C   1 
ATOM   999  O O   . VAL A 1 164 ? 1.793   19.846  -7.187  1.00 27.28 ? 152 VAL A O   1 
ATOM   1000 C CB  . VAL A 1 164 ? 1.449   16.497  -7.270  1.00 27.76 ? 152 VAL A CB  1 
ATOM   1001 C CG1 . VAL A 1 164 ? 0.044   17.055  -7.216  1.00 26.56 ? 152 VAL A CG1 1 
ATOM   1002 C CG2 . VAL A 1 164 ? 1.525   15.374  -8.294  1.00 30.31 ? 152 VAL A CG2 1 
ATOM   1003 N N   . ILE A 1 165 ? 2.656   18.832  -5.403  1.00 25.83 ? 153 ILE A N   1 
ATOM   1004 C CA  . ILE A 1 165 ? 2.496   20.025  -4.524  1.00 27.40 ? 153 ILE A CA  1 
ATOM   1005 C C   . ILE A 1 165 ? 3.301   21.213  -5.092  1.00 29.79 ? 153 ILE A C   1 
ATOM   1006 O O   . ILE A 1 165 ? 2.775   22.341  -5.073  1.00 30.95 ? 153 ILE A O   1 
ATOM   1007 C CB  . ILE A 1 165 ? 2.872   19.683  -3.074  1.00 29.06 ? 153 ILE A CB  1 
ATOM   1008 C CG1 . ILE A 1 165 ? 1.842   18.728  -2.460  1.00 29.29 ? 153 ILE A CG1 1 
ATOM   1009 C CG2 . ILE A 1 165 ? 3.041   20.971  -2.248  1.00 30.53 ? 153 ILE A CG2 1 
ATOM   1010 C CD1 . ILE A 1 165 ? 2.311   18.021  -1.206  1.00 33.34 ? 153 ILE A CD1 1 
ATOM   1011 N N   . ASP A 1 166 ? 4.497   20.975  -5.632  1.00 31.98 ? 154 ASP A N   1 
ATOM   1012 C CA  . ASP A 1 166 ? 5.358   22.049  -6.203  1.00 36.56 ? 154 ASP A CA  1 
ATOM   1013 C C   . ASP A 1 166 ? 4.680   22.619  -7.457  1.00 35.09 ? 154 ASP A C   1 
ATOM   1014 O O   . ASP A 1 166 ? 4.668   23.857  -7.595  1.00 34.40 ? 154 ASP A O   1 
ATOM   1015 C CB  . ASP A 1 166 ? 6.800   21.581  -6.450  1.00 38.16 ? 154 ASP A CB  1 
ATOM   1016 C CG  . ASP A 1 166 ? 7.682   21.594  -5.203  1.00 42.58 ? 154 ASP A CG  1 
ATOM   1017 O OD1 . ASP A 1 166 ? 7.442   22.437  -4.297  1.00 43.95 ? 154 ASP A OD1 1 
ATOM   1018 O OD2 . ASP A 1 166 ? 8.616   20.759  -5.135  1.00 48.71 ? 154 ASP A OD2 1 
ATOM   1019 N N   . ALA A 1 167 ? 4.106   21.768  -8.308  1.00 34.69 ? 155 ALA A N   1 
ATOM   1020 C CA  . ALA A 1 167 ? 3.420   22.185  -9.560  1.00 36.67 ? 155 ALA A CA  1 
ATOM   1021 C C   . ALA A 1 167 ? 2.188   23.011  -9.217  1.00 34.85 ? 155 ALA A C   1 
ATOM   1022 O O   . ALA A 1 167 ? 1.958   24.003  -9.891  1.00 40.57 ? 155 ALA A O   1 
ATOM   1023 C CB  . ALA A 1 167 ? 3.039   20.997  -10.414 1.00 37.74 ? 155 ALA A CB  1 
ATOM   1024 N N   . GLU A 1 168 ? 1.458   22.629  -8.172  1.00 35.20 ? 156 GLU A N   1 
ATOM   1025 C CA  . GLU A 1 168 ? 0.306   23.412  -7.670  1.00 36.88 ? 156 GLU A CA  1 
ATOM   1026 C C   . GLU A 1 168 ? 0.771   24.781  -7.150  1.00 34.81 ? 156 GLU A C   1 
ATOM   1027 O O   . GLU A 1 168 ? 0.017   25.750  -7.279  1.00 38.12 ? 156 GLU A O   1 
ATOM   1028 C CB  . GLU A 1 168 ? -0.420  22.621  -6.585  1.00 38.17 ? 156 GLU A CB  1 
ATOM   1029 C CG  . GLU A 1 168 ? -1.315  21.538  -7.133  1.00 37.48 ? 156 GLU A CG  1 
ATOM   1030 C CD  . GLU A 1 168 ? -2.562  22.066  -7.814  1.00 38.43 ? 156 GLU A CD  1 
ATOM   1031 O OE1 . GLU A 1 168 ? -3.629  21.937  -7.223  1.00 38.64 ? 156 GLU A OE1 1 
ATOM   1032 O OE2 . GLU A 1 168 ? -2.460  22.567  -8.948  1.00 40.85 ? 156 GLU A OE2 1 
ATOM   1033 N N   . ARG A 1 169 ? 1.943   24.867  -6.533  1.00 35.04 ? 157 ARG A N   1 
ATOM   1034 C CA  . ARG A 1 169 ? 2.469   26.165  -6.026  1.00 35.60 ? 157 ARG A CA  1 
ATOM   1035 C C   . ARG A 1 169 ? 2.955   27.017  -7.199  1.00 37.37 ? 157 ARG A C   1 
ATOM   1036 O O   . ARG A 1 169 ? 2.703   28.226  -7.156  1.00 38.12 ? 157 ARG A O   1 
ATOM   1037 C CB  . ARG A 1 169 ? 3.603   25.954  -5.023  1.00 33.75 ? 157 ARG A CB  1 
ATOM   1038 C CG  . ARG A 1 169 ? 3.135   25.219  -3.777  1.00 32.40 ? 157 ARG A CG  1 
ATOM   1039 C CD  . ARG A 1 169 ? 4.285   24.846  -2.871  1.00 31.42 ? 157 ARG A CD  1 
ATOM   1040 N NE  . ARG A 1 169 ? 3.757   24.356  -1.615  1.00 29.08 ? 157 ARG A NE  1 
ATOM   1041 C CZ  . ARG A 1 169 ? 4.474   24.112  -0.536  1.00 28.93 ? 157 ARG A CZ  1 
ATOM   1042 N NH1 . ARG A 1 169 ? 3.870   23.671  0.553   1.00 30.40 ? 157 ARG A NH1 1 
ATOM   1043 N NH2 . ARG A 1 169 ? 5.783   24.274  -0.543  1.00 27.60 ? 157 ARG A NH2 1 
ATOM   1044 N N   . ASP A 1 170 ? 3.619   26.425  -8.201  1.00 39.64 ? 158 ASP A N   1 
ATOM   1045 C CA  . ASP A 1 170 ? 4.145   27.193  -9.366  1.00 43.32 ? 158 ASP A CA  1 
ATOM   1046 C C   . ASP A 1 170 ? 2.956   27.786  -10.124 1.00 46.51 ? 158 ASP A C   1 
ATOM   1047 O O   . ASP A 1 170 ? 3.044   28.956  -10.489 1.00 48.78 ? 158 ASP A O   1 
ATOM   1048 C CB  . ASP A 1 170 ? 5.060   26.369  -10.265 1.00 42.46 ? 158 ASP A CB  1 
ATOM   1049 C CG  . ASP A 1 170 ? 6.302   25.860  -9.549  1.00 46.61 ? 158 ASP A CG  1 
ATOM   1050 O OD1 . ASP A 1 170 ? 6.701   26.477  -8.517  1.00 44.87 ? 158 ASP A OD1 1 
ATOM   1051 O OD2 . ASP A 1 170 ? 6.848   24.823  -10.005 1.00 51.37 ? 158 ASP A OD2 1 
ATOM   1052 N N   . ARG A 1 171 ? 1.850   27.052  -10.257 1.00 45.35 ? 159 ARG A N   1 
ATOM   1053 C CA  . ARG A 1 171 ? 0.651   27.541  -10.994 1.00 47.12 ? 159 ARG A CA  1 
ATOM   1054 C C   . ARG A 1 171 ? -0.211  28.452  -10.092 1.00 42.79 ? 159 ARG A C   1 
ATOM   1055 O O   . ARG A 1 171 ? -1.233  28.938  -10.568 1.00 41.40 ? 159 ARG A O   1 
ATOM   1056 C CB  . ARG A 1 171 ? -0.080  26.353  -11.631 1.00 46.86 ? 159 ARG A CB  1 
ATOM   1057 C CG  . ARG A 1 171 ? -1.323  25.860  -10.913 1.00 46.34 ? 159 ARG A CG  1 
ATOM   1058 C CD  . ARG A 1 171 ? -1.870  24.617  -11.589 1.00 51.40 ? 159 ARG A CD  1 
ATOM   1059 N NE  . ARG A 1 171 ? -0.850  23.833  -12.299 1.00 54.10 ? 159 ARG A NE  1 
ATOM   1060 C CZ  . ARG A 1 171 ? -0.425  22.595  -11.989 1.00 58.10 ? 159 ARG A CZ  1 
ATOM   1061 N NH1 . ARG A 1 171 ? -0.904  21.930  -10.943 1.00 54.58 ? 159 ARG A NH1 1 
ATOM   1062 N NH2 . ARG A 1 171 ? 0.493   22.021  -12.750 1.00 52.73 ? 159 ARG A NH2 1 
ATOM   1063 N N   . GLY A 1 172 ? 0.196   28.721  -8.851  1.00 38.49 ? 160 GLY A N   1 
ATOM   1064 C CA  . GLY A 1 172 ? -0.480  29.696  -7.976  1.00 35.97 ? 160 GLY A CA  1 
ATOM   1065 C C   . GLY A 1 172 ? -1.706  29.132  -7.285  1.00 37.94 ? 160 GLY A C   1 
ATOM   1066 O O   . GLY A 1 172 ? -2.450  29.930  -6.684  1.00 33.65 ? 160 GLY A O   1 
ATOM   1067 N N   . ALA A 1 173 ? -1.905  27.806  -7.303  1.00 38.57 ? 161 ALA A N   1 
ATOM   1068 C CA  . ALA A 1 173 ? -3.112  27.146  -6.734  1.00 40.80 ? 161 ALA A CA  1 
ATOM   1069 C C   . ALA A 1 173 ? -2.936  26.845  -5.234  1.00 38.13 ? 161 ALA A C   1 
ATOM   1070 O O   . ALA A 1 173 ? -3.936  26.820  -4.526  1.00 34.55 ? 161 ALA A O   1 
ATOM   1071 C CB  . ALA A 1 173 ? -3.424  25.895  -7.517  1.00 45.68 ? 161 ALA A CB  1 
ATOM   1072 N N   . ALA A 1 174 ? -1.706  26.621  -4.776  1.00 39.11 ? 162 ALA A N   1 
ATOM   1073 C CA  . ALA A 1 174 ? -1.361  26.310  -3.368  1.00 39.42 ? 162 ALA A CA  1 
ATOM   1074 C C   . ALA A 1 174 ? -0.330  27.316  -2.858  1.00 38.60 ? 162 ALA A C   1 
ATOM   1075 O O   . ALA A 1 174 ? 0.582   27.677  -3.589  1.00 34.92 ? 162 ALA A O   1 
ATOM   1076 C CB  . ALA A 1 174 ? -0.826  24.897  -3.289  1.00 37.59 ? 162 ALA A CB  1 
ATOM   1077 N N   . PRO A 1 175 ? -0.425  27.780  -1.591  1.00 38.05 ? 163 PRO A N   1 
ATOM   1078 C CA  . PRO A 1 175 ? 0.564   28.701  -1.030  1.00 38.14 ? 163 PRO A CA  1 
ATOM   1079 C C   . PRO A 1 175 ? 1.867   27.963  -0.673  1.00 39.75 ? 163 PRO A C   1 
ATOM   1080 O O   . PRO A 1 175 ? 1.816   26.777  -0.428  1.00 40.91 ? 163 PRO A O   1 
ATOM   1081 C CB  . PRO A 1 175 ? -0.121  29.233  0.239   1.00 37.40 ? 163 PRO A CB  1 
ATOM   1082 C CG  . PRO A 1 175 ? -1.048  28.106  0.668   1.00 37.65 ? 163 PRO A CG  1 
ATOM   1083 C CD  . PRO A 1 175 ? -1.466  27.414  -0.615  1.00 38.09 ? 163 PRO A CD  1 
ATOM   1084 N N   . ARG A 1 176 ? 2.984   28.683  -0.646  1.00 34.51 ? 164 ARG A N   1 
ATOM   1085 C CA  . ARG A 1 176 ? 4.316   28.138  -0.305  1.00 38.10 ? 164 ARG A CA  1 
ATOM   1086 C C   . ARG A 1 176 ? 4.445   28.135  1.227   1.00 36.31 ? 164 ARG A C   1 
ATOM   1087 O O   . ARG A 1 176 ? 4.863   29.117  1.791   1.00 38.59 ? 164 ARG A O   1 
ATOM   1088 C CB  . ARG A 1 176 ? 5.411   28.960  -1.000  1.00 40.12 ? 164 ARG A CB  1 
ATOM   1089 C CG  . ARG A 1 176 ? 5.099   29.293  -2.457  1.00 47.19 ? 164 ARG A CG  1 
ATOM   1090 C CD  . ARG A 1 176 ? 6.264   29.929  -3.215  1.00 53.40 ? 164 ARG A CD  1 
ATOM   1091 N NE  . ARG A 1 176 ? 6.119   29.847  -4.670  1.00 58.18 ? 164 ARG A NE  1 
ATOM   1092 C CZ  . ARG A 1 176 ? 6.395   28.768  -5.416  1.00 64.50 ? 164 ARG A CZ  1 
ATOM   1093 N NH1 . ARG A 1 176 ? 6.225   28.819  -6.730  1.00 65.04 ? 164 ARG A NH1 1 
ATOM   1094 N NH2 . ARG A 1 176 ? 6.828   27.642  -4.859  1.00 58.97 ? 164 ARG A NH2 1 
ATOM   1095 N N   . THR A 1 177 ? 4.088   27.046  1.879   1.00 35.61 ? 165 THR A N   1 
ATOM   1096 C CA  . THR A 1 177 ? 4.128   26.903  3.353   1.00 36.24 ? 165 THR A CA  1 
ATOM   1097 C C   . THR A 1 177 ? 5.294   25.977  3.697   1.00 34.28 ? 165 THR A C   1 
ATOM   1098 O O   . THR A 1 177 ? 6.415   26.367  3.484   1.00 38.29 ? 165 THR A O   1 
ATOM   1099 C CB  . THR A 1 177 ? 2.751   26.434  3.844   1.00 35.81 ? 165 THR A CB  1 
ATOM   1100 O OG1 . THR A 1 177 ? 2.365   25.302  3.063   1.00 32.40 ? 165 THR A OG1 1 
ATOM   1101 C CG2 . THR A 1 177 ? 1.692   27.507  3.720   1.00 34.64 ? 165 THR A CG2 1 
ATOM   1102 N N   . LEU A 1 178 ? 5.027   24.744  4.101   1.00 36.27 ? 166 LEU A N   1 
ATOM   1103 C CA  . LEU A 1 178 ? 6.085   23.762  4.413   1.00 33.49 ? 166 LEU A CA  1 
ATOM   1104 C C   . LEU A 1 178 ? 6.861   23.457  3.148   1.00 31.17 ? 166 LEU A C   1 
ATOM   1105 O O   . LEU A 1 178 ? 6.311   23.484  2.060   1.00 31.47 ? 166 LEU A O   1 
ATOM   1106 C CB  . LEU A 1 178 ? 5.444   22.477  4.935   1.00 34.35 ? 166 LEU A CB  1 
ATOM   1107 C CG  . LEU A 1 178 ? 4.781   22.546  6.304   1.00 35.23 ? 166 LEU A CG  1 
ATOM   1108 C CD1 . LEU A 1 178 ? 4.328   21.153  6.731   1.00 34.91 ? 166 LEU A CD1 1 
ATOM   1109 C CD2 . LEU A 1 178 ? 5.714   23.166  7.341   1.00 35.59 ? 166 LEU A CD2 1 
ATOM   1110 N N   . PRO A 1 179 ? 8.151   23.096  3.272   1.00 31.48 ? 167 PRO A N   1 
ATOM   1111 C CA  . PRO A 1 179 ? 8.837   22.339  2.234   1.00 30.05 ? 167 PRO A CA  1 
ATOM   1112 C C   . PRO A 1 179 ? 7.938   21.193  1.753   1.00 30.17 ? 167 PRO A C   1 
ATOM   1113 O O   . PRO A 1 179 ? 7.509   20.408  2.563   1.00 30.77 ? 167 PRO A O   1 
ATOM   1114 C CB  . PRO A 1 179 ? 10.100  21.855  2.959   1.00 31.29 ? 167 PRO A CB  1 
ATOM   1115 C CG  . PRO A 1 179 ? 10.394  22.997  3.920   1.00 31.77 ? 167 PRO A CG  1 
ATOM   1116 C CD  . PRO A 1 179 ? 9.021   23.405  4.414   1.00 31.71 ? 167 PRO A CD  1 
ATOM   1117 N N   . ALA A 1 180 ? 7.693   21.149  0.442   1.00 29.69 ? 168 ALA A N   1 
ATOM   1118 C CA  . ALA A 1 180 ? 6.762   20.239  -0.250  1.00 28.74 ? 168 ALA A CA  1 
ATOM   1119 C C   . ALA A 1 180 ? 7.108   18.796  0.104   1.00 27.40 ? 168 ALA A C   1 
ATOM   1120 O O   . ALA A 1 180 ? 6.168   18.021  0.337   1.00 26.59 ? 168 ALA A O   1 
ATOM   1121 C CB  . ALA A 1 180 ? 6.811   20.479  -1.744  1.00 28.76 ? 168 ALA A CB  1 
ATOM   1122 N N   . HIS A 1 181 ? 8.396   18.449  0.151   1.00 24.29 ? 169 HIS A N   1 
ATOM   1123 C CA  . HIS A 1 181 ? 8.838   17.045  0.335   1.00 27.13 ? 169 HIS A CA  1 
ATOM   1124 C C   . HIS A 1 181 ? 8.606   16.626  1.793   1.00 26.75 ? 169 HIS A C   1 
ATOM   1125 O O   . HIS A 1 181 ? 8.355   15.425  2.054   1.00 26.38 ? 169 HIS A O   1 
ATOM   1126 C CB  . HIS A 1 181 ? 10.298  16.852  -0.121  1.00 26.91 ? 169 HIS A CB  1 
ATOM   1127 C CG  . HIS A 1 181 ? 10.704  15.416  -0.210  1.00 24.92 ? 169 HIS A CG  1 
ATOM   1128 N ND1 . HIS A 1 181 ? 11.244  14.728  0.873   1.00 22.69 ? 169 HIS A ND1 1 
ATOM   1129 C CD2 . HIS A 1 181 ? 10.688  14.553  -1.251  1.00 23.96 ? 169 HIS A CD2 1 
ATOM   1130 C CE1 . HIS A 1 181 ? 11.516  13.491  0.507   1.00 22.88 ? 169 HIS A CE1 1 
ATOM   1131 N NE2 . HIS A 1 181 ? 11.196  13.356  -0.805  1.00 24.61 ? 169 HIS A NE2 1 
ATOM   1132 N N   . GLU A 1 182 ? 8.672   17.570  2.723   1.00 25.65 ? 170 GLU A N   1 
ATOM   1133 C CA  . GLU A 1 182 ? 8.482   17.239  4.158   1.00 27.17 ? 170 GLU A CA  1 
ATOM   1134 C C   . GLU A 1 182 ? 6.969   17.080  4.393   1.00 26.83 ? 170 GLU A C   1 
ATOM   1135 O O   . GLU A 1 182 ? 6.562   16.126  5.107   1.00 25.64 ? 170 GLU A O   1 
ATOM   1136 C CB  . GLU A 1 182 ? 9.184   18.290  5.031   1.00 28.73 ? 170 GLU A CB  1 
ATOM   1137 C CG  . GLU A 1 182 ? 10.675  18.409  4.742   1.00 29.29 ? 170 GLU A CG  1 
ATOM   1138 C CD  . GLU A 1 182 ? 11.472  19.524  5.422   1.00 31.80 ? 170 GLU A CD  1 
ATOM   1139 O OE1 . GLU A 1 182 ? 10.878  20.322  6.173   1.00 29.89 ? 170 GLU A OE1 1 
ATOM   1140 O OE2 . GLU A 1 182 ? 12.727  19.584  5.178   1.00 33.97 ? 170 GLU A OE2 1 
ATOM   1141 N N   . LEU A 1 183 ? 6.155   17.932  3.763   1.00 23.95 ? 171 LEU A N   1 
ATOM   1142 C CA  . LEU A 1 183 ? 4.677   17.837  3.821   1.00 24.67 ? 171 LEU A CA  1 
ATOM   1143 C C   . LEU A 1 183 ? 4.250   16.507  3.190   1.00 24.84 ? 171 LEU A C   1 
ATOM   1144 O O   . LEU A 1 183 ? 3.518   15.724  3.836   1.00 25.99 ? 171 LEU A O   1 
ATOM   1145 C CB  . LEU A 1 183 ? 4.078   19.050  3.100   1.00 24.39 ? 171 LEU A CB  1 
ATOM   1146 C CG  . LEU A 1 183 ? 2.560   19.071  2.965   1.00 23.41 ? 171 LEU A CG  1 
ATOM   1147 C CD1 . LEU A 1 183 ? 1.897   18.900  4.321   1.00 23.11 ? 171 LEU A CD1 1 
ATOM   1148 C CD2 . LEU A 1 183 ? 2.113   20.368  2.294   1.00 24.84 ? 171 LEU A CD2 1 
ATOM   1149 N N   . ALA A 1 184 ? 4.724   16.221  1.984   1.00 25.00 ? 172 ALA A N   1 
ATOM   1150 C CA  . ALA A 1 184 ? 4.413   14.967  1.268   1.00 24.79 ? 172 ALA A CA  1 
ATOM   1151 C C   . ALA A 1 184 ? 4.794   13.768  2.139   1.00 24.35 ? 172 ALA A C   1 
ATOM   1152 O O   . ALA A 1 184 ? 4.003   12.815  2.189   1.00 25.13 ? 172 ALA A O   1 
ATOM   1153 C CB  . ALA A 1 184 ? 5.116   14.937  -0.061  1.00 26.32 ? 172 ALA A CB  1 
ATOM   1154 N N   . THR A 1 185 ? 5.953   13.800  2.813   1.00 24.55 ? 173 THR A N   1 
ATOM   1155 C CA  . THR A 1 185 ? 6.411   12.656  3.653   1.00 24.28 ? 173 THR A CA  1 
ATOM   1156 C C   . THR A 1 185 ? 5.390   12.375  4.771   1.00 24.07 ? 173 THR A C   1 
ATOM   1157 O O   . THR A 1 185 ? 5.013   11.209  4.922   1.00 25.16 ? 173 THR A O   1 
ATOM   1158 C CB  . THR A 1 185 ? 7.807   12.875  4.238   1.00 24.79 ? 173 THR A CB  1 
ATOM   1159 O OG1 . THR A 1 185 ? 8.730   13.146  3.180   1.00 28.39 ? 173 THR A OG1 1 
ATOM   1160 C CG2 . THR A 1 185 ? 8.284   11.679  5.027   1.00 23.58 ? 173 THR A CG2 1 
ATOM   1161 N N   . ALA A 1 186 ? 4.976   13.404  5.511   1.00 19.50 ? 174 ALA A N   1 
ATOM   1162 C CA  . ALA A 1 186 ? 4.070   13.305  6.663   1.00 20.89 ? 174 ALA A CA  1 
ATOM   1163 C C   . ALA A 1 186 ? 2.685   12.822  6.218   1.00 21.94 ? 174 ALA A C   1 
ATOM   1164 O O   . ALA A 1 186 ? 2.151   11.937  6.897   1.00 22.33 ? 174 ALA A O   1 
ATOM   1165 C CB  . ALA A 1 186 ? 4.003   14.644  7.356   1.00 20.83 ? 174 ALA A CB  1 
ATOM   1166 N N   . LEU A 1 187 ? 2.139   13.387  5.129   1.00 21.45 ? 175 LEU A N   1 
ATOM   1167 C CA  . LEU A 1 187 ? 0.851   12.976  4.518   1.00 21.29 ? 175 LEU A CA  1 
ATOM   1168 C C   . LEU A 1 187 ? 0.884   11.521  4.017   1.00 23.63 ? 175 LEU A C   1 
ATOM   1169 O O   . LEU A 1 187 ? -0.197  10.824  4.112   1.00 24.35 ? 175 LEU A O   1 
ATOM   1170 C CB  . LEU A 1 187 ? 0.529   13.914  3.361   1.00 21.10 ? 175 LEU A CB  1 
ATOM   1171 C CG  . LEU A 1 187 ? 0.167   15.340  3.765   1.00 21.56 ? 175 LEU A CG  1 
ATOM   1172 C CD1 . LEU A 1 187 ? -0.216  16.105  2.518   1.00 23.33 ? 175 LEU A CD1 1 
ATOM   1173 C CD2 . LEU A 1 187 ? -0.959  15.380  4.791   1.00 21.73 ? 175 LEU A CD2 1 
ATOM   1174 N N   . ASN A 1 188 ? 2.012   11.067  3.472   1.00 20.00 ? 176 ASN A N   1 
ATOM   1175 C CA  . ASN A 1 188 ? 2.137   9.658   3.013   1.00 21.16 ? 176 ASN A CA  1 
ATOM   1176 C C   . ASN A 1 188 ? 2.219   8.740   4.241   1.00 21.80 ? 176 ASN A C   1 
ATOM   1177 O O   . ASN A 1 188 ? 1.673   7.622   4.192   1.00 20.57 ? 176 ASN A O   1 
ATOM   1178 C CB  . ASN A 1 188 ? 3.320   9.466   2.058   1.00 21.31 ? 176 ASN A CB  1 
ATOM   1179 C CG  . ASN A 1 188 ? 2.980   9.706   0.592   1.00 23.47 ? 176 ASN A CG  1 
ATOM   1180 O OD1 . ASN A 1 188 ? 2.704   10.838  0.153   1.00 24.28 ? 176 ASN A OD1 1 
ATOM   1181 N ND2 . ASN A 1 188 ? 3.055   8.648   -0.190  1.00 22.26 ? 176 ASN A ND2 1 
ATOM   1182 N N   . LEU A 1 189 ? 2.906   9.157   5.302   1.00 21.83 ? 177 LEU A N   1 
ATOM   1183 C CA  . LEU A 1 189 ? 3.091   8.279   6.490   1.00 23.31 ? 177 LEU A CA  1 
ATOM   1184 C C   . LEU A 1 189 ? 1.745   8.169   7.217   1.00 25.20 ? 177 LEU A C   1 
ATOM   1185 O O   . LEU A 1 189 ? 1.341   7.013   7.553   1.00 27.50 ? 177 LEU A O   1 
ATOM   1186 C CB  . LEU A 1 189 ? 4.214   8.817   7.376   1.00 21.68 ? 177 LEU A CB  1 
ATOM   1187 C CG  . LEU A 1 189 ? 5.621   8.576   6.825   1.00 20.66 ? 177 LEU A CG  1 
ATOM   1188 C CD1 . LEU A 1 189 ? 6.642   9.320   7.633   1.00 20.76 ? 177 LEU A CD1 1 
ATOM   1189 C CD2 . LEU A 1 189 ? 5.986   7.104   6.782   1.00 20.78 ? 177 LEU A CD2 1 
ATOM   1190 N N   . MET A 1 190 ? 1.059   9.302   7.391   1.00 23.15 ? 178 MET A N   1 
ATOM   1191 C CA  . MET A 1 190 ? -0.333  9.339   7.886   1.00 24.58 ? 178 MET A CA  1 
ATOM   1192 C C   . MET A 1 190 ? -1.158  8.295   7.138   1.00 24.15 ? 178 MET A C   1 
ATOM   1193 O O   . MET A 1 190 ? -1.861  7.548   7.812   1.00 23.16 ? 178 MET A O   1 
ATOM   1194 C CB  . MET A 1 190 ? -1.021  10.689  7.667   1.00 24.95 ? 178 MET A CB  1 
ATOM   1195 C CG  . MET A 1 190 ? -2.513  10.631  8.018   1.00 24.16 ? 178 MET A CG  1 
ATOM   1196 S SD  . MET A 1 190 ? -3.242  12.279  8.069   1.00 25.62 ? 178 MET A SD  1 
ATOM   1197 C CE  . MET A 1 190 ? -3.277  12.638  6.311   1.00 22.63 ? 178 MET A CE  1 
ATOM   1198 N N   . ASN A 1 191 ? -1.160  8.339   5.804   1.00 23.84 ? 179 ASN A N   1 
ATOM   1199 C CA  . ASN A 1 191 ? -2.036  7.463   4.982   1.00 24.61 ? 179 ASN A CA  1 
ATOM   1200 C C   . ASN A 1 191 ? -1.683  5.999   5.241   1.00 23.21 ? 179 ASN A C   1 
ATOM   1201 O O   . ASN A 1 191 ? -2.603  5.214   5.428   1.00 20.23 ? 179 ASN A O   1 
ATOM   1202 C CB  . ASN A 1 191 ? -1.976  7.784   3.491   1.00 25.02 ? 179 ASN A CB  1 
ATOM   1203 C CG  . ASN A 1 191 ? -2.775  9.014   3.141   1.00 26.81 ? 179 ASN A CG  1 
ATOM   1204 O OD1 . ASN A 1 191 ? -3.171  9.759   4.044   1.00 26.63 ? 179 ASN A OD1 1 
ATOM   1205 N ND2 . ASN A 1 191 ? -2.976  9.242   1.849   1.00 24.14 ? 179 ASN A ND2 1 
ATOM   1206 N N   . GLU A 1 192 ? -0.400  5.653   5.212   1.00 24.33 ? 180 GLU A N   1 
ATOM   1207 C CA  . GLU A 1 192 ? 0.072   4.288   5.554   1.00 25.91 ? 180 GLU A CA  1 
ATOM   1208 C C   . GLU A 1 192 ? -0.516  3.868   6.907   1.00 24.55 ? 180 GLU A C   1 
ATOM   1209 O O   . GLU A 1 192 ? -1.237  2.886   6.955   1.00 27.95 ? 180 GLU A O   1 
ATOM   1210 C CB  . GLU A 1 192 ? 1.592   4.225   5.573   1.00 27.28 ? 180 GLU A CB  1 
ATOM   1211 C CG  . GLU A 1 192 ? 2.144   2.837   5.887   1.00 29.82 ? 180 GLU A CG  1 
ATOM   1212 C CD  . GLU A 1 192 ? 3.577   2.913   6.370   1.00 32.58 ? 180 GLU A CD  1 
ATOM   1213 O OE1 . GLU A 1 192 ? 4.383   3.537   5.680   1.00 34.41 ? 180 GLU A OE1 1 
ATOM   1214 O OE2 . GLU A 1 192 ? 3.876   2.393   7.457   1.00 42.25 ? 180 GLU A OE2 1 
ATOM   1215 N N   . ARG A 1 193 ? -0.269  4.619   7.970   1.00 27.10 ? 181 ARG A N   1 
ATOM   1216 C CA  . ARG A 1 193 ? -0.686  4.222   9.342   1.00 26.10 ? 181 ARG A CA  1 
ATOM   1217 C C   . ARG A 1 193 ? -2.222  4.170   9.459   1.00 26.81 ? 181 ARG A C   1 
ATOM   1218 O O   . ARG A 1 193 ? -2.768  3.228   10.083  1.00 26.98 ? 181 ARG A O   1 
ATOM   1219 C CB  . ARG A 1 193 ? -0.101  5.208   10.344  1.00 26.23 ? 181 ARG A CB  1 
ATOM   1220 C CG  . ARG A 1 193 ? -0.211  4.725   11.779  1.00 29.97 ? 181 ARG A CG  1 
ATOM   1221 C CD  . ARG A 1 193 ? 0.578   3.465   12.078  1.00 29.32 ? 181 ARG A CD  1 
ATOM   1222 N NE  . ARG A 1 193 ? 0.230   3.132   13.430  1.00 33.07 ? 181 ARG A NE  1 
ATOM   1223 C CZ  . ARG A 1 193 ? -0.647  2.194   13.786  1.00 36.89 ? 181 ARG A CZ  1 
ATOM   1224 N NH1 . ARG A 1 193 ? -0.921  2.038   15.061  1.00 36.55 ? 181 ARG A NH1 1 
ATOM   1225 N NH2 . ARG A 1 193 ? -1.211  1.392   12.898  1.00 37.92 ? 181 ARG A NH2 1 
ATOM   1226 N N   . THR A 1 194 ? -2.900  5.166   8.907   1.00 27.20 ? 182 THR A N   1 
ATOM   1227 C CA  . THR A 1 194 ? -4.357  5.355   9.061   1.00 29.70 ? 182 THR A CA  1 
ATOM   1228 C C   . THR A 1 194 ? -5.085  4.318   8.197   1.00 28.59 ? 182 THR A C   1 
ATOM   1229 O O   . THR A 1 194 ? -5.925  3.618   8.762   1.00 26.98 ? 182 THR A O   1 
ATOM   1230 C CB  . THR A 1 194 ? -4.734  6.814   8.797   1.00 30.54 ? 182 THR A CB  1 
ATOM   1231 O OG1 . THR A 1 194 ? -3.941  7.597   9.697   1.00 28.35 ? 182 THR A OG1 1 
ATOM   1232 C CG2 . THR A 1 194 ? -6.211  7.059   9.021   1.00 30.56 ? 182 THR A CG2 1 
ATOM   1233 N N   . LEU A 1 195 ? -4.723  4.147   6.916   1.00 27.32 ? 183 LEU A N   1 
ATOM   1234 C CA  . LEU A 1 195 ? -5.343  3.082   6.081   1.00 25.93 ? 183 LEU A CA  1 
ATOM   1235 C C   . LEU A 1 195 ? -5.144  1.726   6.749   1.00 25.12 ? 183 LEU A C   1 
ATOM   1236 O O   . LEU A 1 195 ? -6.157  1.034   6.962   1.00 24.27 ? 183 LEU A O   1 
ATOM   1237 C CB  . LEU A 1 195 ? -4.796  3.098   4.658   1.00 25.74 ? 183 LEU A CB  1 
ATOM   1238 C CG  . LEU A 1 195 ? -5.285  4.282   3.829   1.00 26.61 ? 183 LEU A CG  1 
ATOM   1239 C CD1 . LEU A 1 195 ? -4.527  4.364   2.518   1.00 27.78 ? 183 LEU A CD1 1 
ATOM   1240 C CD2 . LEU A 1 195 ? -6.783  4.204   3.577   1.00 28.39 ? 183 LEU A CD2 1 
ATOM   1241 N N   . PHE A 1 196 ? -3.920  1.373   7.128   1.00 26.41 ? 184 PHE A N   1 
ATOM   1242 C CA  . PHE A 1 196 ? -3.642  0.015   7.671   1.00 28.42 ? 184 PHE A CA  1 
ATOM   1243 C C   . PHE A 1 196 ? -4.375  -0.198  9.004   1.00 27.69 ? 184 PHE A C   1 
ATOM   1244 O O   . PHE A 1 196 ? -4.824  -1.319  9.260   1.00 28.96 ? 184 PHE A O   1 
ATOM   1245 C CB  . PHE A 1 196 ? -2.141  -0.283  7.738   1.00 28.19 ? 184 PHE A CB  1 
ATOM   1246 C CG  . PHE A 1 196 ? -1.442  -0.260  6.405   1.00 27.93 ? 184 PHE A CG  1 
ATOM   1247 C CD1 . PHE A 1 196 ? -2.151  -0.076  5.218   1.00 30.75 ? 184 PHE A CD1 1 
ATOM   1248 C CD2 . PHE A 1 196 ? -0.063  -0.349  6.337   1.00 27.45 ? 184 PHE A CD2 1 
ATOM   1249 C CE1 . PHE A 1 196 ? -1.495  0.022   3.996   1.00 29.93 ? 184 PHE A CE1 1 
ATOM   1250 C CE2 . PHE A 1 196 ? 0.590   -0.284  5.111   1.00 30.13 ? 184 PHE A CE2 1 
ATOM   1251 C CZ  . PHE A 1 196 ? -0.124  -0.101  3.943   1.00 29.81 ? 184 PHE A CZ  1 
ATOM   1252 N N   . ALA A 1 197 ? -4.522  0.821   9.846   1.00 26.90 ? 185 ALA A N   1 
ATOM   1253 C CA  . ALA A 1 197 ? -5.186  0.621   11.151  1.00 26.73 ? 185 ALA A CA  1 
ATOM   1254 C C   . ALA A 1 197 ? -6.681  0.374   10.893  1.00 27.62 ? 185 ALA A C   1 
ATOM   1255 O O   . ALA A 1 197 ? -7.267  -0.497  11.566  1.00 29.81 ? 185 ALA A O   1 
ATOM   1256 C CB  . ALA A 1 197 ? -4.930  1.787   12.050  1.00 27.32 ? 185 ALA A CB  1 
ATOM   1257 N N   . SER A 1 198 ? -7.272  1.096   9.939   1.00 25.09 ? 186 SER A N   1 
ATOM   1258 C CA  . SER A 1 198 ? -8.666  0.895   9.483   1.00 28.48 ? 186 SER A CA  1 
ATOM   1259 C C   . SER A 1 198 ? -8.844  -0.533  8.944   1.00 29.49 ? 186 SER A C   1 
ATOM   1260 O O   . SER A 1 198 ? -9.811  -1.189  9.333   1.00 30.57 ? 186 SER A O   1 
ATOM   1261 C CB  . SER A 1 198 ? -9.053  1.931   8.445   1.00 29.64 ? 186 SER A CB  1 
ATOM   1262 O OG  . SER A 1 198 ? -9.129  3.230   9.020   1.00 33.79 ? 186 SER A OG  1 
ATOM   1263 N N   . PHE A 1 199 ? -7.967  -0.988  8.051   1.00 28.57 ? 187 PHE A N   1 
ATOM   1264 C CA  . PHE A 1 199 ? -8.081  -2.324  7.420   1.00 30.33 ? 187 PHE A CA  1 
ATOM   1265 C C   . PHE A 1 199 ? -8.075  -3.387  8.514   1.00 33.43 ? 187 PHE A C   1 
ATOM   1266 O O   . PHE A 1 199 ? -8.946  -4.258  8.451   1.00 33.08 ? 187 PHE A O   1 
ATOM   1267 C CB  . PHE A 1 199 ? -6.975  -2.562  6.394   1.00 29.11 ? 187 PHE A CB  1 
ATOM   1268 C CG  . PHE A 1 199 ? -7.011  -1.659  5.186   1.00 28.75 ? 187 PHE A CG  1 
ATOM   1269 C CD1 . PHE A 1 199 ? -8.199  -1.068  4.752   1.00 30.78 ? 187 PHE A CD1 1 
ATOM   1270 C CD2 . PHE A 1 199 ? -5.856  -1.427  4.461   1.00 28.24 ? 187 PHE A CD2 1 
ATOM   1271 C CE1 . PHE A 1 199 ? -8.214  -0.234  3.639   1.00 29.79 ? 187 PHE A CE1 1 
ATOM   1272 C CE2 . PHE A 1 199 ? -5.880  -0.629  3.326   1.00 30.05 ? 187 PHE A CE2 1 
ATOM   1273 C CZ  . PHE A 1 199 ? -7.056  -0.033  2.919   1.00 32.03 ? 187 PHE A CZ  1 
ATOM   1274 N N   . ALA A 1 200 ? -7.199  -3.249  9.514   1.00 34.34 ? 188 ALA A N   1 
ATOM   1275 C CA  . ALA A 1 200 ? -6.995  -4.222  10.616  1.00 36.33 ? 188 ALA A CA  1 
ATOM   1276 C C   . ALA A 1 200 ? -8.106  -4.152  11.672  1.00 37.52 ? 188 ALA A C   1 
ATOM   1277 O O   . ALA A 1 200 ? -8.099  -5.011  12.556  1.00 40.46 ? 188 ALA A O   1 
ATOM   1278 C CB  . ALA A 1 200 ? -5.642  -3.994  11.247  1.00 38.36 ? 188 ALA A CB  1 
ATOM   1279 N N   . GLY A 1 201 ? -9.028  -3.193  11.593  1.00 36.18 ? 189 GLY A N   1 
ATOM   1280 C CA  . GLY A 1 201 ? -9.978  -2.895  12.676  1.00 37.15 ? 189 GLY A CA  1 
ATOM   1281 C C   . GLY A 1 201 ? -9.282  -2.553  13.990  1.00 38.89 ? 189 GLY A C   1 
ATOM   1282 O O   . GLY A 1 201 ? -9.867  -2.810  15.061  1.00 36.60 ? 189 GLY A O   1 
ATOM   1283 N N   . GLU A 1 202 ? -8.096  -1.946  13.942  1.00 38.00 ? 190 GLU A N   1 
ATOM   1284 C CA  . GLU A 1 202 ? -7.314  -1.619  15.162  1.00 38.01 ? 190 GLU A CA  1 
ATOM   1285 C C   . GLU A 1 202 ? -8.127  -0.705  16.080  1.00 38.20 ? 190 GLU A C   1 
ATOM   1286 O O   . GLU A 1 202 ? -8.978  0.076   15.589  1.00 31.88 ? 190 GLU A O   1 
ATOM   1287 C CB  . GLU A 1 202 ? -6.021  -0.871  14.846  1.00 38.61 ? 190 GLU A CB  1 
ATOM   1288 C CG  . GLU A 1 202 ? -4.893  -1.755  14.390  1.00 43.18 ? 190 GLU A CG  1 
ATOM   1289 C CD  . GLU A 1 202 ? -3.585  -1.002  14.237  1.00 45.83 ? 190 GLU A CD  1 
ATOM   1290 O OE1 . GLU A 1 202 ? -3.449  0.086   14.857  1.00 46.00 ? 190 GLU A OE1 1 
ATOM   1291 O OE2 . GLU A 1 202 ? -2.720  -1.493  13.488  1.00 52.05 ? 190 GLU A OE2 1 
ATOM   1292 N N   . GLN A 1 203 ? -7.825  -0.759  17.374  1.00 41.05 ? 191 GLN A N   1 
ATOM   1293 C CA  . GLN A 1 203 ? -8.267  0.286   18.322  1.00 46.02 ? 191 GLN A CA  1 
ATOM   1294 C C   . GLN A 1 203 ? -7.027  1.030   18.799  1.00 41.80 ? 191 GLN A C   1 
ATOM   1295 O O   . GLN A 1 203 ? -6.125  0.435   19.388  1.00 41.36 ? 191 GLN A O   1 
ATOM   1296 C CB  . GLN A 1 203 ? -9.077  -0.322  19.457  1.00 51.69 ? 191 GLN A CB  1 
ATOM   1297 C CG  . GLN A 1 203 ? -10.097 0.655   20.021  1.00 60.72 ? 191 GLN A CG  1 
ATOM   1298 C CD  . GLN A 1 203 ? -11.292 -0.090  20.559  1.00 66.85 ? 191 GLN A CD  1 
ATOM   1299 O OE1 . GLN A 1 203 ? -11.217 -0.782  21.578  1.00 64.86 ? 191 GLN A OE1 1 
ATOM   1300 N NE2 . GLN A 1 203 ? -12.395 0.019   19.836  1.00 62.91 ? 191 GLN A NE2 1 
ATOM   1301 N N   . PRO A 1 204 ? -6.899  2.333   18.484  1.00 37.97 ? 192 PRO A N   1 
ATOM   1302 C CA  . PRO A 1 204 ? -7.922  3.079   17.746  1.00 34.92 ? 192 PRO A CA  1 
ATOM   1303 C C   . PRO A 1 204 ? -7.755  3.054   16.213  1.00 32.18 ? 192 PRO A C   1 
ATOM   1304 O O   . PRO A 1 204 ? -6.664  2.753   15.735  1.00 29.80 ? 192 PRO A O   1 
ATOM   1305 C CB  . PRO A 1 204 ? -7.648  4.495   18.270  1.00 36.86 ? 192 PRO A CB  1 
ATOM   1306 C CG  . PRO A 1 204 ? -6.126  4.548   18.337  1.00 38.25 ? 192 PRO A CG  1 
ATOM   1307 C CD  . PRO A 1 204 ? -5.708  3.153   18.773  1.00 39.28 ? 192 PRO A CD  1 
ATOM   1308 N N   . SER A 1 205 ? -8.808  3.423   15.470  1.00 27.76 ? 193 SER A N   1 
ATOM   1309 C CA  . SER A 1 205 ? -8.765  3.546   13.985  1.00 29.49 ? 193 SER A CA  1 
ATOM   1310 C C   . SER A 1 205 ? -9.971  4.322   13.493  1.00 27.11 ? 193 SER A C   1 
ATOM   1311 O O   . SER A 1 205 ? -10.960 4.357   14.191  1.00 29.62 ? 193 SER A O   1 
ATOM   1312 C CB  . SER A 1 205 ? -8.708  2.212   13.267  1.00 26.21 ? 193 SER A CB  1 
ATOM   1313 O OG  . SER A 1 205 ? -9.846  1.434   13.593  1.00 23.22 ? 193 SER A OG  1 
ATOM   1314 N N   . VAL A 1 206 ? -9.860  4.889   12.305  1.00 27.75 ? 194 VAL A N   1 
ATOM   1315 C CA  . VAL A 1 206 ? -10.996 5.506   11.570  1.00 27.11 ? 194 VAL A CA  1 
ATOM   1316 C C   . VAL A 1 206 ? -11.796 4.349   10.993  1.00 27.41 ? 194 VAL A C   1 
ATOM   1317 O O   . VAL A 1 206 ? -11.230 3.451   10.374  1.00 25.96 ? 194 VAL A O   1 
ATOM   1318 C CB  . VAL A 1 206 ? -10.478 6.455   10.473  1.00 28.15 ? 194 VAL A CB  1 
ATOM   1319 C CG1 . VAL A 1 206 ? -11.612 7.093   9.695   1.00 28.41 ? 194 VAL A CG1 1 
ATOM   1320 C CG2 . VAL A 1 206 ? -9.556  7.527   11.057  1.00 29.82 ? 194 VAL A CG2 1 
ATOM   1321 N N   . PRO A 1 207 ? -13.134 4.323   11.147  1.00 27.68 ? 195 PRO A N   1 
ATOM   1322 C CA  . PRO A 1 207 ? -13.917 3.275   10.507  1.00 26.41 ? 195 PRO A CA  1 
ATOM   1323 C C   . PRO A 1 207 ? -13.614 3.352   9.005   1.00 28.98 ? 195 PRO A C   1 
ATOM   1324 O O   . PRO A 1 207 ? -13.558 4.445   8.484   1.00 28.13 ? 195 PRO A O   1 
ATOM   1325 C CB  . PRO A 1 207 ? -15.377 3.623   10.803  1.00 27.11 ? 195 PRO A CB  1 
ATOM   1326 C CG  . PRO A 1 207 ? -15.326 4.676   11.913  1.00 27.82 ? 195 PRO A CG  1 
ATOM   1327 C CD  . PRO A 1 207 ? -13.955 5.324   11.849  1.00 27.21 ? 195 PRO A CD  1 
ATOM   1328 N N   . GLU A 1 208 ? -13.424 2.198   8.372   1.00 29.53 ? 196 GLU A N   1 
ATOM   1329 C CA  . GLU A 1 208 ? -13.005 2.032   6.955   1.00 30.26 ? 196 GLU A CA  1 
ATOM   1330 C C   . GLU A 1 208 ? -13.919 2.827   6.019   1.00 30.12 ? 196 GLU A C   1 
ATOM   1331 O O   . GLU A 1 208 ? -13.414 3.419   5.030   1.00 28.62 ? 196 GLU A O   1 
ATOM   1332 C CB  . GLU A 1 208 ? -13.056 0.548   6.629   1.00 30.80 ? 196 GLU A CB  1 
ATOM   1333 C CG  . GLU A 1 208 ? -12.279 0.183   5.405   1.00 36.87 ? 196 GLU A CG  1 
ATOM   1334 C CD  . GLU A 1 208 ? -12.399 -1.286  5.045   1.00 40.84 ? 196 GLU A CD  1 
ATOM   1335 O OE1 . GLU A 1 208 ? -12.669 -2.098  5.957   1.00 47.47 ? 196 GLU A OE1 1 
ATOM   1336 O OE2 . GLU A 1 208 ? -12.237 -1.607  3.855   1.00 47.23 ? 196 GLU A OE2 1 
ATOM   1337 N N   . ALA A 1 209 ? -15.217 2.862   6.323   1.00 29.92 ? 197 ALA A N   1 
ATOM   1338 C CA  . ALA A 1 209 ? -16.239 3.624   5.556   1.00 30.36 ? 197 ALA A CA  1 
ATOM   1339 C C   . ALA A 1 209 ? -16.040 5.144   5.699   1.00 31.17 ? 197 ALA A C   1 
ATOM   1340 O O   . ALA A 1 209 ? -16.623 5.890   4.898   1.00 30.39 ? 197 ALA A O   1 
ATOM   1341 C CB  . ALA A 1 209 ? -17.616 3.208   6.010   1.00 29.62 ? 197 ALA A CB  1 
ATOM   1342 N N   . ARG A 1 210 ? -15.226 5.604   6.658   1.00 30.23 ? 198 ARG A N   1 
ATOM   1343 C CA  . ARG A 1 210 ? -14.982 7.053   6.896   1.00 29.06 ? 198 ARG A CA  1 
ATOM   1344 C C   . ARG A 1 210 ? -13.533 7.475   6.570   1.00 27.54 ? 198 ARG A C   1 
ATOM   1345 O O   . ARG A 1 210 ? -13.283 8.703   6.537   1.00 26.48 ? 198 ARG A O   1 
ATOM   1346 C CB  . ARG A 1 210 ? -15.354 7.376   8.342   1.00 28.91 ? 198 ARG A CB  1 
ATOM   1347 C CG  . ARG A 1 210 ? -16.853 7.307   8.613   1.00 31.56 ? 198 ARG A CG  1 
ATOM   1348 C CD  . ARG A 1 210 ? -17.645 8.413   7.940   1.00 31.60 ? 198 ARG A CD  1 
ATOM   1349 N NE  . ARG A 1 210 ? -16.982 9.701   8.082   1.00 35.53 ? 198 ARG A NE  1 
ATOM   1350 C CZ  . ARG A 1 210 ? -17.045 10.706  7.200   1.00 39.15 ? 198 ARG A CZ  1 
ATOM   1351 N NH1 . ARG A 1 210 ? -17.755 10.583  6.091   1.00 38.63 ? 198 ARG A NH1 1 
ATOM   1352 N NH2 . ARG A 1 210 ? -16.371 11.827  7.416   1.00 41.64 ? 198 ARG A NH2 1 
ATOM   1353 N N   . VAL A 1 211 ? -12.621 6.535   6.312   1.00 26.14 ? 199 VAL A N   1 
ATOM   1354 C CA  . VAL A 1 211 ? -11.151 6.825   6.268   1.00 26.34 ? 199 VAL A CA  1 
ATOM   1355 C C   . VAL A 1 211 ? -10.814 7.636   5.010   1.00 26.04 ? 199 VAL A C   1 
ATOM   1356 O O   . VAL A 1 211 ? -9.999  8.564   5.101   1.00 26.55 ? 199 VAL A O   1 
ATOM   1357 C CB  . VAL A 1 211 ? -10.292 5.557   6.404   1.00 25.99 ? 199 VAL A CB  1 
ATOM   1358 C CG1 . VAL A 1 211 ? -10.436 4.615   5.228   1.00 29.61 ? 199 VAL A CG1 1 
ATOM   1359 C CG2 . VAL A 1 211 ? -8.833  5.913   6.601   1.00 28.10 ? 199 VAL A CG2 1 
ATOM   1360 N N   . LEU A 1 212 ? -11.454 7.374   3.885   1.00 25.58 ? 200 LEU A N   1 
ATOM   1361 C CA  . LEU A 1 212 ? -11.109 8.112   2.650   1.00 29.83 ? 200 LEU A CA  1 
ATOM   1362 C C   . LEU A 1 212 ? -11.432 9.605   2.813   1.00 30.90 ? 200 LEU A C   1 
ATOM   1363 O O   . LEU A 1 212 ? -10.523 10.436  2.552   1.00 33.60 ? 200 LEU A O   1 
ATOM   1364 C CB  . LEU A 1 212 ? -11.854 7.486   1.480   1.00 31.73 ? 200 LEU A CB  1 
ATOM   1365 C CG  . LEU A 1 212 ? -11.476 8.012   0.110   1.00 33.75 ? 200 LEU A CG  1 
ATOM   1366 C CD1 . LEU A 1 212 ? -10.002 7.753   -0.169  1.00 34.80 ? 200 LEU A CD1 1 
ATOM   1367 C CD2 . LEU A 1 212 ? -12.367 7.378   -0.950  1.00 35.90 ? 200 LEU A CD2 1 
ATOM   1368 N N   . ASP A 1 213 ? -12.647 9.946   3.249   1.00 28.82 ? 201 ASP A N   1 
ATOM   1369 C CA  . ASP A 1 213 ? -13.072 11.353  3.488   1.00 29.99 ? 201 ASP A CA  1 
ATOM   1370 C C   . ASP A 1 213 ? -12.110 12.050  4.467   1.00 27.46 ? 201 ASP A C   1 
ATOM   1371 O O   . ASP A 1 213 ? -11.767 13.232  4.244   1.00 26.66 ? 201 ASP A O   1 
ATOM   1372 C CB  . ASP A 1 213 ? -14.513 11.420  4.000   1.00 34.36 ? 201 ASP A CB  1 
ATOM   1373 C CG  . ASP A 1 213 ? -15.607 11.389  2.937   1.00 39.23 ? 201 ASP A CG  1 
ATOM   1374 O OD1 . ASP A 1 213 ? -15.278 11.327  1.736   1.00 38.88 ? 201 ASP A OD1 1 
ATOM   1375 O OD2 . ASP A 1 213 ? -16.797 11.463  3.328   1.00 46.86 ? 201 ASP A OD2 1 
ATOM   1376 N N   . THR A 1 214 ? -11.683 11.337  5.509   1.00 25.91 ? 202 THR A N   1 
ATOM   1377 C CA  . THR A 1 214 ? -10.805 11.842  6.586   1.00 25.64 ? 202 THR A CA  1 
ATOM   1378 C C   . THR A 1 214 ? -9.435  12.246  6.018   1.00 23.87 ? 202 THR A C   1 
ATOM   1379 O O   . THR A 1 214 ? -9.001  13.374  6.298   1.00 22.20 ? 202 THR A O   1 
ATOM   1380 C CB  . THR A 1 214 ? -10.657 10.805  7.712   1.00 29.57 ? 202 THR A CB  1 
ATOM   1381 O OG1 . THR A 1 214 ? -11.952 10.433  8.210   1.00 33.41 ? 202 THR A OG1 1 
ATOM   1382 C CG2 . THR A 1 214 ? -9.805  11.348  8.837   1.00 29.43 ? 202 THR A CG2 1 
ATOM   1383 N N   . LEU A 1 215 ? -8.785  11.372  5.250   1.00 22.09 ? 203 LEU A N   1 
ATOM   1384 C CA  . LEU A 1 215 ? -7.443  11.631  4.659   1.00 23.14 ? 203 LEU A CA  1 
ATOM   1385 C C   . LEU A 1 215 ? -7.548  12.711  3.577   1.00 23.71 ? 203 LEU A C   1 
ATOM   1386 O O   . LEU A 1 215 ? -6.653  13.594  3.501   1.00 26.49 ? 203 LEU A O   1 
ATOM   1387 C CB  . LEU A 1 215 ? -6.895  10.316  4.107   1.00 23.43 ? 203 LEU A CB  1 
ATOM   1388 C CG  . LEU A 1 215 ? -6.737  9.199   5.133   1.00 24.96 ? 203 LEU A CG  1 
ATOM   1389 C CD1 . LEU A 1 215 ? -6.198  7.931   4.491   1.00 26.30 ? 203 LEU A CD1 1 
ATOM   1390 C CD2 . LEU A 1 215 ? -5.822  9.613   6.269   1.00 26.01 ? 203 LEU A CD2 1 
ATOM   1391 N N   . VAL A 1 216 ? -8.605  12.706  2.768   1.00 23.97 ? 204 VAL A N   1 
ATOM   1392 C CA  . VAL A 1 216 ? -8.767  13.762  1.723   1.00 24.62 ? 204 VAL A CA  1 
ATOM   1393 C C   . VAL A 1 216 ? -8.892  15.126  2.424   1.00 25.51 ? 204 VAL A C   1 
ATOM   1394 O O   . VAL A 1 216 ? -8.270  16.116  1.969   1.00 25.03 ? 204 VAL A O   1 
ATOM   1395 C CB  . VAL A 1 216 ? -9.964  13.495  0.801   1.00 25.46 ? 204 VAL A CB  1 
ATOM   1396 C CG1 . VAL A 1 216 ? -10.376 14.764  0.054   1.00 25.69 ? 204 VAL A CG1 1 
ATOM   1397 C CG2 . VAL A 1 216 ? -9.695  12.319  -0.141  1.00 24.00 ? 204 VAL A CG2 1 
ATOM   1398 N N   . HIS A 1 217 ? -9.645  15.202  3.511   1.00 25.12 ? 205 HIS A N   1 
ATOM   1399 C CA  . HIS A 1 217 ? -9.812  16.499  4.217   1.00 26.32 ? 205 HIS A CA  1 
ATOM   1400 C C   . HIS A 1 217 ? -8.431  17.026  4.618   1.00 25.41 ? 205 HIS A C   1 
ATOM   1401 O O   . HIS A 1 217 ? -8.176  18.232  4.466   1.00 27.52 ? 205 HIS A O   1 
ATOM   1402 C CB  . HIS A 1 217 ? -10.717 16.357  5.440   1.00 24.97 ? 205 HIS A CB  1 
ATOM   1403 C CG  . HIS A 1 217 ? -10.629 17.530  6.349   1.00 25.06 ? 205 HIS A CG  1 
ATOM   1404 N ND1 . HIS A 1 217 ? -11.365 18.679  6.135   1.00 26.63 ? 205 HIS A ND1 1 
ATOM   1405 C CD2 . HIS A 1 217 ? -9.871  17.758  7.446   1.00 27.48 ? 205 HIS A CD2 1 
ATOM   1406 C CE1 . HIS A 1 217 ? -11.100 19.562  7.067   1.00 26.46 ? 205 HIS A CE1 1 
ATOM   1407 N NE2 . HIS A 1 217 ? -10.183 19.014  7.896   1.00 29.33 ? 205 HIS A NE2 1 
ATOM   1408 N N   . ILE A 1 218 ? -7.587  16.158  5.170   1.00 25.75 ? 206 ILE A N   1 
ATOM   1409 C CA  . ILE A 1 218 ? -6.316  16.579  5.811   1.00 26.98 ? 206 ILE A CA  1 
ATOM   1410 C C   . ILE A 1 218 ? -5.311  16.922  4.700   1.00 26.14 ? 206 ILE A C   1 
ATOM   1411 O O   . ILE A 1 218 ? -4.587  17.887  4.889   1.00 26.31 ? 206 ILE A O   1 
ATOM   1412 C CB  . ILE A 1 218 ? -5.815  15.503  6.789   1.00 26.98 ? 206 ILE A CB  1 
ATOM   1413 C CG1 . ILE A 1 218 ? -6.806  15.323  7.932   1.00 26.24 ? 206 ILE A CG1 1 
ATOM   1414 C CG2 . ILE A 1 218 ? -4.434  15.859  7.315   1.00 27.44 ? 206 ILE A CG2 1 
ATOM   1415 C CD1 . ILE A 1 218 ? -6.549  14.107  8.773   1.00 28.27 ? 206 ILE A CD1 1 
ATOM   1416 N N   . TRP A 1 219 ? -5.297  16.179  3.584   1.00 25.95 ? 207 TRP A N   1 
ATOM   1417 C CA  . TRP A 1 219 ? -4.444  16.500  2.403   1.00 27.90 ? 207 TRP A CA  1 
ATOM   1418 C C   . TRP A 1 219 ? -4.813  17.883  1.873   1.00 29.80 ? 207 TRP A C   1 
ATOM   1419 O O   . TRP A 1 219 ? -3.919  18.761  1.752   1.00 27.99 ? 207 TRP A O   1 
ATOM   1420 C CB  . TRP A 1 219 ? -4.568  15.449  1.291   1.00 25.88 ? 207 TRP A CB  1 
ATOM   1421 C CG  . TRP A 1 219 ? -3.800  14.201  1.594   1.00 24.44 ? 207 TRP A CG  1 
ATOM   1422 C CD1 . TRP A 1 219 ? -3.882  13.420  2.715   1.00 24.44 ? 207 TRP A CD1 1 
ATOM   1423 C CD2 . TRP A 1 219 ? -2.786  13.612  0.772   1.00 24.43 ? 207 TRP A CD2 1 
ATOM   1424 N NE1 . TRP A 1 219 ? -3.011  12.361  2.628   1.00 23.82 ? 207 TRP A NE1 1 
ATOM   1425 C CE2 . TRP A 1 219 ? -2.304  12.473  1.459   1.00 25.12 ? 207 TRP A CE2 1 
ATOM   1426 C CE3 . TRP A 1 219 ? -2.236  13.940  -0.471  1.00 24.10 ? 207 TRP A CE3 1 
ATOM   1427 C CZ2 . TRP A 1 219 ? -1.310  11.652  0.922   1.00 26.88 ? 207 TRP A CZ2 1 
ATOM   1428 C CZ3 . TRP A 1 219 ? -1.248  13.132  -0.990  1.00 24.38 ? 207 TRP A CZ3 1 
ATOM   1429 C CH2 . TRP A 1 219 ? -0.795  12.003  -0.306  1.00 24.96 ? 207 TRP A CH2 1 
ATOM   1430 N N   . VAL A 1 220 ? -6.093  18.075  1.589   1.00 28.35 ? 208 VAL A N   1 
ATOM   1431 C CA  . VAL A 1 220 ? -6.577  19.318  0.935   1.00 31.02 ? 208 VAL A CA  1 
ATOM   1432 C C   . VAL A 1 220 ? -6.331  20.512  1.870   1.00 29.74 ? 208 VAL A C   1 
ATOM   1433 O O   . VAL A 1 220 ? -5.858  21.549  1.389   1.00 29.73 ? 208 VAL A O   1 
ATOM   1434 C CB  . VAL A 1 220 ? -8.053  19.160  0.527   1.00 34.91 ? 208 VAL A CB  1 
ATOM   1435 C CG1 . VAL A 1 220 ? -8.698  20.499  0.199   1.00 38.17 ? 208 VAL A CG1 1 
ATOM   1436 C CG2 . VAL A 1 220 ? -8.192  18.182  -0.645  1.00 35.42 ? 208 VAL A CG2 1 
ATOM   1437 N N   . THR A 1 221 ? -6.635  20.415  3.160   1.00 30.62 ? 209 THR A N   1 
ATOM   1438 C CA  . THR A 1 221 ? -6.488  21.592  4.052   1.00 31.35 ? 209 THR A CA  1 
ATOM   1439 C C   . THR A 1 221 ? -4.998  21.878  4.245   1.00 30.55 ? 209 THR A C   1 
ATOM   1440 O O   . THR A 1 221 ? -4.655  23.071  4.364   1.00 29.72 ? 209 THR A O   1 
ATOM   1441 C CB  . THR A 1 221 ? -7.207  21.424  5.394   1.00 34.32 ? 209 THR A CB  1 
ATOM   1442 O OG1 . THR A 1 221 ? -6.796  20.174  5.941   1.00 35.87 ? 209 THR A OG1 1 
ATOM   1443 C CG2 . THR A 1 221 ? -8.714  21.507  5.269   1.00 33.70 ? 209 THR A CG2 1 
ATOM   1444 N N   . SER A 1 222 ? -4.144  20.847  4.256   1.00 28.06 ? 210 SER A N   1 
ATOM   1445 C CA  . SER A 1 222 ? -2.726  21.011  4.671   1.00 28.78 ? 210 SER A CA  1 
ATOM   1446 C C   . SER A 1 222 ? -1.934  21.493  3.457   1.00 29.25 ? 210 SER A C   1 
ATOM   1447 O O   . SER A 1 222 ? -1.062  22.364  3.629   1.00 32.07 ? 210 SER A O   1 
ATOM   1448 C CB  . SER A 1 222 ? -2.146  19.763  5.312   1.00 25.80 ? 210 SER A CB  1 
ATOM   1449 O OG  . SER A 1 222 ? -1.962  18.723  4.369   1.00 23.07 ? 210 SER A OG  1 
ATOM   1450 N N   . ILE A 1 223 ? -2.346  21.053  2.267   1.00 29.78 ? 211 ILE A N   1 
ATOM   1451 C CA  . ILE A 1 223 ? -1.740  21.464  0.970   1.00 29.02 ? 211 ILE A CA  1 
ATOM   1452 C C   . ILE A 1 223 ? -2.218  22.869  0.572   1.00 28.97 ? 211 ILE A C   1 
ATOM   1453 O O   . ILE A 1 223 ? -1.376  23.633  0.075   1.00 27.15 ? 211 ILE A O   1 
ATOM   1454 C CB  . ILE A 1 223 ? -1.991  20.399  -0.119  1.00 28.52 ? 211 ILE A CB  1 
ATOM   1455 C CG1 . ILE A 1 223 ? -1.211  19.122  0.197   1.00 27.60 ? 211 ILE A CG1 1 
ATOM   1456 C CG2 . ILE A 1 223 ? -1.626  20.945  -1.496  1.00 28.73 ? 211 ILE A CG2 1 
ATOM   1457 C CD1 . ILE A 1 223 ? -1.647  17.894  -0.574  1.00 28.12 ? 211 ILE A CD1 1 
ATOM   1458 N N   . TYR A 1 224 ? -3.494  23.221  0.738   1.00 27.32 ? 212 TYR A N   1 
ATOM   1459 C CA  . TYR A 1 224 ? -4.028  24.499  0.177   1.00 30.19 ? 212 TYR A CA  1 
ATOM   1460 C C   . TYR A 1 224 ? -4.207  25.588  1.237   1.00 31.56 ? 212 TYR A C   1 
ATOM   1461 O O   . TYR A 1 224 ? -4.478  26.708  0.838   1.00 29.59 ? 212 TYR A O   1 
ATOM   1462 C CB  . TYR A 1 224 ? -5.342  24.257  -0.560  1.00 29.96 ? 212 TYR A CB  1 
ATOM   1463 C CG  . TYR A 1 224 ? -5.126  23.390  -1.765  1.00 29.47 ? 212 TYR A CG  1 
ATOM   1464 C CD1 . TYR A 1 224 ? -4.614  23.924  -2.939  1.00 29.57 ? 212 TYR A CD1 1 
ATOM   1465 C CD2 . TYR A 1 224 ? -5.395  22.037  -1.719  1.00 29.00 ? 212 TYR A CD2 1 
ATOM   1466 C CE1 . TYR A 1 224 ? -4.342  23.116  -4.032  1.00 29.07 ? 212 TYR A CE1 1 
ATOM   1467 C CE2 . TYR A 1 224 ? -5.186  21.228  -2.819  1.00 28.95 ? 212 TYR A CE2 1 
ATOM   1468 C CZ  . TYR A 1 224 ? -4.632  21.762  -3.969  1.00 29.60 ? 212 TYR A CZ  1 
ATOM   1469 O OH  . TYR A 1 224 ? -4.398  20.941  -5.039  1.00 30.03 ? 212 TYR A OH  1 
ATOM   1470 N N   . GLY A 1 225 ? -4.006  25.268  2.518   1.00 36.05 ? 213 GLY A N   1 
ATOM   1471 C CA  . GLY A 1 225 ? -4.297  26.162  3.651   1.00 38.54 ? 213 GLY A CA  1 
ATOM   1472 C C   . GLY A 1 225 ? -3.119  27.054  3.973   1.00 44.58 ? 213 GLY A C   1 
ATOM   1473 O O   . GLY A 1 225 ? -1.979  26.576  3.850   1.00 39.58 ? 213 GLY A O   1 
ATOM   1474 N N   . GLU A 1 226 ? -3.404  28.279  4.436   1.00 52.04 ? 214 GLU A N   1 
ATOM   1475 C CA  . GLU A 1 226 ? -2.431  29.395  4.559   1.00 53.94 ? 214 GLU A CA  1 
ATOM   1476 C C   . GLU A 1 226 ? -1.876  29.444  5.987   1.00 53.93 ? 214 GLU A C   1 
ATOM   1477 O O   . GLU A 1 226 ? -2.419  28.781  6.856   1.00 50.09 ? 214 GLU A O   1 
ATOM   1478 C CB  . GLU A 1 226 ? -3.110  30.703  4.133   1.00 59.15 ? 214 GLU A CB  1 
ATOM   1479 C CG  . GLU A 1 226 ? -2.686  31.197  2.755   1.00 60.61 ? 214 GLU A CG  1 
ATOM   1480 C CD  . GLU A 1 226 ? -1.247  31.712  2.650   1.00 66.65 ? 214 GLU A CD  1 
ATOM   1481 O OE1 . GLU A 1 226 ? -0.946  32.395  1.648   1.00 69.50 ? 214 GLU A OE1 1 
ATOM   1482 O OE2 . GLU A 1 226 ? -0.410  31.432  3.562   1.00 61.41 ? 214 GLU A OE2 1 
HETATM 1483 N N1  . GH8 B 2 .   ? -3.621  16.619  -8.528  1.00 43.99 ? 301 GH8 A N1  1 
HETATM 1484 C C4  . GH8 B 2 .   ? -4.697  15.647  -8.335  1.00 42.66 ? 301 GH8 A C4  1 
HETATM 1485 C C5  . GH8 B 2 .   ? -4.129  14.316  -7.877  1.00 40.56 ? 301 GH8 A C5  1 
HETATM 1486 C C6  . GH8 B 2 .   ? -2.921  13.871  -8.731  1.00 42.26 ? 301 GH8 A C6  1 
HETATM 1487 C C7  . GH8 B 2 .   ? -2.722  14.724  -9.959  1.00 41.73 ? 301 GH8 A C7  1 
HETATM 1488 C C8  . GH8 B 2 .   ? -2.706  16.202  -9.614  1.00 44.63 ? 301 GH8 A C8  1 
HETATM 1489 C C10 . GH8 B 2 .   ? -3.149  11.513  -8.050  1.00 40.46 ? 301 GH8 A C10 1 
HETATM 1490 C C13 . GH8 B 2 .   ? -1.109  11.065  -4.915  1.00 30.49 ? 301 GH8 A C13 1 
HETATM 1491 C C15 . GH8 B 2 .   ? -0.599  13.185  -5.920  1.00 36.75 ? 301 GH8 A C15 1 
HETATM 1492 C C17 . GH8 B 2 .   ? -0.917  10.138  -3.807  1.00 27.91 ? 301 GH8 A C17 1 
HETATM 1493 C C20 . GH8 B 2 .   ? -0.676  8.460   -1.588  1.00 27.38 ? 301 GH8 A C20 1 
HETATM 1494 C C21 . GH8 B 2 .   ? -1.916  8.898   -1.973  1.00 26.61 ? 301 GH8 A C21 1 
HETATM 1495 C C22 . GH8 B 2 .   ? -2.025  9.744   -3.059  1.00 28.69 ? 301 GH8 A C22 1 
HETATM 1496 C C24 . GH8 B 2 .   ? 0.873   6.429   1.191   1.00 33.28 ? 301 GH8 A C24 1 
HETATM 1497 C C26 . GH8 B 2 .   ? 1.170   4.046   0.524   1.00 36.39 ? 301 GH8 A C26 1 
HETATM 1498 C C28 . GH8 B 2 .   ? -0.248  2.284   1.351   1.00 37.62 ? 301 GH8 A C28 1 
HETATM 1499 C C1  . GH8 B 2 .   ? -2.975  18.950  -8.560  1.00 50.68 ? 301 GH8 A C1  1 
HETATM 1500 C C2  . GH8 B 2 .   ? -4.095  17.970  -8.861  1.00 47.99 ? 301 GH8 A C2  1 
HETATM 1501 C C3  . GH8 B 2 .   ? -5.261  18.452  -8.031  1.00 48.74 ? 301 GH8 A C3  1 
HETATM 1502 C C9  . GH8 B 2 .   ? -3.211  12.461  -9.228  1.00 41.07 ? 301 GH8 A C9  1 
HETATM 1503 O O1  . GH8 B 2 .   ? -3.814  10.474  -8.060  1.00 45.02 ? 301 GH8 A O1  1 
HETATM 1504 C C11 . GH8 B 2 .   ? -2.228  11.774  -6.926  1.00 37.45 ? 301 GH8 A C11 1 
HETATM 1505 C C12 . GH8 B 2 .   ? -2.039  10.832  -5.914  1.00 34.05 ? 301 GH8 A C12 1 
HETATM 1506 C C14 . GH8 B 2 .   ? -0.402  12.244  -4.909  1.00 32.91 ? 301 GH8 A C14 1 
HETATM 1507 C C16 . GH8 B 2 .   ? -1.505  12.962  -6.949  1.00 37.75 ? 301 GH8 A C16 1 
HETATM 1508 O O2  . GH8 B 2 .   ? -1.689  13.884  -7.978  1.00 41.36 ? 301 GH8 A O2  1 
HETATM 1509 C C18 . GH8 B 2 .   ? 0.328   9.738   -3.407  1.00 27.43 ? 301 GH8 A C18 1 
HETATM 1510 C C19 . GH8 B 2 .   ? 0.440   8.892   -2.309  1.00 27.14 ? 301 GH8 A C19 1 
HETATM 1511 C C23 . GH8 B 2 .   ? -0.555  7.546   -0.400  1.00 29.20 ? 301 GH8 A C23 1 
HETATM 1512 O O3  . GH8 B 2 .   ? -1.530  7.345   0.329   1.00 29.90 ? 301 GH8 A O3  1 
HETATM 1513 N N2  . GH8 B 2 .   ? 0.607   6.980   -0.114  1.00 31.74 ? 301 GH8 A N2  1 
HETATM 1514 C C25 . GH8 B 2 .   ? 0.455   4.977   1.243   1.00 34.02 ? 301 GH8 A C25 1 
HETATM 1515 C C27 . GH8 B 2 .   ? 0.824   2.702   0.576   1.00 38.42 ? 301 GH8 A C27 1 
HETATM 1516 C C29 . GH8 B 2 .   ? -0.947  3.213   2.091   1.00 35.74 ? 301 GH8 A C29 1 
HETATM 1517 C C30 . GH8 B 2 .   ? -0.597  4.558   2.038   1.00 34.34 ? 301 GH8 A C30 1 
HETATM 1518 O O   . HOH C 3 .   ? -13.045 14.683  2.707   1.00 26.02 ? 401 HOH A O   1 
HETATM 1519 O O   . HOH C 3 .   ? -7.588  4.345   11.049  1.00 22.90 ? 402 HOH A O   1 
HETATM 1520 O O   . HOH C 3 .   ? -13.812 5.562   3.382   1.00 27.74 ? 403 HOH A O   1 
HETATM 1521 O O   . HOH C 3 .   ? 11.230  10.682  -1.853  1.00 29.81 ? 404 HOH A O   1 
HETATM 1522 O O   . HOH C 3 .   ? -14.806 8.100   3.528   1.00 22.90 ? 405 HOH A O   1 
HETATM 1523 O O   . HOH C 3 .   ? -16.629 1.114   8.111   1.00 24.84 ? 406 HOH A O   1 
HETATM 1524 O O   . HOH C 3 .   ? 0.455   17.873  -11.845 1.00 34.94 ? 407 HOH A O   1 
# 
